data_5UHY
#
_entry.id   5UHY
#
loop_
_entity.id
_entity.type
_entity.pdbx_description
1 polymer 'ZV67 Fab chain 1'
2 polymer 'ZV67 Fab chain 2'
3 polymer 'envelope protein'
#
loop_
_entity_poly.entity_id
_entity_poly.type
_entity_poly.pdbx_seq_one_letter_code
_entity_poly.pdbx_strand_id
1 'polypeptide(L)'
;DIVMTQSQKFMSTSVGDRVSITCKASQNVGTAVAWYQQKPGQSPKLLIYSASNRYTGVPDRFTGSGSGTDFTLTISNMQS
EDLADYFCQQFSSYPYTFGGGTKLEIKRADAAPTVSIFPPSSEQLTSGGASVVCFLNNFYPKDINVKWKIDGSERQNGVL
NSWTDQDSKDSTYSMSSTLTLTKDEYERHNSYTCEATHKTSTSPIVKSFNRNEC
;
G,I
2 'polypeptide(L)'
;AQLQQSGTGLARPGASVKLSCKASGYTFTSYGISWVTQRAGQGLEWIGVIYPRSGNTYYNEKFRGKATLTADKSSSSAYM
ELRGLTAEDSAVYFCARENYGSVYWGQGTTLTVSSAKTTAPSVYPLAPVCGGTTGSSVTLGCLVKGYFPEPVTLTWNSGS
LSSGVHTFPALLQSGLYTLSSSVTVTSNTWPSQTITCNVAHPASSTKVDKKIEPRVPI
;
H,J
3 'polypeptide(L)'
;IRCIGVSNRDFVEGMSGGTWVDVVLEHGGCVTVMAQDKPTVDIELVTTTVSNMAEVRSYCYEASISDMASDSRCPTQGEA
YLDKQSDTQYVCKRTLVDRGWGNGCGLFGKGSLVTCAKFACSKKMTGKSIQPENLEYRIMLSVHGSQHSGMIVNDTGHET
DENRAKVEITPNSPRAEATLGGFGSLGLDCEPRTGLDFSDLYYLTMNNKHWLVHKEWFHDIPLPWHAGADTGTPHWNNKE
ALVEFKDAHAKRQTVVVLGSQEGAVHTALAGALEAEMDGAKGRLSSGHLKCRLKMDKLRLKGVSYSLCTAAFTFTKIPAE
TLHGTVTVEVQYAGTDGPCKVPAQMAVDMQTLTPVGRLITANPVITESTENSKMMLELDPPFGDSYIVIGVGEKKI
;
C,E,A
#
# COMPACT_ATOMS: atom_id res chain seq x y z
N ASP A 1 -9.31 -22.33 -13.25
CA ASP A 1 -8.11 -22.08 -12.49
C ASP A 1 -7.18 -21.14 -13.23
N ILE A 2 -6.37 -20.42 -12.49
CA ILE A 2 -5.51 -19.41 -13.08
C ILE A 2 -4.20 -20.03 -13.54
N VAL A 3 -3.77 -19.67 -14.74
CA VAL A 3 -2.50 -20.11 -15.28
C VAL A 3 -1.52 -18.96 -15.18
N MET A 4 -0.34 -19.24 -14.61
CA MET A 4 0.75 -18.28 -14.53
C MET A 4 1.80 -18.73 -15.53
N THR A 5 2.05 -17.91 -16.54
CA THR A 5 2.95 -18.28 -17.62
C THR A 5 4.25 -17.53 -17.48
N GLN A 6 5.35 -18.28 -17.32
CA GLN A 6 6.72 -17.80 -17.46
C GLN A 6 7.19 -18.33 -18.81
N SER A 7 7.13 -17.51 -19.84
CA SER A 7 7.47 -18.01 -21.18
C SER A 7 8.95 -18.29 -21.38
N GLN A 8 9.86 -17.65 -20.62
CA GLN A 8 11.29 -17.93 -20.76
C GLN A 8 11.69 -18.96 -19.71
N LYS A 9 11.83 -20.22 -20.15
CA LYS A 9 12.22 -21.29 -19.23
C LYS A 9 13.71 -21.22 -18.88
N PHE A 10 14.53 -20.69 -19.78
CA PHE A 10 15.97 -20.61 -19.56
C PHE A 10 16.45 -19.23 -19.97
N MET A 11 17.29 -18.62 -19.13
CA MET A 11 17.90 -17.35 -19.43
C MET A 11 19.40 -17.44 -19.15
N SER A 12 20.20 -16.93 -20.08
CA SER A 12 21.64 -16.85 -19.92
C SER A 12 21.99 -15.40 -19.61
N THR A 13 22.80 -15.19 -18.59
CA THR A 13 23.08 -13.85 -18.12
C THR A 13 24.56 -13.73 -17.76
N SER A 14 25.07 -12.51 -17.84
CA SER A 14 26.41 -12.23 -17.31
C SER A 14 26.29 -11.56 -15.96
N VAL A 15 27.30 -11.78 -15.12
CA VAL A 15 27.39 -11.03 -13.88
C VAL A 15 27.34 -9.54 -14.20
N GLY A 16 26.51 -8.81 -13.46
CA GLY A 16 26.29 -7.41 -13.68
C GLY A 16 25.09 -7.07 -14.55
N ASP A 17 24.50 -8.05 -15.23
CA ASP A 17 23.35 -7.77 -16.08
C ASP A 17 22.13 -7.42 -15.25
N ARG A 18 21.23 -6.65 -15.88
CA ARG A 18 19.86 -6.46 -15.41
C ARG A 18 19.03 -7.63 -15.95
N VAL A 19 18.56 -8.49 -15.04
CA VAL A 19 17.79 -9.68 -15.42
C VAL A 19 16.32 -9.36 -15.24
N SER A 20 15.51 -9.63 -16.26
CA SER A 20 14.07 -9.39 -16.22
C SER A 20 13.34 -10.71 -16.41
N ILE A 21 12.60 -11.12 -15.40
CA ILE A 21 11.83 -12.37 -15.44
C ILE A 21 10.35 -12.00 -15.43
N THR A 22 9.61 -12.48 -16.43
CA THR A 22 8.23 -12.09 -16.66
C THR A 22 7.28 -13.21 -16.26
N CYS A 23 6.15 -12.83 -15.66
CA CYS A 23 5.11 -13.77 -15.28
CA CYS A 23 5.09 -13.77 -15.30
C CYS A 23 3.78 -13.15 -15.71
N LYS A 24 3.00 -13.89 -16.50
CA LYS A 24 1.73 -13.43 -17.05
C LYS A 24 0.60 -14.30 -16.50
N ALA A 25 -0.36 -13.67 -15.83
CA ALA A 25 -1.52 -14.37 -15.29
C ALA A 25 -2.63 -14.44 -16.33
N SER A 26 -3.33 -15.57 -16.37
CA SER A 26 -4.38 -15.77 -17.36
C SER A 26 -5.63 -14.94 -17.06
N GLN A 27 -5.74 -14.37 -15.87
CA GLN A 27 -6.79 -13.42 -15.53
C GLN A 27 -6.22 -12.48 -14.48
N ASN A 28 -6.95 -11.41 -14.22
CA ASN A 28 -6.47 -10.37 -13.33
C ASN A 28 -6.33 -10.92 -11.91
N VAL A 29 -5.12 -10.83 -11.36
CA VAL A 29 -4.83 -11.27 -10.01
C VAL A 29 -4.44 -10.12 -9.09
N GLY A 30 -4.64 -8.88 -9.52
CA GLY A 30 -4.35 -7.72 -8.70
C GLY A 30 -2.86 -7.60 -8.42
N THR A 31 -2.49 -7.61 -7.15
CA THR A 31 -1.10 -7.67 -6.75
C THR A 31 -0.76 -8.93 -5.95
N ALA A 32 -1.57 -9.97 -6.08
CA ALA A 32 -1.43 -11.17 -5.27
C ALA A 32 -0.43 -12.16 -5.89
N VAL A 33 0.83 -11.73 -5.99
CA VAL A 33 1.88 -12.52 -6.64
C VAL A 33 3.13 -12.55 -5.78
N ALA A 34 3.71 -13.74 -5.60
CA ALA A 34 4.98 -13.89 -4.92
C ALA A 34 6.03 -14.39 -5.91
N TRP A 35 7.30 -14.11 -5.60
CA TRP A 35 8.42 -14.63 -6.36
C TRP A 35 9.36 -15.37 -5.41
N TYR A 36 9.83 -16.54 -5.87
CA TYR A 36 10.77 -17.36 -5.13
C TYR A 36 11.99 -17.66 -5.99
N GLN A 37 13.11 -17.96 -5.32
CA GLN A 37 14.26 -18.59 -5.97
C GLN A 37 14.50 -19.94 -5.31
N GLN A 38 15.01 -20.89 -6.08
CA GLN A 38 15.28 -22.22 -5.54
C GLN A 38 16.59 -22.73 -6.11
N LYS A 39 17.42 -23.29 -5.23
CA LYS A 39 18.65 -23.92 -5.65
C LYS A 39 18.54 -25.43 -5.46
N PRO A 40 19.34 -26.22 -6.18
CA PRO A 40 19.16 -27.69 -6.14
C PRO A 40 19.29 -28.24 -4.74
N GLY A 41 18.39 -29.17 -4.42
CA GLY A 41 18.38 -29.82 -3.12
C GLY A 41 17.76 -29.02 -2.00
N GLN A 42 17.27 -27.81 -2.27
CA GLN A 42 16.72 -26.96 -1.23
C GLN A 42 15.27 -26.64 -1.54
N SER A 43 14.54 -26.28 -0.49
CA SER A 43 13.23 -25.70 -0.69
C SER A 43 13.36 -24.30 -1.28
N PRO A 44 12.32 -23.82 -1.97
CA PRO A 44 12.36 -22.44 -2.47
C PRO A 44 12.44 -21.45 -1.31
N LYS A 45 12.97 -20.28 -1.63
CA LYS A 45 13.07 -19.17 -0.69
C LYS A 45 12.29 -17.98 -1.24
N LEU A 46 11.52 -17.33 -0.37
CA LEU A 46 10.72 -16.20 -0.80
C LEU A 46 11.60 -14.98 -1.06
N LEU A 47 11.38 -14.32 -2.19
CA LEU A 47 12.06 -13.07 -2.53
C LEU A 47 11.15 -11.87 -2.41
N ILE A 48 9.96 -11.93 -3.04
CA ILE A 48 9.04 -10.81 -3.17
C ILE A 48 7.66 -11.33 -2.82
N TYR A 49 6.87 -10.51 -2.13
CA TYR A 49 5.50 -10.89 -1.81
C TYR A 49 4.56 -9.74 -2.18
N SER A 50 3.33 -10.13 -2.52
CA SER A 50 2.30 -9.20 -2.97
C SER A 50 2.84 -8.22 -4.02
N ALA A 51 3.50 -8.80 -5.02
CA ALA A 51 3.95 -8.17 -6.26
C ALA A 51 5.20 -7.33 -6.12
N SER A 52 5.29 -6.52 -5.06
CA SER A 52 6.28 -5.46 -5.07
C SER A 52 7.00 -5.27 -3.73
N ASN A 53 6.81 -6.16 -2.77
CA ASN A 53 7.40 -6.01 -1.45
C ASN A 53 8.56 -6.98 -1.30
N ARG A 54 9.74 -6.46 -1.02
CA ARG A 54 10.93 -7.31 -0.86
C ARG A 54 10.98 -7.90 0.53
N TYR A 55 11.20 -9.22 0.62
CA TYR A 55 11.24 -9.86 1.92
C TYR A 55 12.56 -9.55 2.63
N THR A 56 12.51 -9.54 3.97
CA THR A 56 13.69 -9.21 4.76
C THR A 56 14.85 -10.15 4.46
N GLY A 57 16.05 -9.59 4.41
CA GLY A 57 17.25 -10.35 4.14
C GLY A 57 17.56 -10.53 2.66
N VAL A 58 16.57 -10.33 1.80
CA VAL A 58 16.80 -10.45 0.35
C VAL A 58 17.61 -9.24 -0.12
N PRO A 59 18.65 -9.43 -0.94
CA PRO A 59 19.43 -8.27 -1.41
C PRO A 59 18.58 -7.27 -2.17
N ASP A 60 18.93 -5.99 -2.04
CA ASP A 60 18.16 -4.96 -2.72
C ASP A 60 18.29 -5.01 -4.24
N ARG A 61 19.15 -5.87 -4.77
CA ARG A 61 19.21 -6.15 -6.19
C ARG A 61 17.90 -6.71 -6.74
N PHE A 62 17.07 -7.32 -5.90
CA PHE A 62 15.81 -7.94 -6.34
C PHE A 62 14.65 -6.97 -6.15
N THR A 63 13.89 -6.73 -7.21
CA THR A 63 12.70 -5.88 -7.10
C THR A 63 11.58 -6.50 -7.91
N GLY A 64 10.39 -6.64 -7.30
CA GLY A 64 9.20 -7.05 -8.01
C GLY A 64 8.36 -5.86 -8.40
N SER A 65 7.71 -5.94 -9.57
CA SER A 65 6.82 -4.89 -10.03
C SER A 65 5.66 -5.50 -10.82
N GLY A 66 4.65 -4.69 -11.07
CA GLY A 66 3.53 -5.10 -11.89
C GLY A 66 2.24 -5.24 -11.08
N SER A 67 1.13 -5.30 -11.81
CA SER A 67 -0.18 -5.52 -11.23
C SER A 67 -1.12 -5.93 -12.34
N GLY A 68 -2.24 -6.55 -11.96
CA GLY A 68 -3.21 -7.00 -12.93
C GLY A 68 -2.86 -8.38 -13.48
N THR A 69 -2.30 -8.43 -14.68
CA THR A 69 -1.89 -9.71 -15.26
C THR A 69 -0.38 -9.80 -15.51
N ASP A 70 0.35 -8.71 -15.47
CA ASP A 70 1.74 -8.68 -15.92
C ASP A 70 2.66 -8.36 -14.75
N PHE A 71 3.56 -9.29 -14.42
CA PHE A 71 4.46 -9.14 -13.29
C PHE A 71 5.89 -9.36 -13.72
N THR A 72 6.80 -8.63 -13.09
CA THR A 72 8.22 -8.69 -13.45
C THR A 72 9.05 -8.77 -12.18
N LEU A 73 10.00 -9.70 -12.16
CA LEU A 73 11.08 -9.70 -11.19
C LEU A 73 12.32 -9.18 -11.89
N THR A 74 12.91 -8.13 -11.35
CA THR A 74 14.15 -7.57 -11.89
C THR A 74 15.28 -7.87 -10.92
N ILE A 75 16.36 -8.41 -11.44
CA ILE A 75 17.60 -8.55 -10.68
C ILE A 75 18.57 -7.56 -11.28
N SER A 76 18.88 -6.49 -10.56
CA SER A 76 19.93 -5.58 -11.00
C SER A 76 21.28 -6.13 -10.56
N ASN A 77 22.30 -5.81 -11.35
CA ASN A 77 23.68 -6.18 -11.02
C ASN A 77 23.78 -7.65 -10.62
N MET A 78 23.33 -8.52 -11.51
CA MET A 78 23.23 -9.94 -11.16
C MET A 78 24.57 -10.50 -10.69
N GLN A 79 24.52 -11.28 -9.61
CA GLN A 79 25.71 -11.93 -9.07
C GLN A 79 25.63 -13.43 -9.27
N SER A 80 26.78 -14.10 -9.16
CA SER A 80 26.80 -15.52 -9.45
C SER A 80 25.92 -16.32 -8.49
N GLU A 81 25.77 -15.85 -7.26
CA GLU A 81 24.90 -16.53 -6.32
C GLU A 81 23.44 -16.43 -6.71
N ASP A 82 23.09 -15.60 -7.69
CA ASP A 82 21.71 -15.46 -8.12
C ASP A 82 21.31 -16.51 -9.14
N LEU A 83 22.26 -17.34 -9.59
CA LEU A 83 21.92 -18.42 -10.50
C LEU A 83 21.08 -19.44 -9.75
N ALA A 84 19.92 -19.74 -10.29
CA ALA A 84 18.88 -20.46 -9.57
C ALA A 84 17.68 -20.59 -10.49
N ASP A 85 16.69 -21.33 -10.01
CA ASP A 85 15.37 -21.36 -10.62
C ASP A 85 14.48 -20.33 -9.93
N TYR A 86 13.72 -19.59 -10.72
CA TYR A 86 12.84 -18.54 -10.22
C TYR A 86 11.40 -18.90 -10.58
N PHE A 87 10.49 -18.73 -9.61
CA PHE A 87 9.09 -19.05 -9.80
C PHE A 87 8.22 -17.92 -9.29
N CYS A 88 7.16 -17.60 -10.04
CA CYS A 88 6.10 -16.78 -9.49
C CYS A 88 4.96 -17.68 -9.01
N GLN A 89 4.08 -17.11 -8.20
CA GLN A 89 2.92 -17.83 -7.67
C GLN A 89 1.83 -16.81 -7.39
N GLN A 90 0.58 -17.17 -7.65
CA GLN A 90 -0.53 -16.27 -7.39
C GLN A 90 -1.39 -16.74 -6.21
N PHE A 91 -1.96 -15.77 -5.51
CA PHE A 91 -2.79 -16.00 -4.33
C PHE A 91 -4.15 -15.33 -4.45
N SER A 92 -4.60 -15.09 -5.68
CA SER A 92 -5.91 -14.49 -5.91
C SER A 92 -7.03 -15.47 -5.59
N SER A 93 -6.85 -16.74 -5.93
CA SER A 93 -7.88 -17.75 -5.68
C SER A 93 -7.23 -19.12 -5.79
N TYR A 94 -7.88 -20.10 -5.19
CA TYR A 94 -7.36 -21.47 -5.24
C TYR A 94 -7.65 -22.05 -6.62
N PRO A 95 -6.72 -22.88 -7.13
CA PRO A 95 -5.43 -23.25 -6.53
C PRO A 95 -4.38 -22.16 -6.69
N TYR A 96 -3.46 -22.08 -5.72
CA TYR A 96 -2.41 -21.05 -5.70
C TYR A 96 -1.29 -21.46 -6.66
N THR A 97 -1.56 -21.30 -7.96
CA THR A 97 -0.71 -21.86 -8.99
C THR A 97 0.62 -21.13 -9.14
N PHE A 98 1.65 -21.90 -9.50
CA PHE A 98 2.98 -21.41 -9.80
C PHE A 98 3.15 -21.21 -11.30
N GLY A 99 3.99 -20.24 -11.65
CA GLY A 99 4.55 -20.19 -12.99
C GLY A 99 5.46 -21.38 -13.25
N GLY A 100 5.78 -21.58 -14.53
CA GLY A 100 6.53 -22.77 -14.92
C GLY A 100 8.00 -22.77 -14.55
N GLY A 101 8.52 -21.64 -14.10
CA GLY A 101 9.92 -21.53 -13.72
C GLY A 101 10.81 -20.93 -14.80
N THR A 102 11.80 -20.17 -14.37
CA THR A 102 12.85 -19.66 -15.25
C THR A 102 14.17 -20.00 -14.60
N LYS A 103 15.01 -20.73 -15.32
CA LYS A 103 16.31 -21.13 -14.81
C LYS A 103 17.35 -20.14 -15.33
N LEU A 104 18.04 -19.48 -14.40
CA LEU A 104 19.08 -18.52 -14.73
C LEU A 104 20.42 -19.22 -14.73
N GLU A 105 21.13 -19.15 -15.85
CA GLU A 105 22.47 -19.71 -16.02
C GLU A 105 23.42 -18.61 -16.48
N ILE A 106 24.71 -18.89 -16.44
CA ILE A 106 25.70 -17.86 -16.68
C ILE A 106 26.26 -17.94 -18.10
N LYS A 107 26.52 -16.79 -18.68
CA LYS A 107 27.10 -16.71 -20.02
C LYS A 107 28.63 -16.77 -19.94
N ARG A 108 29.22 -17.35 -20.97
CA ARG A 108 30.66 -17.29 -21.20
C ARG A 108 30.86 -17.29 -22.70
N ALA A 109 32.12 -17.22 -23.14
CA ALA A 109 32.40 -17.26 -24.57
C ALA A 109 31.94 -18.59 -25.17
N ASP A 110 31.45 -18.54 -26.40
CA ASP A 110 31.08 -19.77 -27.09
C ASP A 110 32.27 -20.73 -27.10
N ALA A 111 31.96 -22.02 -27.02
CA ALA A 111 32.98 -23.07 -27.08
C ALA A 111 32.40 -24.27 -27.81
N ALA A 112 33.13 -24.75 -28.81
CA ALA A 112 32.69 -25.93 -29.56
C ALA A 112 32.82 -27.18 -28.70
N PRO A 113 31.90 -28.13 -28.82
CA PRO A 113 32.05 -29.39 -28.10
C PRO A 113 33.22 -30.20 -28.64
N THR A 114 33.85 -30.94 -27.74
CA THR A 114 34.80 -31.97 -28.12
C THR A 114 34.01 -33.28 -28.19
N VAL A 115 33.97 -33.89 -29.37
CA VAL A 115 33.07 -35.01 -29.65
C VAL A 115 33.91 -36.29 -29.81
N SER A 116 33.47 -37.36 -29.13
CA SER A 116 34.15 -38.64 -29.20
C SER A 116 33.08 -39.72 -29.31
N ILE A 117 33.31 -40.71 -30.18
CA ILE A 117 32.34 -41.76 -30.43
C ILE A 117 32.91 -43.10 -29.95
N PHE A 118 32.03 -43.92 -29.38
CA PHE A 118 32.43 -45.20 -28.77
C PHE A 118 31.53 -46.31 -29.26
N PRO A 119 32.06 -47.26 -30.02
CA PRO A 119 31.28 -48.45 -30.37
C PRO A 119 30.92 -49.23 -29.12
N PRO A 120 29.94 -50.12 -29.20
CA PRO A 120 29.65 -51.01 -28.09
C PRO A 120 30.90 -51.75 -27.64
N SER A 121 31.01 -51.94 -26.33
CA SER A 121 32.09 -52.76 -25.80
C SER A 121 31.84 -54.22 -26.12
N SER A 122 32.93 -54.98 -26.20
CA SER A 122 32.78 -56.42 -26.41
C SER A 122 31.91 -57.02 -25.32
N GLU A 123 32.04 -56.51 -24.09
CA GLU A 123 31.26 -57.08 -22.99
C GLU A 123 29.77 -56.82 -23.17
N GLN A 124 29.39 -55.62 -23.62
CA GLN A 124 27.97 -55.39 -23.88
C GLN A 124 27.45 -56.27 -25.02
N LEU A 125 28.28 -56.55 -26.02
CA LEU A 125 27.81 -57.35 -27.16
C LEU A 125 27.59 -58.81 -26.82
N THR A 126 27.88 -59.25 -25.61
CA THR A 126 27.41 -60.57 -25.21
C THR A 126 25.93 -60.56 -24.88
N SER A 127 25.34 -59.37 -24.68
CA SER A 127 24.03 -59.20 -24.06
C SER A 127 22.87 -59.19 -25.04
N GLY A 128 23.10 -59.03 -26.34
CA GLY A 128 21.96 -58.85 -27.22
C GLY A 128 21.47 -57.41 -27.31
N GLY A 129 21.98 -56.50 -26.49
CA GLY A 129 21.83 -55.08 -26.71
C GLY A 129 23.15 -54.44 -27.10
N ALA A 130 23.10 -53.29 -27.76
CA ALA A 130 24.31 -52.62 -28.21
C ALA A 130 24.09 -51.12 -28.07
N SER A 131 24.99 -50.44 -27.37
CA SER A 131 24.89 -48.99 -27.20
C SER A 131 26.09 -48.35 -27.87
N VAL A 132 25.82 -47.35 -28.71
CA VAL A 132 26.85 -46.52 -29.30
C VAL A 132 26.77 -45.18 -28.57
N VAL A 133 27.90 -44.72 -28.05
CA VAL A 133 27.91 -43.53 -27.20
C VAL A 133 28.68 -42.42 -27.89
N CYS A 134 28.11 -41.22 -27.91
CA CYS A 134 28.87 -40.02 -28.23
C CYS A 134 28.91 -39.11 -27.01
N PHE A 135 30.11 -38.70 -26.62
CA PHE A 135 30.26 -37.64 -25.64
C PHE A 135 30.53 -36.34 -26.38
N LEU A 136 29.85 -35.28 -25.93
CA LEU A 136 30.00 -33.95 -26.50
C LEU A 136 30.34 -33.06 -25.30
N ASN A 137 31.62 -32.72 -25.16
CA ASN A 137 32.12 -32.22 -23.88
C ASN A 137 32.55 -30.77 -23.94
N ASN A 138 32.27 -30.05 -22.85
CA ASN A 138 32.82 -28.70 -22.58
C ASN A 138 32.41 -27.68 -23.65
N PHE A 139 31.11 -27.58 -23.90
CA PHE A 139 30.61 -26.66 -24.91
C PHE A 139 29.79 -25.53 -24.29
N TYR A 140 29.62 -24.47 -25.06
CA TYR A 140 28.77 -23.35 -24.68
C TYR A 140 28.34 -22.65 -25.97
N PRO A 141 27.05 -22.30 -26.09
CA PRO A 141 25.95 -22.42 -25.14
C PRO A 141 25.36 -23.83 -25.08
N LYS A 142 24.36 -24.00 -24.19
CA LYS A 142 23.81 -25.32 -23.94
C LYS A 142 23.06 -25.87 -25.14
N ASP A 143 22.50 -25.01 -25.99
CA ASP A 143 21.68 -25.48 -27.10
C ASP A 143 22.52 -26.28 -28.07
N ILE A 144 22.14 -27.54 -28.29
CA ILE A 144 22.90 -28.45 -29.13
C ILE A 144 21.92 -29.52 -29.58
N ASN A 145 22.12 -30.03 -30.79
CA ASN A 145 21.27 -31.10 -31.31
C ASN A 145 22.13 -32.21 -31.88
N VAL A 146 21.78 -33.44 -31.56
CA VAL A 146 22.52 -34.61 -32.02
C VAL A 146 21.62 -35.43 -32.94
N LYS A 147 22.14 -35.78 -34.10
CA LYS A 147 21.45 -36.63 -35.06
C LYS A 147 22.30 -37.88 -35.24
N TRP A 148 21.69 -39.04 -35.10
CA TRP A 148 22.36 -40.32 -35.28
C TRP A 148 22.00 -40.91 -36.63
N LYS A 149 22.98 -41.54 -37.27
CA LYS A 149 22.75 -42.27 -38.51
C LYS A 149 23.40 -43.65 -38.43
N ILE A 150 22.74 -44.61 -39.07
CA ILE A 150 23.24 -45.96 -39.25
C ILE A 150 23.24 -46.23 -40.74
N ASP A 151 24.43 -46.46 -41.31
CA ASP A 151 24.56 -46.69 -42.75
C ASP A 151 23.79 -45.64 -43.56
N GLY A 152 23.92 -44.38 -43.13
CA GLY A 152 23.35 -43.26 -43.83
C GLY A 152 21.93 -42.88 -43.45
N SER A 153 21.22 -43.75 -42.76
CA SER A 153 19.82 -43.55 -42.44
C SER A 153 19.69 -43.03 -41.02
N GLU A 154 18.97 -41.91 -40.85
CA GLU A 154 18.77 -41.38 -39.51
C GLU A 154 18.01 -42.37 -38.63
N ARG A 155 18.43 -42.46 -37.37
CA ARG A 155 17.74 -43.25 -36.36
C ARG A 155 17.38 -42.32 -35.21
N GLN A 156 16.09 -42.24 -34.89
CA GLN A 156 15.61 -41.43 -33.78
C GLN A 156 15.19 -42.26 -32.57
N ASN A 157 14.57 -43.41 -32.79
CA ASN A 157 14.18 -44.26 -31.66
C ASN A 157 15.42 -44.86 -31.01
N GLY A 158 15.40 -44.96 -29.69
CA GLY A 158 16.49 -45.56 -28.97
C GLY A 158 17.62 -44.63 -28.63
N VAL A 159 17.46 -43.32 -28.84
CA VAL A 159 18.46 -42.33 -28.48
C VAL A 159 18.13 -41.75 -27.12
N LEU A 160 19.09 -41.76 -26.21
CA LEU A 160 18.94 -41.18 -24.88
C LEU A 160 20.04 -40.15 -24.65
N ASN A 161 19.63 -38.94 -24.31
CA ASN A 161 20.57 -37.85 -24.08
C ASN A 161 20.56 -37.44 -22.62
N SER A 162 21.74 -37.20 -22.08
CA SER A 162 21.86 -36.76 -20.69
C SER A 162 22.87 -35.62 -20.63
N TRP A 163 22.53 -34.58 -19.89
CA TRP A 163 23.35 -33.38 -19.82
C TRP A 163 23.83 -33.16 -18.40
N THR A 164 25.09 -32.76 -18.26
CA THR A 164 25.53 -32.29 -16.95
C THR A 164 24.97 -30.91 -16.67
N ASP A 165 24.88 -30.57 -15.38
CA ASP A 165 24.61 -29.19 -15.02
C ASP A 165 25.78 -28.31 -15.48
N GLN A 166 25.50 -27.02 -15.65
CA GLN A 166 26.57 -26.10 -16.03
C GLN A 166 27.72 -26.19 -15.03
N ASP A 167 28.94 -26.33 -15.55
CA ASP A 167 30.06 -26.59 -14.65
C ASP A 167 30.34 -25.38 -13.76
N SER A 168 30.61 -25.66 -12.48
CA SER A 168 30.76 -24.59 -11.51
C SER A 168 32.04 -23.79 -11.70
N LYS A 169 33.01 -24.31 -12.44
CA LYS A 169 34.27 -23.61 -12.63
C LYS A 169 34.41 -23.03 -14.03
N ASP A 170 34.10 -23.82 -15.06
CA ASP A 170 34.38 -23.40 -16.43
C ASP A 170 33.14 -22.94 -17.19
N SER A 171 31.95 -23.03 -16.57
CA SER A 171 30.70 -22.55 -17.14
C SER A 171 30.28 -23.26 -18.41
N THR A 172 30.88 -24.39 -18.75
CA THR A 172 30.46 -25.14 -19.92
C THR A 172 29.43 -26.21 -19.57
N TYR A 173 28.91 -26.82 -20.62
CA TYR A 173 28.01 -27.96 -20.54
C TYR A 173 28.68 -29.16 -21.19
N SER A 174 28.24 -30.35 -20.78
CA SER A 174 28.64 -31.57 -21.47
C SER A 174 27.40 -32.45 -21.61
N MET A 175 27.44 -33.36 -22.59
CA MET A 175 26.30 -34.18 -22.93
C MET A 175 26.77 -35.56 -23.34
N SER A 176 26.02 -36.57 -22.96
CA SER A 176 26.18 -37.90 -23.52
C SER A 176 24.96 -38.18 -24.39
N SER A 177 25.19 -38.72 -25.57
CA SER A 177 24.11 -39.16 -26.44
C SER A 177 24.36 -40.62 -26.73
N THR A 178 23.39 -41.47 -26.41
CA THR A 178 23.57 -42.92 -26.51
C THR A 178 22.50 -43.50 -27.40
N LEU A 179 22.92 -44.16 -28.47
CA LEU A 179 22.03 -44.86 -29.37
C LEU A 179 22.02 -46.33 -28.99
N THR A 180 20.87 -46.85 -28.56
CA THR A 180 20.78 -48.25 -28.20
C THR A 180 19.95 -48.99 -29.23
N LEU A 181 20.48 -50.11 -29.70
CA LEU A 181 19.80 -50.96 -30.67
C LEU A 181 20.05 -52.41 -30.27
N THR A 182 19.40 -53.33 -30.97
CA THR A 182 19.69 -54.72 -30.67
C THR A 182 21.06 -55.08 -31.20
N LYS A 183 21.69 -56.08 -30.57
CA LYS A 183 22.96 -56.56 -31.10
C LYS A 183 22.79 -57.07 -32.52
N ASP A 184 21.67 -57.75 -32.80
CA ASP A 184 21.47 -58.27 -34.15
C ASP A 184 21.44 -57.14 -35.16
N GLU A 185 20.73 -56.05 -34.87
CA GLU A 185 20.73 -54.94 -35.81
C GLU A 185 22.12 -54.30 -35.91
N TYR A 186 22.81 -54.16 -34.77
CA TYR A 186 24.12 -53.54 -34.78
C TYR A 186 25.09 -54.26 -35.71
N GLU A 187 25.05 -55.59 -35.71
CA GLU A 187 25.99 -56.35 -36.54
C GLU A 187 25.55 -56.49 -37.99
N ARG A 188 24.40 -55.93 -38.36
CA ARG A 188 23.95 -55.90 -39.75
C ARG A 188 24.33 -54.60 -40.45
N HIS A 189 25.04 -53.70 -39.78
CA HIS A 189 25.40 -52.42 -40.37
C HIS A 189 26.86 -52.13 -40.08
N ASN A 190 27.44 -51.25 -40.90
CA ASN A 190 28.85 -50.91 -40.71
C ASN A 190 29.07 -49.49 -40.22
N SER A 191 28.39 -48.50 -40.79
CA SER A 191 28.68 -47.11 -40.47
C SER A 191 27.75 -46.58 -39.41
N TYR A 192 28.33 -45.93 -38.39
CA TYR A 192 27.59 -45.31 -37.30
C TYR A 192 28.10 -43.88 -37.16
N THR A 193 27.18 -42.93 -37.06
CA THR A 193 27.55 -41.52 -37.06
C THR A 193 26.72 -40.77 -36.04
N CYS A 194 27.37 -39.92 -35.25
CA CYS A 194 26.66 -38.89 -34.48
C CYS A 194 27.07 -37.51 -35.00
N GLU A 195 26.07 -36.68 -35.30
CA GLU A 195 26.31 -35.35 -35.85
C GLU A 195 25.80 -34.31 -34.85
N ALA A 196 26.65 -33.36 -34.48
CA ALA A 196 26.30 -32.35 -33.48
C ALA A 196 26.14 -30.98 -34.12
N THR A 197 24.92 -30.46 -34.11
CA THR A 197 24.66 -29.09 -34.58
C THR A 197 24.81 -28.14 -33.39
N HIS A 198 25.63 -27.12 -33.57
CA HIS A 198 25.91 -26.18 -32.50
C HIS A 198 26.31 -24.86 -33.13
N LYS A 199 26.02 -23.74 -32.45
CA LYS A 199 26.24 -22.44 -33.08
C LYS A 199 27.71 -22.16 -33.39
N THR A 200 28.64 -22.93 -32.83
CA THR A 200 30.06 -22.69 -33.06
C THR A 200 30.56 -23.20 -34.39
N SER A 201 29.72 -23.86 -35.19
CA SER A 201 30.14 -24.31 -36.50
C SER A 201 28.98 -24.14 -37.48
N THR A 202 29.31 -23.80 -38.72
CA THR A 202 28.27 -23.60 -39.71
C THR A 202 27.66 -24.93 -40.15
N SER A 203 28.44 -26.00 -40.08
CA SER A 203 27.93 -27.35 -40.30
C SER A 203 28.22 -28.20 -39.07
N PRO A 204 27.45 -29.25 -38.83
CA PRO A 204 27.67 -30.06 -37.61
C PRO A 204 29.06 -30.67 -37.54
N ILE A 205 29.51 -30.91 -36.31
CA ILE A 205 30.65 -31.81 -36.10
C ILE A 205 30.19 -33.24 -36.30
N VAL A 206 30.94 -34.00 -37.10
CA VAL A 206 30.59 -35.38 -37.46
C VAL A 206 31.64 -36.31 -36.84
N LYS A 207 31.20 -37.23 -35.98
CA LYS A 207 32.05 -38.36 -35.60
C LYS A 207 31.39 -39.64 -36.11
N SER A 208 32.19 -40.49 -36.75
CA SER A 208 31.68 -41.69 -37.38
C SER A 208 32.73 -42.78 -37.30
N PHE A 209 32.28 -44.03 -37.26
CA PHE A 209 33.21 -45.15 -37.41
C PHE A 209 32.57 -46.21 -38.29
N ASN A 210 33.43 -47.02 -38.91
CA ASN A 210 33.01 -48.25 -39.56
C ASN A 210 33.30 -49.41 -38.61
N ARG A 211 32.25 -50.16 -38.28
CA ARG A 211 32.32 -51.21 -37.28
C ARG A 211 33.46 -52.20 -37.54
N ASN A 212 33.66 -52.59 -38.80
CA ASN A 212 34.62 -53.65 -39.09
C ASN A 212 36.02 -53.14 -39.42
N GLU A 213 36.32 -51.86 -39.18
CA GLU A 213 37.61 -51.30 -39.50
C GLU A 213 38.47 -51.06 -38.26
N CYS A 214 39.78 -50.99 -38.49
CA CYS A 214 40.70 -50.65 -37.42
C CYS A 214 41.87 -49.83 -37.96
N ALA B 1 3.21 -26.45 10.81
CA ALA B 1 3.03 -27.40 9.71
C ALA B 1 4.23 -28.34 9.59
N GLN B 2 3.97 -29.65 9.52
CA GLN B 2 5.02 -30.65 9.34
C GLN B 2 4.52 -31.76 8.44
N LEU B 3 5.41 -32.27 7.61
CA LEU B 3 5.16 -33.46 6.78
C LEU B 3 6.22 -34.50 7.12
N GLN B 4 5.79 -35.69 7.52
CA GLN B 4 6.69 -36.76 7.89
C GLN B 4 6.55 -37.90 6.89
N GLN B 5 7.67 -38.32 6.30
CA GLN B 5 7.63 -39.37 5.29
C GLN B 5 8.10 -40.71 5.83
N SER B 6 7.59 -41.76 5.22
CA SER B 6 8.04 -43.12 5.51
C SER B 6 7.86 -43.97 4.26
N GLY B 7 8.57 -45.09 4.23
CA GLY B 7 8.44 -45.99 3.10
C GLY B 7 9.64 -46.87 2.96
N THR B 8 9.45 -47.98 2.25
CA THR B 8 10.51 -48.95 1.99
C THR B 8 11.61 -48.31 1.17
N GLY B 9 12.86 -48.58 1.54
CA GLY B 9 14.00 -47.99 0.88
C GLY B 9 14.66 -48.87 -0.16
N LEU B 10 14.36 -50.17 -0.18
CA LEU B 10 15.02 -51.07 -1.10
C LEU B 10 13.98 -51.99 -1.70
N ALA B 11 13.98 -52.11 -3.04
CA ALA B 11 12.98 -52.88 -3.76
C ALA B 11 13.65 -53.57 -4.94
N ARG B 12 13.05 -54.69 -5.35
CA ARG B 12 13.50 -55.40 -6.52
C ARG B 12 12.72 -54.92 -7.75
N PRO B 13 13.30 -55.03 -8.93
CA PRO B 13 12.55 -54.66 -10.14
C PRO B 13 11.24 -55.42 -10.20
N GLY B 14 10.17 -54.71 -10.59
CA GLY B 14 8.84 -55.25 -10.62
C GLY B 14 8.01 -54.99 -9.39
N ALA B 15 8.64 -54.58 -8.29
CA ALA B 15 7.89 -54.38 -7.06
C ALA B 15 7.06 -53.10 -7.12
N SER B 16 6.09 -53.03 -6.22
CA SER B 16 5.36 -51.81 -5.92
C SER B 16 5.71 -51.39 -4.51
N VAL B 17 5.84 -50.09 -4.30
CA VAL B 17 6.03 -49.54 -2.97
C VAL B 17 5.05 -48.41 -2.73
N LYS B 18 4.51 -48.34 -1.52
CA LYS B 18 3.59 -47.27 -1.14
C LYS B 18 4.33 -46.36 -0.17
N LEU B 19 4.57 -45.12 -0.59
CA LEU B 19 5.21 -44.11 0.24
C LEU B 19 4.15 -43.31 0.98
N SER B 20 4.45 -42.93 2.22
CA SER B 20 3.51 -42.20 3.06
C SER B 20 4.05 -40.82 3.38
N CYS B 21 3.11 -39.88 3.55
CA CYS B 21 3.41 -38.48 3.88
C CYS B 21 2.34 -38.09 4.90
N LYS B 22 2.73 -38.03 6.17
CA LYS B 22 1.79 -37.75 7.26
C LYS B 22 1.88 -36.27 7.62
N ALA B 23 0.77 -35.56 7.50
CA ALA B 23 0.70 -34.13 7.73
C ALA B 23 0.18 -33.84 9.13
N SER B 24 0.70 -32.76 9.71
CA SER B 24 0.17 -32.26 10.97
C SER B 24 0.42 -30.77 11.08
N GLY B 25 -0.29 -30.12 11.99
CA GLY B 25 -0.02 -28.73 12.30
C GLY B 25 -0.67 -27.71 11.40
N TYR B 26 -1.54 -28.14 10.49
CA TYR B 26 -2.31 -27.24 9.64
C TYR B 26 -3.55 -28.00 9.19
N THR B 27 -4.44 -27.31 8.49
CA THR B 27 -5.66 -27.96 8.00
C THR B 27 -5.38 -28.65 6.67
N PHE B 28 -5.34 -29.99 6.71
CA PHE B 28 -4.93 -30.80 5.57
C PHE B 28 -5.78 -30.51 4.34
N THR B 29 -7.07 -30.24 4.54
CA THR B 29 -7.99 -30.03 3.43
C THR B 29 -7.97 -28.61 2.87
N SER B 30 -7.05 -27.76 3.29
CA SER B 30 -6.94 -26.41 2.73
C SER B 30 -5.89 -26.31 1.64
N TYR B 31 -5.06 -27.33 1.48
CA TYR B 31 -3.95 -27.28 0.53
C TYR B 31 -3.82 -28.63 -0.16
N GLY B 32 -3.14 -28.62 -1.30
CA GLY B 32 -2.74 -29.87 -1.93
C GLY B 32 -1.46 -30.44 -1.33
N ILE B 33 -1.18 -31.69 -1.71
CA ILE B 33 0.10 -32.34 -1.43
C ILE B 33 0.64 -32.80 -2.76
N SER B 34 1.85 -32.38 -3.08
CA SER B 34 2.49 -32.89 -4.28
C SER B 34 3.63 -33.80 -3.92
N TRP B 35 4.08 -34.54 -4.92
CA TRP B 35 5.24 -35.41 -4.82
C TRP B 35 6.26 -35.00 -5.86
N VAL B 36 7.53 -35.06 -5.46
CA VAL B 36 8.65 -34.59 -6.25
C VAL B 36 9.74 -35.64 -6.18
N THR B 37 10.37 -35.92 -7.31
CA THR B 37 11.45 -36.89 -7.32
C THR B 37 12.76 -36.26 -7.73
N GLN B 38 13.84 -36.80 -7.20
CA GLN B 38 15.18 -36.29 -7.48
C GLN B 38 16.12 -37.47 -7.64
N ARG B 39 16.53 -37.74 -8.88
CA ARG B 39 17.57 -38.73 -9.10
C ARG B 39 18.89 -38.22 -8.51
N ALA B 40 19.74 -39.17 -8.12
CA ALA B 40 21.00 -38.81 -7.46
C ALA B 40 21.82 -37.87 -8.34
N GLY B 41 22.18 -36.72 -7.79
CA GLY B 41 22.95 -35.73 -8.51
C GLY B 41 22.18 -34.98 -9.57
N GLN B 42 20.87 -35.19 -9.68
CA GLN B 42 20.06 -34.61 -10.74
C GLN B 42 19.05 -33.62 -10.16
N GLY B 43 18.18 -33.11 -11.03
CA GLY B 43 17.25 -32.06 -10.67
C GLY B 43 15.95 -32.59 -10.05
N LEU B 44 15.13 -31.64 -9.62
CA LEU B 44 13.80 -31.96 -9.11
C LEU B 44 12.81 -32.17 -10.25
N GLU B 45 11.90 -33.11 -10.08
CA GLU B 45 10.84 -33.34 -11.06
C GLU B 45 9.52 -33.50 -10.33
N TRP B 46 8.51 -32.76 -10.78
CA TRP B 46 7.18 -32.77 -10.17
C TRP B 46 6.37 -33.93 -10.72
N ILE B 47 5.90 -34.80 -9.83
CA ILE B 47 5.18 -36.01 -10.22
C ILE B 47 3.70 -35.73 -10.39
N GLY B 48 3.10 -35.08 -9.40
CA GLY B 48 1.68 -34.82 -9.40
C GLY B 48 1.26 -34.26 -8.06
N VAL B 49 -0.03 -33.96 -7.96
CA VAL B 49 -0.60 -33.37 -6.75
C VAL B 49 -1.96 -34.01 -6.48
N ILE B 50 -2.29 -34.13 -5.20
CA ILE B 50 -3.65 -34.47 -4.79
C ILE B 50 -4.15 -33.36 -3.87
N TYR B 51 -4.15 -32.06 0.90
CA TYR B 51 -5.02 -32.97 1.66
C TYR B 51 -6.42 -32.44 1.90
N PRO B 52 -7.13 -33.36 1.66
CA PRO B 52 -8.04 -34.12 2.52
C PRO B 52 -9.44 -33.58 2.58
N ARG B 53 -9.13 -32.23 0.00
CA ARG B 53 -10.51 -31.81 0.21
C ARG B 53 -11.46 -32.54 -0.74
N SER B 54 -11.06 -32.72 -1.99
CA SER B 54 -11.91 -33.33 -3.01
C SER B 54 -11.41 -34.69 -3.46
N GLY B 55 -10.15 -35.01 -3.22
CA GLY B 55 -9.52 -36.14 -3.86
C GLY B 55 -9.02 -35.88 -5.27
N ASN B 56 -9.18 -34.68 -5.80
CA ASN B 56 -8.75 -34.39 -7.16
C ASN B 56 -7.25 -34.59 -7.27
N THR B 57 -6.82 -35.17 -8.39
CA THR B 57 -5.41 -35.39 -8.65
C THR B 57 -5.07 -34.85 -10.03
N TYR B 58 -3.82 -34.42 -10.18
CA TYR B 58 -3.28 -33.99 -11.47
C TYR B 58 -1.88 -34.56 -11.59
N TYR B 59 -1.62 -35.26 -12.69
CA TYR B 59 -0.34 -35.93 -12.86
C TYR B 59 0.46 -35.29 -13.99
N ASN B 60 1.77 -35.25 -13.78
CA ASN B 60 2.71 -35.11 -14.88
C ASN B 60 2.58 -36.36 -15.76
N GLU B 61 2.37 -36.17 -17.06
CA GLU B 61 2.14 -37.32 -17.92
C GLU B 61 3.30 -38.31 -17.88
N LYS B 62 4.51 -37.84 -17.55
CA LYS B 62 5.66 -38.73 -17.48
C LYS B 62 5.52 -39.76 -16.39
N PHE B 63 4.66 -39.54 -15.41
CA PHE B 63 4.49 -40.43 -14.26
C PHE B 63 3.14 -41.12 -14.22
N ARG B 64 2.32 -40.94 -15.24
CA ARG B 64 1.05 -41.67 -15.29
C ARG B 64 1.31 -43.16 -15.14
N GLY B 65 0.56 -43.79 -14.26
CA GLY B 65 0.65 -45.25 -14.09
C GLY B 65 1.79 -45.66 -13.21
N LYS B 66 2.97 -45.09 -13.43
CA LYS B 66 4.09 -45.32 -12.53
C LYS B 66 3.73 -44.90 -11.11
N ALA B 67 3.08 -43.75 -10.96
CA ALA B 67 2.73 -43.19 -9.66
C ALA B 67 1.22 -43.07 -9.54
N THR B 68 0.69 -43.40 -8.37
CA THR B 68 -0.73 -43.21 -8.07
C THR B 68 -0.82 -42.49 -6.73
N LEU B 69 -1.47 -41.34 -6.72
CA LEU B 69 -1.60 -40.52 -5.51
C LEU B 69 -2.96 -40.75 -4.88
N THR B 70 -2.98 -40.92 -3.56
CA THR B 70 -4.20 -41.04 -2.78
C THR B 70 -4.04 -40.25 -1.50
N ALA B 71 -5.15 -40.06 -0.79
CA ALA B 71 -5.09 -39.33 0.46
C ALA B 71 -6.21 -39.82 1.35
N ASP B 72 -6.00 -39.68 2.67
CA ASP B 72 -6.96 -40.09 3.68
C ASP B 72 -7.22 -38.88 4.57
N LYS B 73 -8.38 -38.23 4.36
CA LYS B 73 -8.75 -37.05 5.14
C LYS B 73 -8.85 -37.37 6.62
N SER B 74 -9.25 -38.59 6.94
CA SER B 74 -9.53 -38.92 8.33
C SER B 74 -8.28 -38.83 9.19
N SER B 75 -7.11 -39.07 8.59
CA SER B 75 -5.85 -39.08 9.30
C SER B 75 -4.86 -38.05 8.81
N SER B 76 -5.22 -37.22 7.84
CA SER B 76 -4.31 -36.24 7.25
C SER B 76 -3.05 -36.91 6.70
N SER B 77 -3.25 -37.96 5.90
CA SER B 77 -2.16 -38.71 5.29
C SER B 77 -2.31 -38.70 3.77
N ALA B 78 -1.18 -38.56 3.08
CA ALA B 78 -1.14 -38.70 1.63
C ALA B 78 -0.19 -39.84 1.28
N TYR B 79 -0.47 -40.52 0.17
CA TYR B 79 0.28 -41.70 -0.21
C TYR B 79 0.60 -41.63 -1.70
N MET B 80 1.75 -42.18 -2.07
CA MET B 80 2.09 -42.37 -3.47
C MET B 80 2.54 -43.81 -3.65
N GLU B 81 1.81 -44.53 -4.50
CA GLU B 81 2.17 -45.90 -4.83
C GLU B 81 2.96 -45.89 -6.13
N LEU B 82 10.12 -50.12 -9.97
CA LEU B 82 11.40 -49.49 -9.68
C LEU B 82 12.49 -50.01 -10.60
N ARG B 83 3.91 -49.59 -4.12
CA ARG B 83 3.67 -50.96 -4.53
C ARG B 83 4.80 -51.48 -5.42
N GLY B 84 4.87 -52.80 -5.52
CA GLY B 84 5.80 -53.46 -6.42
C GLY B 84 7.22 -52.95 -6.29
N LEU B 85 7.73 -52.91 -5.07
CA LEU B 85 8.99 -52.22 -4.83
C LEU B 85 10.12 -52.89 -5.59
N THR B 86 11.72 -50.09 -11.66
CA THR B 86 12.92 -50.43 -12.39
C THR B 86 14.08 -49.69 -11.75
N ALA B 87 15.30 -50.07 -12.15
CA ALA B 87 16.48 -49.42 -11.60
C ALA B 87 16.42 -47.91 -11.80
N GLU B 88 15.84 -47.47 -12.92
CA GLU B 88 15.73 -46.04 -13.24
C GLU B 88 14.79 -45.31 -12.29
N ASP B 89 13.97 -46.02 -11.52
CA ASP B 89 13.13 -45.37 -10.51
C ASP B 89 13.89 -45.12 -9.20
N SER B 90 15.15 -45.54 -9.10
CA SER B 90 15.91 -45.25 -7.90
C SER B 90 16.12 -43.76 -7.80
N ALA B 91 15.75 -43.18 -6.66
CA ALA B 91 15.70 -41.73 -6.51
C ALA B 91 15.30 -41.41 -5.08
N VAL B 92 15.43 -40.14 -4.72
CA VAL B 92 14.77 -39.61 -3.54
C VAL B 92 13.39 -39.11 -3.95
N TYR B 93 12.41 -39.41 -3.13
CA TYR B 93 11.03 -38.96 -3.36
C TYR B 93 10.64 -38.10 -2.16
N PHE B 94 10.15 -36.90 -2.45
CA PHE B 94 9.65 -35.99 -1.44
C PHE B 94 8.15 -35.80 -1.61
N CYS B 95 7.48 -35.54 -0.49
CA CYS B 95 6.19 -34.87 -0.56
C CYS B 95 6.37 -33.42 -0.14
N ALA B 96 5.43 -32.60 -0.60
CA ALA B 96 5.51 -31.16 -0.35
C ALA B 96 4.10 -30.61 -0.29
N ARG B 97 3.87 -29.66 0.59
CA ARG B 97 2.58 -28.99 0.57
C ARG B 97 2.53 -28.05 -0.64
N GLU B 98 1.39 -28.02 -1.31
CA GLU B 98 1.23 -27.15 -2.48
C GLU B 98 0.64 -25.80 -2.06
N ASN B 99 1.36 -24.73 -2.37
CA ASN B 99 0.87 -23.40 -2.07
C ASN B 99 1.58 -22.35 -2.91
N TYR B 100 1.67 -22.56 -4.23
CA TYR B 100 2.39 -21.65 -5.13
C TYR B 100 3.78 -21.32 -4.59
N GLY B 101 4.53 -22.37 -4.25
CA GLY B 101 5.85 -22.22 -3.68
C GLY B 101 5.90 -23.01 -2.38
N SER B 102 6.46 -24.21 -2.42
CA SER B 102 6.30 -25.13 -1.29
C SER B 102 7.27 -24.75 -0.19
N VAL B 103 6.72 -24.33 0.95
CA VAL B 103 7.54 -24.08 2.12
C VAL B 103 7.78 -25.37 2.88
N TYR B 104 6.74 -26.20 3.01
CA TYR B 104 6.77 -27.37 3.86
C TYR B 104 6.96 -28.61 3.02
N TRP B 105 8.01 -29.36 3.32
CA TRP B 105 8.39 -30.57 2.61
C TRP B 105 8.61 -31.69 3.60
N GLY B 106 8.36 -32.92 3.16
CA GLY B 106 8.85 -34.07 3.89
C GLY B 106 10.37 -34.13 3.82
N GLN B 107 10.94 -35.04 4.61
CA GLN B 107 12.39 -35.16 4.66
C GLN B 107 12.95 -35.96 3.49
N GLY B 108 12.12 -36.57 2.67
CA GLY B 108 12.55 -37.40 1.57
C GLY B 108 12.73 -38.86 1.95
N THR B 109 12.35 -39.75 1.04
CA THR B 109 12.60 -41.18 1.16
C THR B 109 13.52 -41.58 0.01
N THR B 110 14.61 -42.27 0.34
CA THR B 110 15.51 -42.77 -0.69
C THR B 110 15.10 -44.18 -1.06
N LEU B 111 14.77 -44.37 -2.34
CA LEU B 111 14.37 -45.68 -2.87
C LEU B 111 15.49 -46.17 -3.79
N THR B 112 16.00 -47.36 -3.51
CA THR B 112 16.96 -48.03 -4.37
C THR B 112 16.27 -49.26 -4.95
N VAL B 113 9.12 -41.07 -14.82
CA VAL B 113 8.32 -42.15 -15.39
C VAL B 113 9.22 -43.38 -15.45
N SER B 114 8.82 -44.44 -14.76
CA SER B 114 9.65 -45.64 -14.71
C SER B 114 8.79 -46.84 -14.36
N SER B 115 9.15 -47.98 -14.93
CA SER B 115 8.53 -49.24 -14.55
C SER B 115 9.31 -49.98 -13.48
N ALA B 116 10.41 -49.41 -13.00
CA ALA B 116 11.22 -50.07 -11.98
C ALA B 116 10.45 -50.17 -10.67
N LYS B 117 10.71 -51.24 -9.93
CA LYS B 117 10.16 -51.30 -8.58
C LYS B 117 11.21 -50.85 -7.58
N THR B 118 10.74 -50.47 -6.40
CA THR B 118 11.64 -50.02 -5.34
C THR B 118 12.69 -51.10 -5.09
N THR B 119 13.97 -50.70 -5.18
CA THR B 119 15.09 -51.62 -5.11
C THR B 119 16.20 -50.96 -4.31
N ALA B 120 22.11 -54.96 -9.58
CA ALA B 120 23.44 -54.41 -9.73
C ALA B 120 23.67 -53.99 -11.18
N PRO B 121 24.46 -52.94 -11.42
CA PRO B 121 24.68 -52.49 -12.80
C PRO B 121 25.59 -53.42 -13.59
N SER B 122 25.38 -53.42 -14.90
CA SER B 122 26.39 -53.90 -15.82
C SER B 122 27.32 -52.72 -16.11
N VAL B 123 28.61 -52.95 -16.06
CA VAL B 123 29.60 -51.90 -16.20
C VAL B 123 30.49 -52.22 -17.40
N TYR B 124 30.49 -51.33 -18.38
CA TYR B 124 31.16 -51.60 -19.65
C TYR B 124 32.27 -50.59 -19.87
N PRO B 125 33.51 -51.04 -20.05
CA PRO B 125 34.59 -50.11 -20.42
C PRO B 125 34.45 -49.68 -21.88
N LEU B 126 34.64 -48.39 -22.15
CA LEU B 126 34.54 -47.86 -23.51
C LEU B 126 35.89 -47.32 -23.95
N ALA B 127 36.62 -48.12 -24.71
CA ALA B 127 37.86 -47.69 -25.32
C ALA B 127 37.57 -46.91 -26.59
N PRO B 128 38.50 -46.09 -27.06
CA PRO B 128 38.29 -45.36 -28.31
C PRO B 128 38.08 -46.30 -29.48
N VAL B 129 37.62 -45.73 -30.60
CA VAL B 129 37.49 -46.48 -31.84
C VAL B 129 38.78 -47.25 -32.13
N CYS B 130 38.63 -48.42 -32.74
CA CYS B 130 39.78 -49.27 -33.02
C CYS B 130 40.78 -48.53 -33.89
N GLY B 131 42.05 -48.58 -33.48
CA GLY B 131 43.09 -47.85 -34.17
C GLY B 131 43.36 -46.49 -33.56
N GLY B 132 42.58 -46.09 -32.56
CA GLY B 132 42.85 -44.86 -31.85
C GLY B 132 42.39 -43.62 -32.58
N THR B 133 42.60 -42.50 -31.92
CA THR B 133 42.17 -41.20 -32.41
C THR B 133 43.39 -40.32 -32.62
N THR B 134 43.22 -39.31 -33.47
CA THR B 134 44.27 -38.30 -33.61
C THR B 134 44.16 -37.30 -32.48
N GLY B 135 45.24 -36.57 -32.26
CA GLY B 135 45.24 -35.50 -31.29
C GLY B 135 46.04 -35.85 -30.04
N SER B 136 46.28 -34.81 -29.26
CA SER B 136 47.17 -34.88 -28.11
C SER B 136 46.46 -35.36 -26.85
N SER B 137 45.14 -35.43 -26.85
CA SER B 137 44.40 -35.98 -25.74
C SER B 137 43.51 -37.11 -26.24
N VAL B 138 43.08 -37.94 -25.28
CA VAL B 138 42.27 -39.11 -25.59
C VAL B 138 41.14 -39.17 -24.58
N THR B 139 39.96 -39.58 -25.03
CA THR B 139 38.78 -39.68 -24.18
C THR B 139 38.38 -41.13 -24.07
N LEU B 140 38.15 -41.58 -22.84
CA LEU B 140 37.68 -42.93 -22.53
C LEU B 140 36.32 -42.81 -21.87
N GLY B 141 35.57 -43.92 -21.88
CA GLY B 141 34.24 -43.91 -21.33
C GLY B 141 33.97 -45.13 -20.47
N CYS B 142 32.90 -45.02 -19.71
CA CYS B 142 32.43 -46.11 -18.88
C CYS B 142 30.91 -46.03 -18.88
N LEU B 143 30.26 -47.12 -19.28
CA LEU B 143 28.81 -47.18 -19.41
C LEU B 143 28.27 -48.07 -18.30
N VAL B 144 27.32 -47.55 -17.54
CA VAL B 144 26.78 -48.23 -16.36
C VAL B 144 25.30 -48.44 -16.64
N LYS B 145 24.90 -49.69 -16.87
CA LYS B 145 23.58 -49.93 -17.43
C LYS B 145 22.76 -50.88 -16.57
N GLY B 146 21.47 -50.58 -16.41
CA GLY B 146 20.54 -51.54 -15.85
C GLY B 146 20.56 -51.74 -14.35
N TYR B 147 20.68 -50.67 -13.56
CA TYR B 147 20.71 -50.81 -12.12
C TYR B 147 19.50 -50.20 -11.45
N PHE B 148 19.22 -50.66 -10.24
CA PHE B 148 18.19 -50.09 -9.40
C PHE B 148 18.48 -50.48 -7.96
N PRO B 149 18.27 -49.57 -7.00
CA PRO B 149 17.90 -48.15 -7.11
C PRO B 149 19.14 -47.27 -7.35
N GLU B 150 18.92 -45.97 -7.52
CA GLU B 150 19.99 -45.01 -7.40
C GLU B 150 20.43 -44.99 -5.94
N PRO B 151 21.67 -44.56 -5.67
CA PRO B 151 22.71 -44.13 -6.60
C PRO B 151 23.76 -45.19 -6.86
N VAL B 152 24.62 -44.91 -7.84
CA VAL B 152 25.92 -45.54 -7.93
C VAL B 152 26.96 -44.46 -7.65
N THR B 153 28.16 -44.91 -7.31
CA THR B 153 29.31 -44.02 -7.21
C THR B 153 30.34 -44.49 -8.23
N LEU B 154 30.60 -43.66 -9.24
CA LEU B 154 31.58 -43.96 -10.26
C LEU B 154 32.84 -43.14 -10.01
N THR B 155 33.99 -43.80 -10.05
CA THR B 155 35.27 -43.13 -9.96
C THR B 155 36.16 -43.65 -11.08
N TRP B 156 37.27 -42.94 -11.28
CA TRP B 156 38.32 -43.35 -12.19
C TRP B 156 39.61 -43.51 -11.42
N ASN B 157 40.29 -44.64 -11.61
CA ASN B 157 41.50 -44.95 -10.86
C ASN B 157 41.30 -44.72 -9.36
N SER B 158 40.17 -45.23 -8.85
CA SER B 158 39.86 -45.19 -7.42
C SER B 158 39.81 -43.76 -6.87
N GLY B 159 39.45 -42.80 -7.72
CA GLY B 159 39.36 -41.41 -7.35
C GLY B 159 40.62 -40.60 -7.55
N SER B 160 41.72 -41.26 -7.92
CA SER B 160 42.96 -40.52 -8.15
C SER B 160 42.93 -39.78 -9.48
N LEU B 161 42.05 -40.17 -10.40
CA LEU B 161 41.84 -39.47 -11.65
C LEU B 161 40.48 -38.79 -11.52
N SER B 162 40.52 -37.49 -11.20
CA SER B 162 39.29 -36.73 -10.98
C SER B 162 39.14 -35.55 -11.92
N SER B 163 40.22 -35.01 -12.45
CA SER B 163 40.14 -33.93 -13.41
C SER B 163 39.79 -34.51 -14.78
N GLY B 164 39.16 -33.68 -15.60
CA GLY B 164 38.85 -34.11 -16.95
C GLY B 164 37.73 -35.13 -17.04
N VAL B 165 36.93 -35.29 -15.98
CA VAL B 165 35.87 -36.30 -15.92
C VAL B 165 34.53 -35.62 -16.10
N HIS B 166 33.64 -36.27 -16.84
CA HIS B 166 32.23 -35.87 -16.91
C HIS B 166 31.38 -37.09 -16.61
N THR B 167 30.65 -37.05 -15.50
CA THR B 167 29.76 -38.14 -15.15
C THR B 167 28.31 -37.65 -15.27
N PHE B 168 27.57 -38.28 -16.13
CA PHE B 168 26.28 -37.75 -16.53
C PHE B 168 25.16 -38.25 -15.63
N PRO B 169 24.10 -37.45 -15.48
CA PRO B 169 22.97 -37.89 -14.67
C PRO B 169 22.36 -39.15 -15.23
N ALA B 170 21.91 -40.02 -14.33
CA ALA B 170 21.28 -41.26 -14.73
C ALA B 170 19.89 -41.01 -15.33
N LEU B 171 19.52 -41.86 -16.28
CA LEU B 171 18.20 -41.84 -16.88
C LEU B 171 17.58 -43.23 -16.79
N LEU B 172 16.24 -43.27 -16.77
CA LEU B 172 15.55 -44.54 -16.75
C LEU B 172 15.48 -45.14 -18.14
N GLN B 173 15.66 -46.45 -18.20
CA GLN B 173 15.62 -47.21 -19.44
C GLN B 173 14.88 -48.50 -19.09
N SER B 174 13.57 -48.53 -19.38
CA SER B 174 12.72 -49.68 -19.07
C SER B 174 12.76 -50.03 -17.58
N GLY B 175 12.63 -49.01 -16.74
CA GLY B 175 12.58 -49.22 -15.31
C GLY B 175 13.91 -49.36 -14.62
N LEU B 176 15.01 -49.37 -15.35
CA LEU B 176 16.33 -49.45 -14.73
C LEU B 176 17.15 -48.24 -15.15
N TYR B 177 18.08 -47.85 -14.29
CA TYR B 177 18.89 -46.67 -14.51
C TYR B 177 20.12 -46.98 -15.35
N THR B 178 20.52 -45.99 -16.14
CA THR B 178 21.76 -46.04 -16.91
C THR B 178 22.45 -44.69 -16.80
N LEU B 179 23.76 -44.71 -16.64
CA LEU B 179 24.54 -43.50 -16.75
C LEU B 179 25.85 -43.83 -17.43
N SER B 180 26.59 -42.78 -17.77
CA SER B 180 27.91 -42.99 -18.33
C SER B 180 28.82 -41.90 -17.80
N SER B 181 30.11 -42.14 -17.98
CA SER B 181 31.12 -41.17 -17.61
C SER B 181 32.22 -41.17 -18.64
N SER B 182 32.78 -39.99 -18.90
CA SER B 182 33.95 -39.85 -19.76
C SER B 182 35.09 -39.31 -18.95
N VAL B 183 36.31 -39.71 -19.34
CA VAL B 183 37.51 -39.10 -18.78
C VAL B 183 38.44 -38.77 -19.94
N THR B 184 39.07 -37.60 -19.88
CA THR B 184 39.97 -37.14 -20.91
C THR B 184 41.34 -36.92 -20.29
N VAL B 185 42.36 -37.51 -20.90
CA VAL B 185 43.73 -37.41 -20.43
C VAL B 185 44.61 -37.11 -21.64
N THR B 186 45.81 -36.62 -21.37
CA THR B 186 46.76 -36.45 -22.47
C THR B 186 47.19 -37.83 -22.99
N SER B 187 47.47 -37.91 -24.29
CA SER B 187 47.66 -39.21 -24.94
C SER B 187 48.91 -39.95 -24.49
N ASN B 188 49.88 -39.25 -23.88
CA ASN B 188 51.05 -39.91 -23.30
C ASN B 188 50.71 -40.71 -22.05
N THR B 189 49.52 -40.52 -21.49
CA THR B 189 49.10 -41.13 -20.23
C THR B 189 48.42 -42.48 -20.45
N TRP B 190 47.75 -42.66 -21.59
CA TRP B 190 46.98 -43.87 -21.85
C TRP B 190 47.14 -44.25 -23.33
N PRO B 191 47.33 -45.54 -23.64
CA PRO B 191 47.24 -46.70 -22.75
C PRO B 191 48.52 -47.07 -22.02
N SER B 192 49.57 -46.25 -22.09
CA SER B 192 50.82 -46.62 -21.44
C SER B 192 50.66 -46.77 -19.93
N GLN B 193 49.75 -46.00 -19.33
CA GLN B 193 49.38 -46.19 -17.94
C GLN B 193 47.92 -46.59 -17.85
N THR B 194 47.57 -47.34 -16.81
CA THR B 194 46.26 -47.93 -16.76
C THR B 194 45.22 -46.91 -16.30
N ILE B 195 44.03 -47.03 -16.88
CA ILE B 195 42.86 -46.28 -16.44
C ILE B 195 41.73 -47.27 -16.24
N THR B 196 41.11 -47.22 -15.08
CA THR B 196 40.07 -48.18 -14.69
C THR B 196 38.88 -47.41 -14.18
N CYS B 197 37.70 -47.77 -14.63
CA CYS B 197 36.44 -47.27 -14.09
CA CYS B 197 36.51 -47.21 -14.00
C CYS B 197 36.03 -48.13 -12.91
N ASN B 198 35.66 -47.53 -11.78
CA ASN B 198 35.18 -48.24 -10.61
C ASN B 198 33.75 -47.81 -10.35
N VAL B 199 32.86 -48.78 -10.14
CA VAL B 199 31.46 -48.48 -9.92
C VAL B 199 30.97 -49.21 -8.68
N ALA B 200 30.59 -48.46 -7.66
CA ALA B 200 30.02 -49.00 -6.45
C ALA B 200 28.51 -48.82 -6.50
N HIS B 201 27.77 -49.88 -6.15
CA HIS B 201 26.31 -49.81 -6.06
C HIS B 201 25.93 -50.26 -4.66
N PRO B 202 25.75 -49.32 -3.72
CA PRO B 202 25.53 -49.71 -2.31
C PRO B 202 24.38 -50.67 -2.10
N ALA B 203 23.28 -50.50 -2.85
CA ALA B 203 22.08 -51.29 -2.59
C ALA B 203 22.29 -52.77 -2.86
N SER B 204 23.13 -53.10 -3.84
CA SER B 204 23.47 -54.49 -4.10
C SER B 204 24.80 -54.90 -3.47
N SER B 205 25.45 -53.99 -2.73
CA SER B 205 26.73 -54.25 -2.07
C SER B 205 27.83 -54.62 -3.06
N THR B 206 27.75 -54.11 -4.29
CA THR B 206 28.70 -54.47 -5.33
C THR B 206 29.68 -53.34 -5.59
N LYS B 207 30.88 -53.73 -6.01
CA LYS B 207 31.93 -52.80 -6.42
C LYS B 207 32.66 -53.48 -7.56
N VAL B 208 32.62 -52.89 -8.75
CA VAL B 208 33.17 -53.51 -9.96
C VAL B 208 34.22 -52.57 -10.55
N ASP B 209 35.32 -53.16 -11.03
CA ASP B 209 36.38 -52.43 -11.71
C ASP B 209 36.47 -52.91 -13.14
N LYS B 210 36.53 -51.99 -14.09
CA LYS B 210 36.74 -52.32 -15.49
C LYS B 210 37.90 -51.50 -16.04
N LYS B 211 39.01 -52.16 -16.34
CA LYS B 211 40.14 -51.50 -16.97
C LYS B 211 39.81 -51.20 -18.43
N ILE B 212 40.16 -50.00 -18.89
CA ILE B 212 39.92 -49.66 -20.29
C ILE B 212 41.07 -50.24 -21.11
N GLU B 213 40.75 -51.10 -22.08
CA GLU B 213 41.75 -51.77 -22.90
C GLU B 213 41.56 -51.38 -24.36
N PRO B 214 42.63 -50.97 -25.06
CA PRO B 214 42.50 -50.66 -26.49
C PRO B 214 41.79 -51.77 -27.25
N ARG B 215 40.94 -51.36 -28.19
CA ARG B 215 40.27 -52.30 -29.05
C ARG B 215 41.27 -52.92 -30.04
N VAL B 216 40.95 -54.11 -30.51
CA VAL B 216 41.74 -54.79 -31.52
C VAL B 216 40.82 -55.19 -32.66
N PRO B 217 41.37 -55.50 -33.83
CA PRO B 217 40.53 -55.88 -34.97
C PRO B 217 39.77 -57.18 -34.71
N ILE B 218 38.80 -57.45 -35.57
CA ILE B 218 38.02 -58.68 -35.49
C ILE B 218 38.87 -59.91 -35.84
N ASP C 1 23.98 5.65 -6.31
CA ASP C 1 22.54 5.63 -6.53
C ASP C 1 22.12 4.33 -7.20
N ILE C 2 20.89 3.95 -6.97
CA ILE C 2 20.40 2.67 -7.47
C ILE C 2 19.87 2.84 -8.89
N VAL C 3 20.22 1.90 -9.76
CA VAL C 3 19.73 1.86 -11.13
C VAL C 3 18.67 0.77 -11.22
N MET C 4 17.52 1.12 -11.76
CA MET C 4 16.43 0.18 -12.02
C MET C 4 16.40 -0.03 -13.52
N THR C 5 16.67 -1.25 -13.96
CA THR C 5 16.78 -1.54 -15.38
C THR C 5 15.55 -2.31 -15.83
N GLN C 6 14.81 -1.72 -16.77
CA GLN C 6 13.78 -2.39 -17.57
C GLN C 6 14.40 -2.61 -18.94
N SER C 7 14.93 -3.81 -19.18
CA SER C 7 15.63 -4.05 -20.43
C SER C 7 14.73 -4.08 -21.67
N GLN C 8 13.44 -4.41 -21.53
CA GLN C 8 12.54 -4.42 -22.67
C GLN C 8 11.81 -3.08 -22.74
N LYS C 9 12.26 -2.20 -23.64
CA LYS C 9 11.64 -0.90 -23.79
C LYS C 9 10.31 -0.98 -24.53
N PHE C 10 10.15 -1.98 -25.40
CA PHE C 10 8.93 -2.14 -26.18
C PHE C 10 8.52 -3.60 -26.16
N MET C 11 7.22 -3.84 -25.94
CA MET C 11 6.67 -5.18 -25.99
C MET C 11 5.42 -5.16 -26.84
N SER C 12 5.30 -6.15 -27.72
CA SER C 12 4.10 -6.33 -28.54
C SER C 12 3.33 -7.50 -27.97
N THR C 13 2.03 -7.31 -27.78
CA THR C 13 1.21 -8.31 -27.11
C THR C 13 -0.13 -8.44 -27.81
N SER C 14 -0.74 -9.61 -27.68
CA SER C 14 -2.11 -9.80 -28.12
C SER C 14 -3.04 -9.73 -26.92
N VAL C 15 -4.27 -9.27 -27.16
CA VAL C 15 -5.30 -9.36 -26.14
C VAL C 15 -5.40 -10.80 -25.66
N GLY C 16 -5.42 -10.99 -24.34
CA GLY C 16 -5.43 -12.29 -23.73
C GLY C 16 -4.08 -12.84 -23.33
N ASP C 17 -2.98 -12.22 -23.78
CA ASP C 17 -1.66 -12.71 -23.42
C ASP C 17 -1.36 -12.47 -21.95
N ARG C 18 -0.46 -13.31 -21.42
CA ARG C 18 0.20 -13.07 -20.14
C ARG C 18 1.41 -12.20 -20.42
N VAL C 19 1.38 -10.96 -19.92
CA VAL C 19 2.47 -10.00 -20.16
C VAL C 19 3.37 -10.00 -18.93
N SER C 20 4.67 -10.13 -19.14
CA SER C 20 5.66 -10.14 -18.07
C SER C 20 6.61 -8.97 -18.26
N ILE C 21 6.61 -8.03 -17.33
CA ILE C 21 7.49 -6.87 -17.38
C ILE C 21 8.49 -6.99 -16.24
N THR C 22 9.78 -6.93 -16.57
CA THR C 22 10.86 -7.21 -15.63
C THR C 22 11.56 -5.92 -15.24
N CYS C 23 11.92 -5.82 -13.97
CA CYS C 23 12.67 -4.69 -13.44
CA CYS C 23 12.69 -4.70 -13.43
C CYS C 23 13.78 -5.25 -12.55
N LYS C 24 15.03 -4.87 -12.84
CA LYS C 24 16.21 -5.36 -12.15
C LYS C 24 16.89 -4.20 -11.43
N ALA C 25 17.03 -4.31 -10.11
CA ALA C 25 17.70 -3.29 -9.31
C ALA C 25 19.20 -3.57 -9.24
N SER C 26 20.00 -2.50 -9.29
CA SER C 26 21.45 -2.66 -9.28
C SER C 26 22.00 -3.08 -7.92
N GLN C 27 21.19 -3.00 -6.88
CA GLN C 27 21.53 -3.54 -5.57
C GLN C 27 20.23 -3.94 -4.89
N ASN C 28 20.36 -4.67 -3.79
CA ASN C 28 19.19 -5.22 -3.12
C ASN C 28 18.33 -4.09 -2.58
N VAL C 29 17.06 -4.08 -2.98
CA VAL C 29 16.09 -3.10 -2.54
C VAL C 29 14.95 -3.72 -1.73
N GLY C 30 15.10 -4.99 -1.34
CA GLY C 30 14.10 -5.65 -0.53
C GLY C 30 12.79 -5.83 -1.30
N THR C 31 11.71 -5.27 -0.76
CA THR C 31 10.44 -5.22 -1.46
C THR C 31 9.98 -3.79 -1.73
N ALA C 32 10.90 -2.83 -1.72
CA ALA C 32 10.55 -1.41 -1.83
C ALA C 32 10.43 -0.98 -3.30
N VAL C 33 9.46 -1.56 -4.01
CA VAL C 33 9.29 -1.32 -5.44
C VAL C 33 7.81 -1.05 -5.76
N ALA C 34 7.55 -0.01 -6.53
CA ALA C 34 6.21 0.28 -7.03
C ALA C 34 6.18 0.11 -8.55
N TRP C 35 4.98 -0.16 -9.07
CA TRP C 35 4.75 -0.20 -10.50
C TRP C 35 3.63 0.77 -10.85
N TYR C 36 3.84 1.50 -11.94
CA TYR C 36 2.85 2.45 -12.47
C TYR C 36 2.57 2.15 -13.93
N GLN C 37 1.39 2.57 -14.39
CA GLN C 37 1.11 2.67 -15.81
C GLN C 37 0.80 4.13 -16.16
N GLN C 38 1.14 4.54 -17.37
CA GLN C 38 0.90 5.91 -17.79
C GLN C 38 0.41 5.93 -19.22
N LYS C 39 -0.63 6.71 -19.47
CA LYS C 39 -1.13 6.91 -20.82
C LYS C 39 -0.83 8.33 -21.27
N PRO C 40 -0.78 8.58 -22.58
CA PRO C 40 -0.34 9.90 -23.07
C PRO C 40 -1.19 11.02 -22.53
N GLY C 41 -0.53 12.10 -22.13
CA GLY C 41 -1.20 13.28 -21.61
C GLY C 41 -1.64 13.18 -20.16
N GLN C 42 -1.38 12.06 -19.49
CA GLN C 42 -1.82 11.88 -18.12
C GLN C 42 -0.63 11.65 -17.21
N SER C 43 -0.84 11.92 -15.93
CA SER C 43 0.13 11.50 -14.94
C SER C 43 0.09 9.97 -14.79
N PRO C 44 1.18 9.38 -14.32
CA PRO C 44 1.15 7.92 -14.06
C PRO C 44 0.15 7.59 -12.97
N LYS C 45 -0.33 6.35 -13.02
CA LYS C 45 -1.25 5.81 -12.03
C LYS C 45 -0.59 4.61 -11.35
N LEU C 46 -0.72 4.55 -10.02
CA LEU C 46 -0.11 3.46 -9.27
C LEU C 46 -0.87 2.15 -9.49
N LEU C 47 -0.14 1.08 -9.76
CA LEU C 47 -0.72 -0.26 -9.88
C LEU C 47 -0.39 -1.14 -8.69
N ILE C 48 0.90 -1.21 -8.33
CA ILE C 48 1.40 -2.13 -7.31
C ILE C 48 2.32 -1.33 -6.41
N TYR C 49 2.28 -1.62 -5.11
CA TYR C 49 3.17 -0.97 -4.17
C TYR C 49 3.84 -2.01 -3.29
N SER C 50 5.05 -1.68 -2.84
CA SER C 50 5.89 -2.56 -2.05
C SER C 50 5.93 -3.97 -2.62
N ALA C 51 6.22 -4.03 -3.92
CA ALA C 51 6.52 -5.21 -4.71
C ALA C 51 5.31 -6.05 -5.10
N SER C 52 4.39 -6.28 -4.15
CA SER C 52 3.42 -7.34 -4.35
C SER C 52 2.01 -6.97 -3.94
N ASN C 53 1.74 -5.73 -3.60
CA ASN C 53 0.43 -5.31 -3.11
C ASN C 53 -0.30 -4.54 -4.20
N ARG C 54 -1.47 -5.03 -4.59
CA ARG C 54 -2.25 -4.37 -5.64
C ARG C 54 -3.05 -3.20 -5.07
N TYR C 55 -2.96 -2.05 -5.72
CA TYR C 55 -3.67 -0.88 -5.22
C TYR C 55 -5.16 -0.99 -5.53
N THR C 56 -5.98 -0.37 -4.67
CA THR C 56 -7.42 -0.45 -4.82
C THR C 56 -7.87 0.09 -6.17
N GLY C 57 -8.86 -0.59 -6.77
CA GLY C 57 -9.40 -0.20 -8.05
C GLY C 57 -8.65 -0.78 -9.23
N VAL C 58 -7.43 -1.23 -9.04
CA VAL C 58 -6.64 -1.84 -10.12
C VAL C 58 -7.21 -3.21 -10.43
N PRO C 59 -7.42 -3.57 -11.71
CA PRO C 59 -7.96 -4.89 -12.02
C PRO C 59 -7.08 -6.02 -11.49
N ASP C 60 -7.71 -7.13 -11.09
CA ASP C 60 -6.95 -8.26 -10.56
C ASP C 60 -6.07 -8.93 -11.61
N ARG C 61 -6.18 -8.54 -12.87
CA ARG C 61 -5.24 -8.96 -13.91
C ARG C 61 -3.80 -8.56 -13.62
N PHE C 62 -3.58 -7.52 -12.80
CA PHE C 62 -2.24 -7.02 -12.52
C PHE C 62 -1.72 -7.62 -11.21
N THR C 63 -0.54 -8.24 -11.26
CA THR C 63 0.07 -8.77 -10.04
C THR C 63 1.56 -8.44 -10.06
N GLY C 64 2.08 -7.89 -8.97
CA GLY C 64 3.51 -7.70 -8.79
C GLY C 64 4.10 -8.82 -7.96
N SER C 65 5.34 -9.20 -8.28
CA SER C 65 6.05 -10.22 -7.52
C SER C 65 7.55 -9.90 -7.50
N GLY C 66 8.27 -10.60 -6.64
CA GLY C 66 9.71 -10.47 -6.58
C GLY C 66 10.17 -9.80 -5.30
N SER C 67 11.47 -9.95 -5.05
CA SER C 67 12.13 -9.31 -3.91
C SER C 67 13.62 -9.34 -4.14
N GLY C 68 14.34 -8.48 -3.43
CA GLY C 68 15.77 -8.40 -3.58
C GLY C 68 16.18 -7.51 -4.74
N THR C 69 16.55 -8.09 -5.88
CA THR C 69 16.90 -7.31 -7.05
C THR C 69 15.96 -7.53 -8.23
N ASP C 70 15.14 -8.57 -8.23
CA ASP C 70 14.40 -9.00 -9.42
C ASP C 70 12.91 -8.84 -9.18
N PHE C 71 12.25 -8.00 -9.96
CA PHE C 71 10.83 -7.72 -9.79
C PHE C 71 10.09 -7.92 -11.10
N THR C 72 8.85 -8.37 -11.01
CA THR C 72 8.05 -8.68 -12.19
C THR C 72 6.65 -8.13 -11.99
N LEU C 73 6.16 -7.43 -13.01
CA LEU C 73 4.74 -7.12 -13.12
C LEU C 73 4.15 -8.07 -14.15
N THR C 74 3.13 -8.81 -13.76
CA THR C 74 2.43 -9.71 -14.66
C THR C 74 1.05 -9.15 -14.95
N ILE C 75 0.70 -9.06 -16.22
CA ILE C 75 -0.67 -8.75 -16.62
C ILE C 75 -1.22 -10.02 -17.22
N SER C 76 -2.16 -10.65 -16.52
CA SER C 76 -2.85 -11.79 -17.09
C SER C 76 -4.00 -11.29 -17.95
N ASN C 77 -4.34 -12.08 -18.97
CA ASN C 77 -5.48 -11.78 -19.84
C ASN C 77 -5.47 -10.32 -20.30
N MET C 78 -4.37 -9.92 -20.92
CA MET C 78 -4.19 -8.50 -21.24
C MET C 78 -5.36 -7.97 -22.08
N GLN C 79 -5.83 -6.78 -21.72
CA GLN C 79 -6.91 -6.11 -22.45
C GLN C 79 -6.37 -4.88 -23.17
N SER C 80 -7.13 -4.40 -24.14
CA SER C 80 -6.64 -3.29 -24.95
C SER C 80 -6.42 -2.03 -24.11
N GLU C 81 -7.21 -1.85 -23.06
CA GLU C 81 -7.00 -0.69 -22.19
C GLU C 81 -5.69 -0.77 -21.42
N ASP C 82 -5.01 -1.91 -21.44
CA ASP C 82 -3.74 -2.05 -20.72
C ASP C 82 -2.56 -1.55 -21.55
N LEU C 83 -2.79 -1.17 -22.80
CA LEU C 83 -1.73 -0.60 -23.60
C LEU C 83 -1.34 0.75 -23.02
N ALA C 84 -0.07 0.91 -22.72
CA ALA C 84 0.40 2.01 -21.90
C ALA C 84 1.90 1.86 -21.72
N ASP C 85 2.50 2.87 -21.09
CA ASP C 85 3.86 2.77 -20.60
C ASP C 85 3.84 2.31 -19.15
N TYR C 86 4.74 1.40 -18.82
CA TYR C 86 4.84 0.84 -17.48
C TYR C 86 6.21 1.16 -16.89
N PHE C 87 6.23 1.59 -15.63
CA PHE C 87 7.45 1.97 -14.95
C PHE C 87 7.51 1.33 -13.58
N CYS C 88 8.70 0.84 -13.21
CA CYS C 88 8.95 0.52 -11.82
C CYS C 88 9.69 1.69 -11.15
N GLN C 89 9.70 1.68 -9.82
CA GLN C 89 10.38 2.71 -9.04
C GLN C 89 10.77 2.08 -7.71
N GLN C 90 11.94 2.45 -7.20
CA GLN C 90 12.39 1.92 -5.91
C GLN C 90 12.39 3.01 -4.83
N PHE C 91 12.14 2.56 -3.59
CA PHE C 91 12.05 3.42 -2.43
C PHE C 91 12.98 2.97 -1.31
N SER C 92 14.04 2.24 -1.67
CA SER C 92 15.02 1.78 -0.69
C SER C 92 15.87 2.92 -0.17
N SER C 93 16.24 3.86 -1.05
CA SER C 93 17.07 4.98 -0.64
C SER C 93 16.97 6.06 -1.72
N TYR C 94 17.29 7.28 -1.34
CA TYR C 94 17.25 8.38 -2.30
C TYR C 94 18.47 8.29 -3.21
N PRO C 95 18.30 8.65 -4.50
CA PRO C 95 17.06 9.09 -5.14
C PRO C 95 16.13 7.92 -5.46
N TYR C 96 14.82 8.18 -5.44
CA TYR C 96 13.80 7.15 -5.68
C TYR C 96 13.67 6.91 -7.19
N THR C 97 14.65 6.19 -7.74
CA THR C 97 14.82 6.09 -9.18
C THR C 97 13.75 5.21 -9.84
N PHE C 98 13.40 5.59 -11.07
CA PHE C 98 12.49 4.84 -11.92
C PHE C 98 13.28 3.93 -12.87
N GLY C 99 12.67 2.81 -13.24
CA GLY C 99 13.08 2.07 -14.41
C GLY C 99 12.86 2.88 -15.67
N GLY C 100 13.47 2.42 -16.76
CA GLY C 100 13.44 3.17 -18.01
C GLY C 100 12.13 3.14 -18.75
N GLY C 101 11.19 2.29 -18.33
CA GLY C 101 9.90 2.19 -18.98
C GLY C 101 9.80 1.06 -19.98
N THR C 102 8.61 0.46 -20.05
CA THR C 102 8.28 -0.54 -21.06
C THR C 102 6.96 -0.11 -21.68
N LYS C 103 6.97 0.08 -23.00
CA LYS C 103 5.77 0.49 -23.71
C LYS C 103 5.11 -0.75 -24.29
N LEU C 104 3.86 -0.98 -23.89
CA LEU C 104 3.10 -2.12 -24.37
C LEU C 104 2.25 -1.68 -25.56
N GLU C 105 2.43 -2.36 -26.68
CA GLU C 105 1.67 -2.12 -27.91
C GLU C 105 1.01 -3.42 -28.36
N ILE C 106 0.10 -3.34 -29.32
CA ILE C 106 -0.71 -4.49 -29.67
C ILE C 106 -0.21 -5.13 -30.95
N LYS C 107 -0.30 -6.46 -30.99
CA LYS C 107 0.10 -7.23 -32.15
C LYS C 107 -1.06 -7.34 -33.14
N ARG C 108 -0.71 -7.38 -34.42
CA ARG C 108 -1.64 -7.74 -35.48
C ARG C 108 -0.83 -8.46 -36.54
N ALA C 109 -1.50 -8.91 -37.62
CA ALA C 109 -0.78 -9.57 -38.70
C ALA C 109 0.23 -8.63 -39.33
N ASP C 110 1.37 -9.18 -39.76
CA ASP C 110 2.36 -8.38 -40.46
C ASP C 110 1.72 -7.70 -41.67
N ALA C 111 2.17 -6.49 -41.96
CA ALA C 111 1.70 -5.73 -43.11
C ALA C 111 2.86 -4.95 -43.70
N ALA C 112 3.08 -5.09 -45.00
CA ALA C 112 4.14 -4.36 -45.68
C ALA C 112 3.78 -2.88 -45.76
N PRO C 113 4.76 -1.98 -45.65
CA PRO C 113 4.48 -0.57 -45.84
C PRO C 113 4.13 -0.27 -47.29
N THR C 114 3.27 0.72 -47.47
CA THR C 114 3.05 1.33 -48.78
C THR C 114 3.98 2.53 -48.86
N VAL C 115 4.90 2.52 -49.81
CA VAL C 115 5.98 3.50 -49.88
C VAL C 115 5.76 4.43 -51.07
N SER C 116 5.89 5.73 -50.83
CA SER C 116 5.73 6.74 -51.86
C SER C 116 6.83 7.77 -51.70
N ILE C 117 7.43 8.20 -52.80
CA ILE C 117 8.56 9.13 -52.77
C ILE C 117 8.14 10.45 -53.42
N PHE C 118 8.61 11.54 -52.84
CA PHE C 118 8.22 12.89 -53.27
C PHE C 118 9.45 13.76 -53.46
N PRO C 119 9.75 14.17 -54.69
CA PRO C 119 10.83 15.14 -54.89
C PRO C 119 10.47 16.46 -54.22
N PRO C 120 11.46 17.32 -54.00
CA PRO C 120 11.16 18.66 -53.50
C PRO C 120 10.12 19.35 -54.38
N SER C 121 9.26 20.11 -53.72
CA SER C 121 8.30 20.93 -54.45
C SER C 121 9.03 22.09 -55.12
N SER C 122 8.45 22.59 -56.22
CA SER C 122 9.01 23.76 -56.85
C SER C 122 9.10 24.92 -55.88
N GLU C 123 8.11 25.03 -54.98
CA GLU C 123 8.12 26.14 -54.03
C GLU C 123 9.28 26.03 -53.05
N GLN C 124 9.56 24.83 -52.56
CA GLN C 124 10.73 24.69 -51.68
C GLN C 124 12.02 24.99 -52.41
N LEU C 125 12.13 24.65 -53.70
CA LEU C 125 13.37 24.88 -54.44
C LEU C 125 13.65 26.35 -54.71
N THR C 126 12.77 27.26 -54.34
CA THR C 126 13.17 28.65 -54.35
C THR C 126 14.04 29.00 -53.16
N SER C 127 14.07 28.14 -52.15
CA SER C 127 14.62 28.44 -50.82
C SER C 127 16.09 28.13 -50.65
N GLY C 128 16.71 27.36 -51.53
CA GLY C 128 18.07 26.92 -51.24
C GLY C 128 18.17 25.70 -50.36
N GLY C 129 17.05 25.22 -49.81
CA GLY C 129 16.99 23.89 -49.22
C GLY C 129 16.11 22.99 -50.07
N ALA C 130 16.31 21.68 -49.96
CA ALA C 130 15.54 20.72 -50.74
C ALA C 130 15.27 19.50 -49.86
N SER C 131 14.01 19.11 -49.73
CA SER C 131 13.65 17.94 -48.96
C SER C 131 13.04 16.90 -49.87
N VAL C 132 13.55 15.68 -49.79
CA VAL C 132 12.98 14.53 -50.48
C VAL C 132 12.27 13.72 -49.40
N VAL C 133 10.99 13.42 -49.63
CA VAL C 133 10.18 12.77 -48.60
C VAL C 133 9.80 11.38 -49.07
N CYS C 134 9.95 10.39 -48.18
CA CYS C 134 9.32 9.10 -48.36
C CYS C 134 8.32 8.87 -47.25
N PHE C 135 7.09 8.52 -47.63
CA PHE C 135 6.10 8.04 -46.68
C PHE C 135 6.08 6.52 -46.74
N LEU C 136 6.06 5.89 -45.57
CA LEU C 136 6.01 4.43 -45.44
C LEU C 136 4.80 4.18 -44.56
N ASN C 137 3.68 3.78 -45.17
CA ASN C 137 2.39 3.87 -44.50
C ASN C 137 1.78 2.51 -44.20
N ASN C 138 1.14 2.43 -43.03
CA ASN C 138 0.25 1.31 -42.67
C ASN C 138 0.99 -0.03 -42.60
N PHE C 139 2.09 -0.06 -41.85
CA PHE C 139 2.88 -1.28 -41.76
C PHE C 139 2.85 -1.86 -40.35
N TYR C 140 3.22 -3.13 -40.25
CA TYR C 140 3.35 -3.81 -38.98
C TYR C 140 4.33 -4.97 -39.19
N PRO C 141 5.28 -5.18 -38.26
CA PRO C 141 5.52 -4.47 -37.00
C PRO C 141 6.23 -3.13 -37.17
N LYS C 142 6.44 -2.44 -36.04
CA LYS C 142 6.99 -1.09 -36.08
C LYS C 142 8.44 -1.07 -36.57
N ASP C 143 9.19 -2.15 -36.34
CA ASP C 143 10.61 -2.15 -36.68
C ASP C 143 10.78 -2.01 -38.19
N ILE C 144 11.48 -0.96 -38.61
CA ILE C 144 11.68 -0.66 -40.02
C ILE C 144 12.93 0.20 -40.11
N ASN C 145 13.66 0.05 -41.20
CA ASN C 145 14.85 0.85 -41.42
C ASN C 145 14.83 1.44 -42.81
N VAL C 146 15.18 2.72 -42.91
CA VAL C 146 15.19 3.43 -44.19
C VAL C 146 16.62 3.83 -44.50
N LYS C 147 17.06 3.52 -45.72
CA LYS C 147 18.36 3.92 -46.21
C LYS C 147 18.15 4.80 -47.42
N TRP C 148 18.77 5.98 -47.42
CA TRP C 148 18.67 6.92 -48.53
C TRP C 148 19.93 6.86 -49.37
N LYS C 149 19.76 6.97 -50.69
CA LYS C 149 20.88 7.07 -51.62
C LYS C 149 20.67 8.22 -52.58
N ILE C 150 21.79 8.84 -52.96
CA ILE C 150 21.83 9.88 -53.97
C ILE C 150 22.83 9.42 -55.00
N ASP C 151 22.38 9.20 -56.24
CA ASP C 151 23.24 8.71 -57.31
C ASP C 151 24.09 7.52 -56.86
N GLY C 152 23.44 6.60 -56.13
CA GLY C 152 24.04 5.35 -55.71
C GLY C 152 24.76 5.40 -54.38
N SER C 153 25.04 6.59 -53.85
CA SER C 153 25.84 6.74 -52.64
C SER C 153 24.90 6.96 -51.45
N GLU C 154 25.07 6.16 -50.40
CA GLU C 154 24.25 6.34 -49.22
C GLU C 154 24.48 7.72 -48.60
N ARG C 155 23.39 8.33 -48.13
CA ARG C 155 23.44 9.59 -47.39
C ARG C 155 22.76 9.36 -46.05
N GLN C 156 23.50 9.60 -44.97
CA GLN C 156 22.96 9.48 -43.61
C GLN C 156 22.68 10.82 -42.96
N ASN C 157 23.55 11.81 -43.17
CA ASN C 157 23.32 13.13 -42.58
C ASN C 157 22.13 13.80 -43.26
N GLY C 158 21.32 14.50 -42.47
CA GLY C 158 20.19 15.22 -43.01
C GLY C 158 18.93 14.41 -43.14
N VAL C 159 18.89 13.20 -42.61
CA VAL C 159 17.69 12.35 -42.63
C VAL C 159 16.95 12.53 -41.32
N LEU C 160 15.66 12.84 -41.41
CA LEU C 160 14.79 12.97 -40.24
C LEU C 160 13.60 12.04 -40.38
N ASN C 161 13.40 11.20 -39.38
CA ASN C 161 12.32 10.22 -39.39
C ASN C 161 11.32 10.55 -38.31
N SER C 162 10.04 10.44 -38.66
CA SER C 162 8.98 10.67 -37.70
C SER C 162 7.92 9.59 -37.84
N TRP C 163 7.46 9.06 -36.71
CA TRP C 163 6.55 7.93 -36.69
C TRP C 163 5.25 8.34 -36.04
N THR C 164 4.12 7.90 -36.63
CA THR C 164 2.87 8.04 -35.90
C THR C 164 2.79 7.03 -34.76
N ASP C 165 1.96 7.34 -33.77
CA ASP C 165 1.62 6.35 -32.78
C ASP C 165 0.85 5.21 -33.46
N GLN C 166 0.86 4.04 -32.84
CA GLN C 166 0.11 2.91 -33.37
C GLN C 166 -1.35 3.31 -33.56
N ASP C 167 -1.89 3.04 -34.74
CA ASP C 167 -3.24 3.52 -35.05
C ASP C 167 -4.28 2.85 -34.16
N SER C 168 -5.23 3.65 -33.68
CA SER C 168 -6.20 3.15 -32.71
C SER C 168 -7.21 2.20 -33.33
N LYS C 169 -7.34 2.18 -34.66
CA LYS C 169 -8.30 1.31 -35.32
C LYS C 169 -7.64 0.13 -36.02
N ASP C 170 -6.59 0.38 -36.79
CA ASP C 170 -6.01 -0.66 -37.63
C ASP C 170 -4.72 -1.26 -37.08
N SER C 171 -4.22 -0.73 -35.95
CA SER C 171 -3.04 -1.24 -35.26
C SER C 171 -1.76 -1.17 -36.08
N THR C 172 -1.74 -0.41 -37.17
CA THR C 172 -0.51 -0.25 -37.94
C THR C 172 0.27 0.97 -37.49
N TYR C 173 1.46 1.08 -38.06
CA TYR C 173 2.33 2.25 -37.90
C TYR C 173 2.53 2.90 -39.25
N SER C 174 2.85 4.19 -39.22
CA SER C 174 3.28 4.89 -40.43
C SER C 174 4.49 5.75 -40.08
N MET C 175 5.28 6.09 -41.10
CA MET C 175 6.54 6.80 -40.89
C MET C 175 6.75 7.74 -42.06
N SER C 176 7.30 8.91 -41.76
CA SER C 176 7.84 9.80 -42.78
C SER C 176 9.35 9.80 -42.63
N SER C 177 10.06 9.68 -43.74
CA SER C 177 11.50 9.80 -43.75
C SER C 177 11.84 10.91 -44.73
N THR C 178 12.55 11.94 -44.25
CA THR C 178 12.80 13.12 -45.05
C THR C 178 14.30 13.36 -45.13
N LEU C 179 14.81 13.38 -46.36
CA LEU C 179 16.20 13.69 -46.62
C LEU C 179 16.30 15.16 -47.01
N THR C 180 17.00 15.96 -46.21
CA THR C 180 17.16 17.37 -46.52
C THR C 180 18.59 17.65 -46.93
N LEU C 181 18.75 18.33 -48.05
CA LEU C 181 20.06 18.72 -48.55
C LEU C 181 19.95 20.13 -49.10
N THR C 182 21.08 20.70 -49.49
CA THR C 182 21.00 22.02 -50.10
C THR C 182 20.40 21.90 -51.49
N LYS C 183 19.77 22.98 -51.94
CA LYS C 183 19.27 22.99 -53.31
C LYS C 183 20.42 22.80 -54.29
N ASP C 184 21.58 23.41 -54.02
CA ASP C 184 22.71 23.26 -54.93
C ASP C 184 23.11 21.80 -55.06
N GLU C 185 23.20 21.08 -53.94
CA GLU C 185 23.54 19.66 -54.05
C GLU C 185 22.44 18.88 -54.75
N TYR C 186 21.17 19.20 -54.45
CA TYR C 186 20.06 18.47 -55.05
C TYR C 186 20.11 18.55 -56.58
N GLU C 187 20.45 19.72 -57.12
CA GLU C 187 20.45 19.87 -58.57
C GLU C 187 21.71 19.37 -59.24
N ARG C 188 22.68 18.86 -58.46
CA ARG C 188 23.89 18.24 -59.00
C ARG C 188 23.76 16.73 -59.13
N HIS C 189 22.60 16.17 -58.81
CA HIS C 189 22.43 14.73 -58.86
C HIS C 189 21.10 14.40 -59.52
N ASN C 190 20.97 13.18 -60.03
CA ASN C 190 19.74 12.80 -60.70
C ASN C 190 18.95 11.75 -59.94
N SER C 191 19.57 10.71 -59.41
CA SER C 191 18.84 9.59 -58.82
C SER C 191 18.74 9.76 -57.31
N TYR C 192 17.52 9.58 -56.80
CA TYR C 192 17.23 9.66 -55.37
C TYR C 192 16.44 8.40 -55.01
N THR C 193 16.84 7.73 -53.93
CA THR C 193 16.26 6.45 -53.57
C THR C 193 16.05 6.38 -52.07
N CYS C 194 14.87 5.92 -51.65
CA CYS C 194 14.67 5.48 -50.28
C CYS C 194 14.38 3.98 -50.27
N GLU C 195 15.11 3.24 -49.44
CA GLU C 195 14.98 1.79 -49.35
C GLU C 195 14.50 1.42 -47.97
N ALA C 196 13.42 0.64 -47.90
CA ALA C 196 12.81 0.27 -46.62
C ALA C 196 13.04 -1.21 -46.32
N THR C 197 13.81 -1.50 -45.27
CA THR C 197 13.98 -2.87 -44.81
C THR C 197 12.91 -3.18 -43.77
N HIS C 198 12.17 -4.26 -43.98
CA HIS C 198 11.07 -4.62 -43.11
C HIS C 198 10.88 -6.12 -43.20
N LYS C 199 10.40 -6.73 -42.11
CA LYS C 199 10.35 -8.20 -42.09
C LYS C 199 9.40 -8.78 -43.13
N THR C 200 8.52 -7.98 -43.73
CA THR C 200 7.57 -8.48 -44.70
C THR C 200 8.16 -8.72 -46.08
N SER C 201 9.43 -8.40 -46.29
CA SER C 201 10.07 -8.68 -47.57
C SER C 201 11.50 -9.12 -47.33
N THR C 202 11.97 -10.05 -48.17
CA THR C 202 13.33 -10.55 -48.00
C THR C 202 14.35 -9.52 -48.44
N SER C 203 13.98 -8.65 -49.37
CA SER C 203 14.80 -7.50 -49.75
C SER C 203 13.99 -6.22 -49.55
N PRO C 204 14.65 -5.09 -49.34
CA PRO C 204 13.90 -3.84 -49.08
C PRO C 204 12.97 -3.46 -50.22
N ILE C 205 11.91 -2.73 -49.86
CA ILE C 205 11.13 -2.01 -50.87
C ILE C 205 11.93 -0.79 -51.31
N VAL C 206 12.06 -0.58 -52.62
CA VAL C 206 12.85 0.50 -53.20
C VAL C 206 11.89 1.46 -53.91
N LYS C 207 11.89 2.72 -53.49
CA LYS C 207 11.28 3.78 -54.30
C LYS C 207 12.38 4.74 -54.72
N SER C 208 12.39 5.08 -56.01
CA SER C 208 13.44 5.90 -56.57
C SER C 208 12.86 6.76 -57.69
N PHE C 209 13.45 7.93 -57.91
CA PHE C 209 13.12 8.71 -59.09
C PHE C 209 14.40 9.31 -59.66
N ASN C 210 14.33 9.62 -60.95
CA ASN C 210 15.33 10.45 -61.62
C ASN C 210 14.78 11.86 -61.71
N ARG C 211 15.52 12.81 -61.14
CA ARG C 211 15.07 14.20 -61.01
C ARG C 211 14.63 14.79 -62.35
N ASN C 212 15.36 14.51 -63.43
CA ASN C 212 15.08 15.17 -64.69
C ASN C 212 14.15 14.39 -65.61
N GLU C 213 13.48 13.36 -65.10
CA GLU C 213 12.59 12.54 -65.92
C GLU C 213 11.12 12.80 -65.63
N CYS C 214 10.28 12.44 -66.59
CA CYS C 214 8.85 12.52 -66.41
C CYS C 214 8.14 11.40 -67.16
N ALA D 1 -8.73 11.63 -6.01
CA ALA D 1 -7.57 12.49 -6.18
C ALA D 1 -7.30 12.77 -7.66
N GLN D 2 -7.11 14.05 -8.02
CA GLN D 2 -6.79 14.44 -9.38
C GLN D 2 -5.81 15.60 -9.37
N LEU D 3 -4.88 15.59 -10.32
CA LEU D 3 -3.96 16.70 -10.55
C LEU D 3 -4.15 17.16 -11.98
N GLN D 4 -4.45 18.45 -12.18
CA GLN D 4 -4.67 19.01 -13.50
C GLN D 4 -3.57 20.02 -13.80
N GLN D 5 -2.90 19.84 -14.92
CA GLN D 5 -1.78 20.73 -15.28
C GLN D 5 -2.17 21.73 -16.35
N SER D 6 -1.48 22.87 -16.32
CA SER D 6 -1.61 23.88 -17.35
C SER D 6 -0.30 24.64 -17.47
N GLY D 7 -0.12 25.30 -18.60
CA GLY D 7 1.07 26.09 -18.79
C GLY D 7 1.36 26.31 -20.25
N THR D 8 2.17 27.35 -20.51
CA THR D 8 2.56 27.70 -21.86
C THR D 8 3.37 26.58 -22.49
N GLY D 9 3.08 26.28 -23.75
CA GLY D 9 3.75 25.18 -24.43
C GLY D 9 4.91 25.59 -25.32
N LEU D 10 5.03 26.88 -25.65
CA LEU D 10 6.06 27.33 -26.56
C LEU D 10 6.71 28.58 -25.99
N ALA D 11 8.04 28.59 -25.93
CA ALA D 11 8.78 29.68 -25.34
C ALA D 11 10.05 29.92 -26.14
N ARG D 12 10.54 31.16 -26.08
CA ARG D 12 11.81 31.51 -26.69
C ARG D 12 12.93 31.36 -25.67
N PRO D 13 14.15 31.12 -26.13
CA PRO D 13 15.27 31.06 -25.19
C PRO D 13 15.34 32.32 -24.37
N GLY D 14 15.61 32.15 -23.07
CA GLY D 14 15.64 33.25 -22.13
C GLY D 14 14.34 33.47 -21.38
N ALA D 15 13.24 32.89 -21.84
CA ALA D 15 11.96 33.13 -21.20
C ALA D 15 11.86 32.38 -19.88
N SER D 16 10.90 32.81 -19.07
CA SER D 16 10.46 32.08 -17.89
C SER D 16 9.04 31.64 -18.14
N VAL D 17 8.70 30.43 -17.68
CA VAL D 17 7.33 29.95 -17.73
C VAL D 17 6.95 29.42 -16.36
N LYS D 18 5.71 29.68 -15.96
CA LYS D 18 5.18 29.17 -14.70
C LYS D 18 4.17 28.08 -15.02
N LEU D 19 4.48 26.85 -14.64
CA LEU D 19 3.58 25.72 -14.83
C LEU D 19 2.72 25.53 -13.59
N SER D 20 1.47 25.14 -13.79
CA SER D 20 0.51 24.98 -12.71
C SER D 20 0.07 23.52 -12.58
N CYS D 21 -0.22 23.14 -11.34
CA CYS D 21 -0.67 21.78 -11.00
C CYS D 21 -1.78 21.98 -9.97
N LYS D 22 -3.03 21.84 -10.40
CA LYS D 22 -4.18 22.09 -9.54
C LYS D 22 -4.68 20.76 -8.98
N ALA D 23 -4.69 20.63 -7.66
CA ALA D 23 -5.06 19.40 -6.97
C ALA D 23 -6.50 19.47 -6.52
N SER D 24 -7.16 18.31 -6.53
CA SER D 24 -8.48 18.20 -5.94
C SER D 24 -8.72 16.76 -5.51
N GLY D 25 -9.73 16.57 -4.66
CA GLY D 25 -10.16 15.23 -4.31
C GLY D 25 -9.40 14.56 -3.18
N TYR D 26 -8.49 15.28 -2.52
CA TYR D 26 -7.78 14.78 -1.35
C TYR D 26 -7.30 16.00 -0.57
N THR D 27 -6.73 15.74 0.60
CA THR D 27 -6.24 16.84 1.43
C THR D 27 -4.83 17.25 0.98
N PHE D 28 -4.74 18.41 0.35
CA PHE D 28 -3.51 18.89 -0.28
C PHE D 28 -2.36 18.93 0.71
N THR D 29 -2.63 19.28 1.96
CA THR D 29 -1.60 19.46 2.97
C THR D 29 -1.17 18.15 3.65
N SER D 30 -1.65 17.00 3.18
CA SER D 30 -1.21 15.72 3.73
C SER D 30 -0.09 15.08 2.94
N TYR D 31 0.22 15.59 1.74
CA TYR D 31 1.21 14.98 0.88
C TYR D 31 2.03 16.08 0.20
N GLY D 32 3.20 15.68 -0.30
CA GLY D 32 3.96 16.57 -1.15
C GLY D 32 3.49 16.54 -2.59
N ILE D 33 4.00 17.48 -3.38
CA ILE D 33 3.84 17.49 -4.83
C ILE D 33 5.24 17.57 -5.41
N SER D 34 5.58 16.63 -6.26
CA SER D 34 6.86 16.71 -6.96
C SER D 34 6.63 17.02 -8.42
N TRP D 35 7.72 17.41 -9.06
CA TRP D 35 7.76 17.65 -10.49
C TRP D 35 8.80 16.76 -11.12
N VAL D 36 8.47 16.26 -12.30
CA VAL D 36 9.28 15.28 -13.02
C VAL D 36 9.36 15.72 -14.47
N THR D 37 10.53 15.60 -15.06
CA THR D 37 10.69 15.97 -16.45
C THR D 37 11.10 14.79 -17.29
N GLN D 38 10.68 14.81 -18.55
CA GLN D 38 10.98 13.73 -19.47
C GLN D 38 11.30 14.34 -20.82
N ARG D 39 12.57 14.30 -21.21
CA ARG D 39 12.95 14.69 -22.56
C ARG D 39 12.37 13.69 -23.55
N ALA D 40 12.11 14.15 -24.78
CA ALA D 40 11.49 13.31 -25.78
C ALA D 40 12.31 12.05 -26.01
N GLY D 41 11.66 10.90 -25.86
CA GLY D 41 12.33 9.61 -26.04
C GLY D 41 13.27 9.23 -24.92
N GLN D 42 13.34 10.01 -23.86
CA GLN D 42 14.30 9.79 -22.78
C GLN D 42 13.57 9.41 -21.48
N GLY D 43 14.35 9.31 -20.40
CA GLY D 43 13.83 8.82 -19.13
C GLY D 43 13.20 9.92 -18.27
N LEU D 44 12.66 9.49 -17.15
CA LEU D 44 12.11 10.41 -16.16
C LEU D 44 13.22 10.97 -15.27
N GLU D 45 13.10 12.24 -14.90
CA GLU D 45 14.04 12.86 -13.99
C GLU D 45 13.27 13.66 -12.94
N TRP D 46 13.58 13.42 -11.68
CA TRP D 46 12.91 14.07 -10.55
C TRP D 46 13.54 15.44 -10.31
N ILE D 47 12.71 16.48 -10.36
CA ILE D 47 13.18 17.86 -10.23
C ILE D 47 13.26 18.28 -8.78
N GLY D 48 12.18 18.04 -8.04
CA GLY D 48 12.08 18.46 -6.66
C GLY D 48 10.69 18.24 -6.15
N VAL D 49 10.49 18.57 -4.87
CA VAL D 49 9.20 18.39 -4.21
C VAL D 49 8.93 19.59 -3.31
N ILE D 50 7.65 19.93 -3.19
CA ILE D 50 7.19 20.88 -2.17
C ILE D 50 6.17 20.18 -1.30
N TYR D 51 3.10 21.25 0.74
CA TYR D 51 2.29 22.45 0.97
C TYR D 51 1.96 22.72 2.42
N PRO D 52 6.16 20.52 -2.68
CA PRO D 52 5.43 21.65 -2.10
C PRO D 52 5.35 21.67 -0.60
N ARG D 53 1.97 21.70 3.29
CA ARG D 53 1.65 21.98 4.69
C ARG D 53 2.62 22.99 5.29
N SER D 54 3.91 22.89 4.96
CA SER D 54 4.93 23.75 5.52
C SER D 54 5.54 24.70 4.51
N GLY D 55 5.39 24.43 3.23
CA GLY D 55 6.16 25.10 2.21
C GLY D 55 7.56 24.57 2.01
N ASN D 56 7.97 23.52 2.75
CA ASN D 56 9.31 22.99 2.61
C ASN D 56 9.52 22.48 1.19
N THR D 57 10.70 22.72 0.64
CA THR D 57 11.06 22.25 -0.68
C THR D 57 12.39 21.53 -0.63
N TYR D 58 12.56 20.57 -1.52
CA TYR D 58 13.82 19.86 -1.69
C TYR D 58 14.07 19.72 -3.19
N TYR D 59 15.23 20.15 -3.64
CA TYR D 59 15.54 20.14 -5.06
C TYR D 59 16.63 19.13 -5.39
N ASN D 60 16.49 18.52 -6.55
CA ASN D 60 17.61 17.90 -7.23
C ASN D 60 18.60 19.00 -7.60
N GLU D 61 19.87 18.85 -7.21
CA GLU D 61 20.83 19.92 -7.45
C GLU D 61 20.94 20.26 -8.93
N LYS D 62 20.62 19.32 -9.82
CA LYS D 62 20.70 19.59 -11.24
C LYS D 62 19.69 20.65 -11.69
N PHE D 63 18.65 20.91 -10.89
CA PHE D 63 17.60 21.83 -11.26
C PHE D 63 17.56 23.07 -10.38
N ARG D 64 18.52 23.23 -9.47
CA ARG D 64 18.57 24.44 -8.68
C ARG D 64 18.59 25.66 -9.59
N GLY D 65 17.73 26.62 -9.27
CA GLY D 65 17.72 27.88 -10.03
C GLY D 65 16.93 27.79 -11.31
N LYS D 66 17.15 26.73 -12.09
CA LYS D 66 16.33 26.47 -13.27
C LYS D 66 14.86 26.35 -12.87
N ALA D 67 14.57 25.65 -11.79
CA ALA D 67 13.22 25.40 -11.34
C ALA D 67 13.01 25.98 -9.96
N THR D 68 11.85 26.59 -9.73
CA THR D 68 11.47 27.09 -8.42
C THR D 68 10.06 26.59 -8.13
N LEU D 69 9.90 25.86 -7.02
CA LEU D 69 8.62 25.28 -6.65
C LEU D 69 7.94 26.14 -5.59
N THR D 70 6.65 26.39 -5.78
CA THR D 70 5.83 27.09 -4.81
C THR D 70 4.48 26.39 -4.71
N ALA D 71 3.71 26.79 -3.70
CA ALA D 71 2.40 26.19 -3.53
C ALA D 71 1.50 27.19 -2.84
N ASP D 72 0.20 27.06 -3.08
CA ASP D 72 -0.83 27.93 -2.51
C ASP D 72 -1.84 27.02 -1.81
N LYS D 73 -1.75 26.97 -0.46
CA LYS D 73 -2.66 26.14 0.33
C LYS D 73 -4.10 26.56 0.14
N SER D 74 -4.32 27.85 -0.08
CA SER D 74 -5.70 28.37 -0.10
C SER D 74 -6.48 27.77 -1.24
N SER D 75 -5.80 27.41 -2.34
CA SER D 75 -6.46 26.89 -3.53
C SER D 75 -6.02 25.47 -3.90
N SER D 76 -5.15 24.85 -3.11
CA SER D 76 -4.62 23.54 -3.44
C SER D 76 -3.94 23.51 -4.80
N SER D 77 -3.05 24.48 -5.03
CA SER D 77 -2.32 24.61 -6.28
C SER D 77 -0.82 24.57 -6.02
N ALA D 78 -0.10 23.89 -6.89
CA ALA D 78 1.36 23.89 -6.86
C ALA D 78 1.86 24.46 -8.18
N TYR D 79 3.02 25.11 -8.15
CA TYR D 79 3.56 25.79 -9.32
C TYR D 79 5.04 25.49 -9.44
N MET D 80 5.51 25.44 -10.68
CA MET D 80 6.94 25.35 -10.95
C MET D 80 7.29 26.41 -11.97
N GLU D 81 8.16 27.33 -11.58
CA GLU D 81 8.65 28.36 -12.49
C GLU D 81 9.97 27.91 -13.07
N LEU D 82 15.05 29.79 -20.06
CA LEU D 82 14.85 28.59 -20.84
C LEU D 82 15.85 28.50 -21.98
N ARG D 83 13.54 30.93 -18.67
CA ARG D 83 14.13 32.23 -18.93
C ARG D 83 15.04 32.19 -20.15
N GLY D 84 15.30 33.38 -20.69
CA GLY D 84 16.24 33.54 -21.78
C GLY D 84 16.00 32.59 -22.93
N LEU D 85 14.77 32.55 -23.41
CA LEU D 85 14.40 31.49 -24.33
C LEU D 85 15.20 31.61 -25.63
N THR D 86 16.30 27.28 -22.27
CA THR D 86 17.12 26.99 -23.43
C THR D 86 16.47 25.84 -24.17
N ALA D 87 16.96 25.60 -25.39
CA ALA D 87 16.41 24.52 -26.19
C ALA D 87 16.46 23.19 -25.44
N GLU D 88 17.50 22.99 -24.63
CA GLU D 88 17.67 21.76 -23.86
C GLU D 88 16.62 21.60 -22.78
N ASP D 89 15.87 22.65 -22.43
CA ASP D 89 14.77 22.53 -21.50
C ASP D 89 13.48 22.04 -22.16
N SER D 90 13.48 21.85 -23.48
CA SER D 90 12.30 21.32 -24.14
C SER D 90 12.06 19.91 -23.65
N ALA D 91 10.85 19.63 -23.16
CA ALA D 91 10.57 18.37 -22.48
C ALA D 91 9.10 18.37 -22.11
N VAL D 92 8.62 17.20 -21.67
CA VAL D 92 7.35 17.12 -20.96
C VAL D 92 7.66 17.27 -19.47
N TYR D 93 6.82 18.04 -18.80
CA TYR D 93 6.93 18.26 -17.37
C TYR D 93 5.65 17.76 -16.73
N PHE D 94 5.80 16.88 -15.73
CA PHE D 94 4.68 16.37 -14.97
C PHE D 94 4.74 16.87 -13.53
N CYS D 95 3.58 17.02 -12.92
CA CYS D 95 3.52 17.01 -11.47
C CYS D 95 2.98 15.67 -11.00
N ALA D 96 3.31 15.33 -9.76
CA ALA D 96 2.92 14.05 -9.19
C ALA D 96 2.74 14.21 -7.71
N ARG D 97 1.76 13.52 -7.15
CA ARG D 97 1.66 13.52 -5.70
C ARG D 97 2.76 12.63 -5.12
N GLU D 98 3.38 13.08 -4.04
CA GLU D 98 4.43 12.31 -3.40
C GLU D 98 3.86 11.40 -2.32
N ASN D 99 4.11 10.11 -2.44
CA ASN D 99 3.66 9.16 -1.44
C ASN D 99 4.42 7.85 -1.51
N TYR D 100 5.75 7.91 -1.58
CA TYR D 100 6.60 6.73 -1.73
C TYR D 100 6.10 5.83 -2.86
N GLY D 101 5.90 6.45 -4.02
CA GLY D 101 5.38 5.74 -5.19
C GLY D 101 4.17 6.51 -5.69
N SER D 102 4.34 7.32 -6.72
CA SER D 102 3.31 8.27 -7.11
C SER D 102 2.22 7.56 -7.89
N VAL D 103 1.03 7.52 -7.31
CA VAL D 103 -0.13 7.00 -8.02
C VAL D 103 -0.74 8.08 -8.89
N TYR D 104 -0.83 9.30 -8.36
CA TYR D 104 -1.58 10.38 -8.98
C TYR D 104 -0.60 11.35 -9.65
N TRP D 105 -0.79 11.55 -10.94
CA TRP D 105 0.06 12.40 -11.75
C TRP D 105 -0.80 13.36 -12.53
N GLY D 106 -0.26 14.53 -12.83
CA GLY D 106 -0.85 15.37 -13.85
C GLY D 106 -0.69 14.74 -15.23
N GLN D 107 -1.36 15.33 -16.21
CA GLN D 107 -1.34 14.79 -17.55
C GLN D 107 -0.07 15.16 -18.32
N GLY D 108 0.76 16.03 -17.77
CA GLY D 108 1.96 16.49 -18.44
C GLY D 108 1.74 17.73 -19.28
N THR D 109 2.71 18.64 -19.28
CA THR D 109 2.74 19.80 -20.15
C THR D 109 3.96 19.66 -21.05
N THR D 110 3.76 19.80 -22.35
CA THR D 110 4.87 19.75 -23.29
C THR D 110 5.36 21.17 -23.53
N LEU D 111 6.63 21.41 -23.20
CA LEU D 111 7.26 22.72 -23.41
C LEU D 111 8.27 22.59 -24.53
N THR D 112 8.14 23.43 -25.55
CA THR D 112 9.11 23.53 -26.63
C THR D 112 9.77 24.90 -26.51
N VAL D 113 11.11 24.92 -26.45
CA VAL D 113 11.86 26.16 -26.35
C VAL D 113 12.65 26.29 -27.65
N SER D 114 12.40 27.37 -28.39
CA SER D 114 13.06 27.54 -29.68
C SER D 114 13.06 29.01 -30.06
N SER D 115 14.14 29.43 -30.72
CA SER D 115 14.19 30.77 -31.30
C SER D 115 13.74 30.79 -32.76
N ALA D 116 13.35 29.64 -33.31
CA ALA D 116 12.94 29.60 -34.71
C ALA D 116 11.64 30.38 -34.91
N LYS D 117 10.37 33.69 -32.09
CA LYS D 117 9.22 34.58 -32.03
C LYS D 117 8.09 34.00 -32.86
N THR D 118 6.88 34.47 -32.57
CA THR D 118 5.70 34.01 -33.29
C THR D 118 5.92 34.20 -34.79
N THR D 119 5.76 33.11 -35.53
CA THR D 119 6.07 33.09 -36.97
C THR D 119 5.01 32.26 -37.66
N ALA D 120 5.88 31.75 -38.81
CA ALA D 120 4.86 31.02 -39.55
C ALA D 120 5.52 29.95 -40.42
N PRO D 121 4.85 28.82 -40.64
CA PRO D 121 5.46 27.76 -41.44
C PRO D 121 5.50 28.08 -42.92
N SER D 122 6.49 27.50 -43.59
CA SER D 122 6.44 27.34 -45.03
C SER D 122 5.67 26.06 -45.32
N VAL D 123 4.73 26.12 -46.26
CA VAL D 123 3.85 24.99 -46.54
C VAL D 123 4.04 24.60 -48.00
N TYR D 124 4.45 23.36 -48.23
CA TYR D 124 4.82 22.93 -49.56
C TYR D 124 3.92 21.79 -50.00
N PRO D 125 3.21 21.93 -51.13
CA PRO D 125 2.45 20.80 -51.67
C PRO D 125 3.38 19.77 -52.28
N LEU D 126 3.10 18.48 -52.03
CA LEU D 126 3.92 17.40 -52.58
C LEU D 126 3.08 16.54 -53.51
N ALA D 127 3.21 16.79 -54.80
CA ALA D 127 2.58 15.97 -55.81
C ALA D 127 3.44 14.73 -56.07
N PRO D 128 2.85 13.68 -56.63
CA PRO D 128 3.64 12.48 -56.93
C PRO D 128 4.76 12.78 -57.92
N VAL D 129 5.66 11.83 -58.06
CA VAL D 129 6.72 11.91 -59.06
C VAL D 129 6.14 12.28 -60.42
N CYS D 130 6.90 13.04 -61.19
CA CYS D 130 6.41 13.50 -62.50
C CYS D 130 6.06 12.31 -63.38
N GLY D 131 4.89 12.39 -64.00
CA GLY D 131 4.38 11.29 -64.78
C GLY D 131 3.48 10.35 -64.01
N GLY D 132 3.34 10.56 -62.71
CA GLY D 132 2.40 9.79 -61.92
C GLY D 132 2.92 8.42 -61.54
N THR D 133 2.09 7.73 -60.79
CA THR D 133 2.42 6.42 -60.25
C THR D 133 1.46 5.38 -60.81
N THR D 134 1.89 4.13 -60.78
CA THR D 134 0.98 3.04 -61.13
C THR D 134 0.11 2.72 -59.93
N GLY D 135 -0.99 2.04 -60.20
CA GLY D 135 -1.85 1.55 -59.14
C GLY D 135 -3.15 2.33 -59.05
N SER D 136 -4.06 1.76 -58.29
CA SER D 136 -5.43 2.24 -58.20
C SER D 136 -5.60 3.33 -57.15
N SER D 137 -4.61 3.56 -56.32
CA SER D 137 -4.64 4.66 -55.38
C SER D 137 -3.41 5.55 -55.58
N VAL D 138 -3.51 6.77 -55.06
CA VAL D 138 -2.45 7.76 -55.21
C VAL D 138 -2.25 8.43 -53.86
N THR D 139 -1.00 8.74 -53.54
CA THR D 139 -0.65 9.37 -52.28
C THR D 139 -0.08 10.75 -52.57
N LEU D 140 -0.59 11.75 -51.86
CA LEU D 140 -0.14 13.13 -51.93
C LEU D 140 0.42 13.52 -50.58
N GLY D 141 1.23 14.59 -50.57
CA GLY D 141 1.87 15.01 -49.34
C GLY D 141 1.79 16.50 -49.16
N CYS D 142 2.08 16.91 -47.92
CA CYS D 142 2.15 18.32 -47.58
C CYS D 142 3.25 18.44 -46.54
N LEU D 143 4.23 19.30 -46.82
CA LEU D 143 5.39 19.48 -45.97
C LEU D 143 5.30 20.84 -45.31
N VAL D 144 5.40 20.87 -43.98
CA VAL D 144 5.20 22.09 -43.19
C VAL D 144 6.52 22.34 -42.47
N LYS D 145 7.24 23.37 -42.89
CA LYS D 145 8.64 23.50 -42.46
C LYS D 145 8.91 24.84 -41.81
N GLY D 146 9.69 24.83 -40.73
CA GLY D 146 10.24 26.05 -40.18
C GLY D 146 9.31 26.92 -39.35
N TYR D 147 8.48 26.32 -38.49
CA TYR D 147 7.57 27.12 -37.68
C TYR D 147 7.91 27.05 -36.20
N PHE D 148 7.44 28.06 -35.48
CA PHE D 148 7.55 28.09 -34.02
C PHE D 148 6.50 29.07 -33.50
N PRO D 149 5.85 28.75 -32.38
CA PRO D 149 5.87 27.51 -31.60
C PRO D 149 4.90 26.47 -32.18
N GLU D 150 4.89 25.28 -31.58
CA GLU D 150 3.79 24.35 -31.81
C GLU D 150 2.54 24.95 -31.19
N PRO D 151 1.35 24.55 -31.66
CA PRO D 151 1.08 23.59 -32.74
C PRO D 151 0.71 24.26 -34.05
N VAL D 152 0.64 23.45 -35.10
CA VAL D 152 -0.13 23.78 -36.29
C VAL D 152 -1.32 22.85 -36.34
N THR D 153 -2.32 23.23 -37.12
CA THR D 153 -3.43 22.34 -37.44
C THR D 153 -3.43 22.14 -38.94
N LEU D 154 -3.18 20.92 -39.38
CA LEU D 154 -3.19 20.57 -40.79
C LEU D 154 -4.46 19.80 -41.12
N THR D 155 -5.14 20.21 -42.18
CA THR D 155 -6.28 19.49 -42.70
C THR D 155 -6.12 19.32 -44.19
N TRP D 156 -6.97 18.45 -44.74
CA TRP D 156 -7.07 18.25 -46.17
C TRP D 156 -8.49 18.57 -46.62
N ASN D 157 -8.61 19.38 -47.67
CA ASN D 157 -9.91 19.85 -48.14
C ASN D 157 -10.76 20.38 -47.00
N SER D 158 -10.14 21.20 -46.15
CA SER D 158 -10.83 21.88 -45.04
C SER D 158 -11.46 20.89 -44.05
N GLY D 159 -10.87 19.71 -43.94
CA GLY D 159 -11.36 18.68 -43.05
C GLY D 159 -12.34 17.71 -43.67
N SER D 160 -12.78 17.96 -44.90
CA SER D 160 -13.71 17.04 -45.55
C SER D 160 -13.01 15.78 -46.03
N LEU D 161 -11.70 15.82 -46.17
CA LEU D 161 -10.90 14.64 -46.51
C LEU D 161 -10.14 14.28 -45.24
N SER D 162 -10.66 13.29 -44.50
CA SER D 162 -10.08 12.89 -43.24
C SER D 162 -9.63 11.44 -43.20
N SER D 163 -10.22 10.58 -44.02
CA SER D 163 -9.79 9.20 -44.10
C SER D 163 -8.54 9.11 -44.95
N GLY D 164 -7.73 8.08 -44.69
CA GLY D 164 -6.54 7.87 -45.49
C GLY D 164 -5.43 8.87 -45.25
N VAL D 165 -5.48 9.61 -44.14
CA VAL D 165 -4.51 10.66 -43.82
C VAL D 165 -3.55 10.16 -42.76
N HIS D 166 -2.27 10.50 -42.90
CA HIS D 166 -1.29 10.30 -41.84
C HIS D 166 -0.57 11.62 -41.62
N THR D 167 -0.74 12.20 -40.44
CA THR D 167 -0.06 13.44 -40.10
C THR D 167 0.96 13.14 -39.00
N PHE D 168 2.20 13.39 -39.31
CA PHE D 168 3.29 12.91 -38.48
C PHE D 168 3.66 13.92 -37.39
N PRO D 169 4.17 13.43 -36.26
CA PRO D 169 4.59 14.33 -35.20
C PRO D 169 5.69 15.26 -35.69
N ALA D 170 5.65 16.49 -35.20
CA ALA D 170 6.64 17.48 -35.56
C ALA D 170 7.99 17.16 -34.92
N LEU D 171 9.06 17.52 -35.62
CA LEU D 171 10.41 17.39 -35.09
C LEU D 171 11.13 18.73 -35.22
N LEU D 172 12.10 18.94 -34.35
CA LEU D 172 12.90 20.17 -34.42
C LEU D 172 13.97 20.05 -35.49
N GLN D 173 14.18 21.14 -36.21
CA GLN D 173 15.17 21.22 -37.28
C GLN D 173 15.79 22.61 -37.12
N SER D 174 16.94 22.68 -36.45
CA SER D 174 17.64 23.94 -36.19
C SER D 174 16.74 24.94 -35.45
N GLY D 175 16.07 24.46 -34.41
CA GLY D 175 15.25 25.32 -33.57
C GLY D 175 13.85 25.57 -34.09
N LEU D 176 13.51 25.10 -35.28
CA LEU D 176 12.16 25.29 -35.80
C LEU D 176 11.54 23.93 -36.09
N TYR D 177 10.22 23.87 -36.01
CA TYR D 177 9.50 22.62 -36.18
C TYR D 177 9.19 22.35 -37.64
N THR D 178 9.17 21.05 -37.97
CA THR D 178 8.76 20.58 -39.28
C THR D 178 7.87 19.36 -39.08
N LEU D 179 6.81 19.28 -39.86
CA LEU D 179 6.02 18.06 -39.93
C LEU D 179 5.56 17.87 -41.35
N SER D 180 5.01 16.70 -41.61
CA SER D 180 4.43 16.43 -42.90
C SER D 180 3.17 15.61 -42.73
N SER D 181 2.38 15.56 -43.79
CA SER D 181 1.18 14.76 -43.81
C SER D 181 1.03 14.13 -45.18
N SER D 182 0.52 12.91 -45.20
CA SER D 182 0.17 12.22 -46.44
C SER D 182 -1.33 11.99 -46.47
N VAL D 183 -1.88 11.99 -47.67
CA VAL D 183 -3.26 11.55 -47.88
C VAL D 183 -3.29 10.60 -49.06
N THR D 184 -4.06 9.53 -48.94
CA THR D 184 -4.17 8.52 -49.97
C THR D 184 -5.63 8.44 -50.40
N VAL D 185 -5.86 8.54 -51.71
CA VAL D 185 -7.19 8.49 -52.29
C VAL D 185 -7.14 7.55 -53.47
N THR D 186 -8.31 7.08 -53.90
CA THR D 186 -8.35 6.31 -55.12
C THR D 186 -8.03 7.21 -56.32
N SER D 187 -7.39 6.63 -57.34
CA SER D 187 -6.82 7.43 -58.42
C SER D 187 -7.86 8.13 -59.30
N ASN D 188 -9.13 7.68 -59.27
CA ASN D 188 -10.20 8.37 -59.96
C ASN D 188 -10.57 9.70 -59.31
N THR D 189 -10.09 9.95 -58.09
CA THR D 189 -10.44 11.12 -57.31
C THR D 189 -9.48 12.29 -57.57
N TRP D 190 -8.22 12.01 -57.91
CA TRP D 190 -7.21 13.04 -58.07
C TRP D 190 -6.30 12.66 -59.24
N PRO D 191 -5.96 13.63 -60.12
CA PRO D 191 -6.20 15.07 -60.00
C PRO D 191 -7.53 15.56 -60.56
N SER D 192 -8.44 14.67 -60.95
CA SER D 192 -9.68 15.13 -61.54
C SER D 192 -10.50 15.99 -60.56
N GLN D 193 -10.37 15.72 -59.27
CA GLN D 193 -10.95 16.59 -58.25
C GLN D 193 -9.83 17.17 -57.40
N THR D 194 -10.07 18.35 -56.85
CA THR D 194 -8.99 19.07 -56.20
C THR D 194 -8.75 18.53 -54.80
N ILE D 195 -7.48 18.52 -54.41
CA ILE D 195 -7.07 18.22 -53.05
C ILE D 195 -6.13 19.33 -52.60
N THR D 196 -6.42 19.92 -51.45
CA THR D 196 -5.68 21.07 -50.95
C THR D 196 -5.31 20.79 -49.50
N CYS D 197 -4.06 21.05 -49.15
CA CYS D 197 -3.59 21.04 -47.77
CA CYS D 197 -3.71 21.01 -47.75
C CYS D 197 -3.84 22.41 -47.15
N ASN D 198 -4.42 22.44 -45.95
CA ASN D 198 -4.65 23.67 -45.22
C ASN D 198 -3.85 23.61 -43.93
N VAL D 199 -3.12 24.67 -43.64
CA VAL D 199 -2.28 24.69 -42.44
C VAL D 199 -2.55 25.98 -41.66
N ALA D 200 -3.08 25.83 -40.47
CA ALA D 200 -3.30 26.97 -39.56
C ALA D 200 -2.20 26.99 -38.53
N HIS D 201 -1.65 28.17 -38.27
CA HIS D 201 -0.64 28.34 -37.23
C HIS D 201 -1.14 29.44 -36.30
N PRO D 202 -1.82 29.08 -35.20
CA PRO D 202 -2.46 30.10 -34.35
C PRO D 202 -1.52 31.20 -33.88
N ALA D 203 -0.28 30.84 -33.54
CA ALA D 203 0.63 31.81 -32.93
C ALA D 203 0.98 32.95 -33.87
N SER D 204 1.05 32.67 -35.16
CA SER D 204 1.29 33.71 -36.15
C SER D 204 0.00 34.19 -36.81
N SER D 205 -1.16 33.67 -36.40
CA SER D 205 -2.46 34.03 -36.95
C SER D 205 -2.56 33.75 -38.44
N THR D 206 -1.84 32.73 -38.93
CA THR D 206 -1.80 32.44 -40.35
C THR D 206 -2.62 31.20 -40.68
N LYS D 207 -3.14 31.18 -41.90
CA LYS D 207 -3.87 30.04 -42.44
C LYS D 207 -3.52 30.01 -43.93
N VAL D 208 -2.87 28.94 -44.38
CA VAL D 208 -2.38 28.85 -45.75
C VAL D 208 -2.99 27.62 -46.41
N ASP D 209 -3.36 27.76 -47.67
CA ASP D 209 -3.88 26.66 -48.48
C ASP D 209 -2.92 26.41 -49.64
N LYS D 210 -2.59 25.15 -49.86
CA LYS D 210 -1.77 24.76 -51.00
C LYS D 210 -2.46 23.62 -51.75
N LYS D 211 -2.94 23.92 -52.95
CA LYS D 211 -3.53 22.90 -53.81
C LYS D 211 -2.43 22.00 -54.36
N ILE D 212 -2.67 20.68 -54.36
CA ILE D 212 -1.67 19.77 -54.93
C ILE D 212 -1.88 19.74 -56.44
N GLU D 213 -0.83 20.08 -57.19
CA GLU D 213 -0.89 20.15 -58.64
C GLU D 213 0.08 19.15 -59.25
N PRO D 214 -0.35 18.34 -60.21
CA PRO D 214 0.58 17.41 -60.87
C PRO D 214 1.84 18.12 -61.34
N ARG D 215 2.96 17.43 -61.18
CA ARG D 215 4.23 17.95 -61.68
C ARG D 215 4.25 17.89 -63.21
N VAL D 216 5.07 18.76 -63.79
CA VAL D 216 5.28 18.77 -65.24
C VAL D 216 6.77 18.71 -65.50
N PRO D 217 7.18 18.36 -66.72
CA PRO D 217 8.61 18.28 -67.03
C PRO D 217 9.30 19.63 -66.92
N ILE D 218 10.62 19.59 -66.93
CA ILE D 218 11.42 20.81 -66.89
C ILE D 218 11.31 21.61 -68.19
N ILE E 1 48.63 25.33 38.04
CA ILE E 1 48.58 24.89 36.65
C ILE E 1 47.40 23.95 36.47
N ARG E 2 46.72 24.04 35.32
CA ARG E 2 45.41 23.42 35.14
C ARG E 2 44.48 23.87 36.25
N CYS E 3 44.80 25.04 36.80
CA CYS E 3 44.27 25.57 38.02
C CYS E 3 44.45 27.07 37.94
N ILE E 4 44.44 27.74 39.08
CA ILE E 4 44.41 29.20 39.11
C ILE E 4 43.07 29.61 38.49
N GLY E 5 43.08 30.22 37.32
CA GLY E 5 41.90 30.94 36.87
C GLY E 5 40.60 30.16 36.87
N VAL E 6 40.67 28.84 37.00
CA VAL E 6 39.48 28.00 36.80
C VAL E 6 38.31 28.47 37.67
N SER E 7 38.60 29.08 38.80
CA SER E 7 37.68 29.81 39.67
C SER E 7 36.75 28.90 40.45
N ASN E 8 36.61 27.64 40.07
CA ASN E 8 35.99 26.66 40.94
C ASN E 8 37.13 25.89 41.58
N ARG E 9 37.34 26.15 42.86
CA ARG E 9 38.56 25.73 43.53
C ARG E 9 38.23 24.81 44.68
N ASP E 10 39.02 23.78 44.86
CA ASP E 10 38.94 22.97 46.06
C ASP E 10 40.36 22.70 46.54
N PHE E 11 40.68 23.19 47.72
CA PHE E 11 41.92 22.81 48.37
C PHE E 11 41.67 21.66 49.32
N VAL E 12 42.49 20.64 49.23
CA VAL E 12 42.39 19.49 50.11
C VAL E 12 43.69 19.38 50.88
N GLU E 13 43.64 19.65 52.17
CA GLU E 13 44.83 19.59 53.02
C GLU E 13 44.59 18.68 54.23
N GLY E 14 44.71 17.38 54.02
CA GLY E 14 44.51 16.40 55.07
C GLY E 14 45.42 15.20 54.94
N MET E 15 46.48 15.34 54.14
CA MET E 15 47.42 14.26 53.92
C MET E 15 47.83 13.60 55.24
N SER E 16 46.92 12.80 55.79
CA SER E 16 47.19 12.11 57.06
C SER E 16 47.73 10.69 56.81
N GLY E 17 46.82 9.73 56.82
CA GLY E 17 47.20 8.33 56.60
C GLY E 17 48.11 8.16 55.40
N GLY E 18 48.72 6.99 55.30
CA GLY E 18 49.62 6.70 54.19
C GLY E 18 49.06 7.15 52.85
N THR E 19 49.01 8.46 52.65
CA THR E 19 48.50 9.03 51.42
C THR E 19 47.18 8.36 51.01
N TRP E 20 46.16 8.52 51.86
CA TRP E 20 44.86 7.94 51.59
C TRP E 20 43.84 8.98 51.14
N VAL E 21 44.25 10.23 50.92
CA VAL E 21 43.30 11.31 50.65
C VAL E 21 42.37 10.96 49.51
N ASP E 22 41.07 11.12 49.74
CA ASP E 22 40.03 10.83 48.77
C ASP E 22 39.43 12.13 48.29
N VAL E 23 39.20 12.25 46.99
CA VAL E 23 38.83 13.52 46.36
C VAL E 23 37.76 13.27 45.32
N VAL E 24 36.88 14.26 45.15
CA VAL E 24 35.83 14.24 44.12
C VAL E 24 36.23 15.22 43.02
N LEU E 25 35.86 14.90 41.79
CA LEU E 25 36.25 15.70 40.64
C LEU E 25 35.03 16.05 39.82
N GLU E 26 34.91 17.31 39.41
CA GLU E 26 33.76 17.79 38.67
C GLU E 26 34.21 18.57 37.45
N HIS E 27 33.68 18.19 36.28
CA HIS E 27 34.18 18.72 35.01
C HIS E 27 34.24 20.23 35.03
N GLY E 28 33.38 20.84 35.83
CA GLY E 28 33.55 22.25 36.02
C GLY E 28 34.82 22.63 36.73
N GLY E 29 35.11 22.03 37.87
CA GLY E 29 36.17 22.48 38.74
C GLY E 29 37.40 21.59 38.73
N CYS E 30 38.25 21.84 39.72
CA CYS E 30 39.46 21.08 39.91
C CYS E 30 39.84 21.16 41.38
N VAL E 31 40.43 20.12 41.88
CA VAL E 31 40.90 20.11 43.25
C VAL E 31 42.41 20.04 43.23
N THR E 32 43.06 20.87 44.04
CA THR E 32 44.51 20.84 44.19
C THR E 32 44.83 20.13 45.49
N VAL E 33 45.75 19.16 45.42
CA VAL E 33 46.16 18.44 46.61
C VAL E 33 47.47 19.03 47.11
N MET E 34 47.43 19.60 48.30
CA MET E 34 48.61 20.20 48.90
C MET E 34 48.92 19.46 50.19
N ALA E 35 50.01 18.71 50.20
CA ALA E 35 50.37 17.94 51.38
C ALA E 35 51.83 18.12 51.78
N GLN E 36 52.04 18.46 53.05
CA GLN E 36 53.38 18.65 53.58
C GLN E 36 54.26 17.49 53.16
N ASP E 37 55.31 17.79 52.40
CA ASP E 37 56.21 16.76 51.92
C ASP E 37 55.51 16.00 50.81
N LYS E 38 55.53 16.62 49.63
CA LYS E 38 54.91 16.10 48.42
C LYS E 38 54.67 17.35 47.64
N PRO E 39 54.97 17.37 46.35
CA PRO E 39 54.76 18.63 45.66
C PRO E 39 53.29 18.78 45.40
N THR E 40 52.83 20.02 45.40
CA THR E 40 51.39 20.22 45.26
C THR E 40 50.93 19.83 43.88
N VAL E 41 49.98 18.91 43.82
CA VAL E 41 49.54 18.30 42.58
C VAL E 41 48.18 18.85 42.23
N ASP E 42 48.00 19.25 40.97
CA ASP E 42 46.76 19.80 40.48
C ASP E 42 46.04 18.75 39.65
N ILE E 43 44.86 18.36 40.09
CA ILE E 43 44.02 17.41 39.38
C ILE E 43 42.85 18.16 38.78
N GLU E 44 42.51 17.83 37.54
CA GLU E 44 41.26 18.31 36.96
C GLU E 44 40.75 17.26 35.99
N LEU E 45 39.44 17.08 36.00
CA LEU E 45 38.79 16.27 34.99
C LEU E 45 38.68 17.06 33.71
N VAL E 46 38.61 16.36 32.58
CA VAL E 46 38.46 17.09 31.33
C VAL E 46 37.22 16.62 30.59
N THR E 47 37.29 15.44 29.98
CA THR E 47 36.21 14.94 29.15
C THR E 47 35.92 13.50 29.47
N THR E 48 34.65 13.15 29.60
CA THR E 48 34.26 11.77 29.86
C THR E 48 33.72 11.23 28.56
N THR E 49 34.48 10.34 27.93
CA THR E 49 34.05 9.82 26.64
C THR E 49 33.22 8.56 26.83
N VAL E 50 32.18 8.43 26.01
CA VAL E 50 31.35 7.23 25.97
C VAL E 50 31.45 6.65 24.58
N SER E 51 31.63 5.33 24.50
CA SER E 51 31.82 4.66 23.22
C SER E 51 31.02 3.38 23.18
N ASN E 52 30.83 2.85 21.97
CA ASN E 52 30.10 1.61 21.73
C ASN E 52 28.68 1.70 22.28
N MET E 53 27.98 2.73 21.83
CA MET E 53 26.56 2.91 22.15
C MET E 53 25.69 2.06 21.22
N ALA E 54 24.48 1.76 21.68
CA ALA E 54 23.49 1.01 20.90
C ALA E 54 22.17 1.76 20.85
N GLU E 55 21.41 1.52 19.78
CA GLU E 55 20.19 2.27 19.50
C GLU E 55 19.00 1.68 20.24
N VAL E 56 18.15 2.55 20.78
CA VAL E 56 16.96 2.13 21.49
C VAL E 56 15.79 3.01 21.06
N ARG E 57 14.80 2.37 20.47
CA ARG E 57 13.67 3.08 19.95
C ARG E 57 14.24 4.19 19.09
N SER E 58 13.39 5.13 18.73
CA SER E 58 13.72 6.28 17.92
C SER E 58 12.42 7.06 17.82
N TYR E 59 12.40 8.23 17.20
CA TYR E 59 11.11 8.86 17.00
C TYR E 59 11.09 9.61 15.67
N CYS E 60 9.94 10.17 15.38
CA CYS E 60 9.73 10.95 14.17
C CYS E 60 9.49 12.39 14.55
N TYR E 61 10.47 13.24 14.27
CA TYR E 61 10.28 14.65 14.54
C TYR E 61 9.26 15.25 13.58
N GLU E 62 9.31 14.88 12.30
CA GLU E 62 8.53 15.54 11.26
C GLU E 62 7.74 14.52 10.48
N ALA E 63 6.43 14.56 10.61
CA ALA E 63 5.56 13.66 9.89
C ALA E 63 5.33 14.16 8.46
N SER E 64 5.00 13.22 7.59
CA SER E 64 4.64 13.54 6.22
C SER E 64 3.56 12.58 5.76
N ILE E 65 2.55 13.10 5.11
CA ILE E 65 1.42 12.31 4.66
C ILE E 65 1.44 12.23 3.14
N SER E 66 0.91 11.14 2.59
CA SER E 66 1.04 10.94 1.16
C SER E 66 -0.29 10.87 0.42
N ASP E 67 -0.99 9.74 0.48
CA ASP E 67 -2.16 9.52 -0.35
C ASP E 67 -3.39 9.28 0.50
N MET E 68 -4.31 10.24 0.46
CA MET E 68 -5.52 10.16 1.25
C MET E 68 -6.63 9.60 0.37
N ALA E 69 -7.29 8.55 0.85
CA ALA E 69 -8.42 7.99 0.13
C ALA E 69 -9.42 7.46 1.14
N SER E 70 -10.65 7.23 0.67
CA SER E 70 -11.69 6.77 1.58
C SER E 70 -12.78 6.09 0.78
N ASP E 71 -13.60 5.32 1.49
CA ASP E 71 -14.80 4.72 0.95
C ASP E 71 -15.82 4.57 2.06
N SER E 72 -17.07 4.40 1.68
CA SER E 72 -18.13 4.27 2.66
C SER E 72 -19.22 3.36 2.15
N ARG E 73 -19.74 2.52 3.03
CA ARG E 73 -20.63 1.45 2.63
C ARG E 73 -22.10 1.80 2.78
N CYS E 74 -22.44 3.03 3.21
CA CYS E 74 -23.82 3.45 3.45
C CYS E 74 -24.42 2.72 4.65
N PRO E 75 -25.34 3.41 5.32
CA PRO E 75 -26.02 2.91 6.51
C PRO E 75 -26.32 1.42 6.48
N THR E 76 -26.16 0.79 7.65
CA THR E 76 -26.44 -0.63 7.81
C THR E 76 -25.29 -1.57 7.45
N GLN E 77 -24.15 -1.07 6.98
CA GLN E 77 -23.10 -2.02 6.67
C GLN E 77 -22.07 -1.95 7.77
N GLY E 78 -20.92 -2.58 7.56
CA GLY E 78 -19.70 -2.25 8.27
C GLY E 78 -18.93 -1.18 7.53
N GLU E 79 -17.77 -0.84 8.07
CA GLU E 79 -16.93 0.16 7.42
C GLU E 79 -16.16 -0.55 6.33
N ALA E 80 -16.43 -0.18 5.08
CA ALA E 80 -15.79 -0.88 3.98
C ALA E 80 -14.30 -0.62 4.04
N TYR E 81 -13.52 -1.68 4.13
CA TYR E 81 -12.10 -1.46 4.34
C TYR E 81 -11.42 -1.18 3.01
N LEU E 82 -10.65 -0.12 2.97
CA LEU E 82 -9.79 0.09 1.83
C LEU E 82 -8.69 -0.96 1.81
N ASP E 83 -8.09 -1.14 0.65
CA ASP E 83 -6.89 -1.98 0.58
C ASP E 83 -5.80 -1.42 1.45
N LYS E 84 -5.78 -0.11 1.64
CA LYS E 84 -4.72 0.52 2.38
C LYS E 84 -4.70 0.12 3.85
N GLN E 85 -5.70 -0.60 4.35
CA GLN E 85 -5.63 -1.04 5.73
C GLN E 85 -4.82 -2.31 5.91
N SER E 86 -4.42 -2.97 4.83
CA SER E 86 -3.70 -4.22 4.97
C SER E 86 -2.19 -4.05 4.95
N ASP E 87 -1.68 -2.87 4.62
CA ASP E 87 -0.24 -2.68 4.44
C ASP E 87 0.46 -2.13 5.67
N THR E 88 -0.25 -1.97 6.78
CA THR E 88 0.19 -1.11 7.87
C THR E 88 0.58 0.20 7.22
N GLN E 89 1.57 0.88 7.78
CA GLN E 89 2.25 1.99 7.13
C GLN E 89 1.25 3.08 6.76
N TYR E 90 -0.04 2.79 6.92
CA TYR E 90 -1.14 3.69 6.63
C TYR E 90 -1.90 3.95 7.92
N VAL E 91 -2.10 5.21 8.25
CA VAL E 91 -3.05 5.53 9.30
C VAL E 91 -4.45 5.23 8.77
N CYS E 92 -5.34 4.78 9.65
CA CYS E 92 -6.73 4.64 9.28
C CYS E 92 -7.61 4.89 10.48
N LYS E 93 -8.73 5.56 10.26
CA LYS E 93 -9.68 5.81 11.33
C LYS E 93 -11.09 5.64 10.80
N ARG E 94 -11.87 4.81 11.49
CA ARG E 94 -13.22 4.49 11.05
C ARG E 94 -14.20 5.30 11.89
N THR E 95 -14.98 6.17 11.25
CA THR E 95 -15.86 7.07 11.95
C THR E 95 -17.27 6.94 11.39
N LEU E 96 -18.23 7.50 12.10
CA LEU E 96 -19.62 7.48 11.68
C LEU E 96 -20.00 8.80 11.04
N VAL E 97 -20.68 8.73 9.90
CA VAL E 97 -20.99 9.91 9.11
C VAL E 97 -22.34 9.73 8.45
N ASP E 98 -23.12 10.80 8.42
CA ASP E 98 -24.43 10.80 7.79
C ASP E 98 -24.27 10.68 6.30
N ARG E 99 -24.89 9.68 5.69
CA ARG E 99 -25.12 9.73 4.25
C ARG E 99 -26.61 9.70 4.05
N GLY E 100 -27.19 10.87 3.78
CA GLY E 100 -28.59 10.95 3.45
C GLY E 100 -28.86 10.88 1.95
N TRP E 101 -29.84 10.05 1.61
CA TRP E 101 -30.30 9.85 0.24
C TRP E 101 -29.37 10.33 -0.88
N GLY E 102 -29.54 11.56 -1.35
CA GLY E 102 -28.68 11.98 -2.43
C GLY E 102 -27.20 11.89 -2.14
N ASN E 103 -26.86 11.48 -0.92
CA ASN E 103 -25.52 10.97 -0.68
C ASN E 103 -25.40 9.62 -1.35
N GLY E 104 -26.50 9.16 -1.95
CA GLY E 104 -26.53 8.00 -2.80
C GLY E 104 -27.31 6.81 -2.28
N CYS E 105 -27.73 6.80 -1.02
CA CYS E 105 -28.36 5.59 -0.52
C CYS E 105 -29.35 5.90 0.60
N GLY E 106 -30.48 5.20 0.59
CA GLY E 106 -31.50 5.40 1.60
C GLY E 106 -30.96 5.30 3.01
N LEU E 107 -31.85 5.24 3.99
CA LEU E 107 -31.45 5.13 5.39
C LEU E 107 -30.60 6.33 5.80
N PHE E 108 -31.25 7.47 6.01
CA PHE E 108 -30.54 8.68 6.42
C PHE E 108 -30.41 8.77 7.93
N GLY E 109 -29.50 7.98 8.49
CA GLY E 109 -29.27 7.96 9.92
C GLY E 109 -27.81 8.11 10.27
N LYS E 110 -26.97 7.28 9.67
CA LYS E 110 -25.53 7.32 9.91
C LYS E 110 -24.88 6.10 9.29
N GLY E 111 -23.90 6.33 8.44
CA GLY E 111 -23.08 5.31 7.80
C GLY E 111 -21.73 5.18 8.46
N SER E 112 -20.72 4.84 7.66
CA SER E 112 -19.36 4.83 8.17
C SER E 112 -18.38 5.17 7.06
N LEU E 113 -17.37 5.96 7.44
CA LEU E 113 -16.24 6.28 6.57
C LEU E 113 -15.02 5.54 7.08
N VAL E 114 -14.15 5.16 6.16
CA VAL E 114 -12.81 4.73 6.52
C VAL E 114 -11.84 5.51 5.64
N THR E 115 -11.06 6.39 6.26
CA THR E 115 -10.05 7.16 5.56
C THR E 115 -8.68 6.64 5.92
N CYS E 116 -7.78 6.63 4.95
CA CYS E 116 -6.44 6.12 5.18
C CYS E 116 -5.43 6.96 4.44
N ALA E 117 -4.23 7.02 4.98
CA ALA E 117 -3.18 7.81 4.38
C ALA E 117 -1.84 7.13 4.60
N LYS E 118 -1.01 7.10 3.57
CA LYS E 118 0.35 6.62 3.74
C LYS E 118 1.09 7.55 4.69
N PHE E 119 1.95 6.98 5.51
CA PHE E 119 2.61 7.74 6.57
C PHE E 119 4.09 7.47 6.49
N ALA E 120 4.87 8.48 6.14
CA ALA E 120 6.30 8.32 5.94
C ALA E 120 7.02 9.40 6.72
N CYS E 121 7.93 8.98 7.59
CA CYS E 121 8.58 9.92 8.48
C CYS E 121 9.60 10.77 7.73
N SER E 122 9.87 11.93 8.30
CA SER E 122 10.91 12.82 7.81
C SER E 122 11.83 13.20 8.96
N LYS E 123 13.11 13.22 8.67
CA LYS E 123 14.16 13.24 9.69
C LYS E 123 13.88 12.10 10.67
N LYS E 124 14.23 12.29 11.94
CA LYS E 124 14.06 11.30 13.00
C LYS E 124 14.77 11.78 14.24
N MET E 125 14.54 11.14 15.37
CA MET E 125 15.41 11.31 16.53
C MET E 125 15.57 9.93 17.13
N THR E 126 16.81 9.51 17.32
CA THR E 126 17.12 8.15 17.72
C THR E 126 17.83 8.20 19.05
N GLY E 127 17.18 7.68 20.09
CA GLY E 127 17.88 7.49 21.33
C GLY E 127 19.02 6.51 21.16
N LYS E 128 19.93 6.52 22.12
CA LYS E 128 20.98 5.52 22.19
C LYS E 128 21.21 5.18 23.65
N SER E 129 21.61 3.95 23.90
CA SER E 129 21.83 3.47 25.26
C SER E 129 23.30 3.64 25.62
N ILE E 130 23.54 3.99 26.87
CA ILE E 130 24.88 4.10 27.43
C ILE E 130 25.00 3.13 28.57
N GLN E 131 25.99 2.27 28.50
CA GLN E 131 26.18 1.28 29.52
C GLN E 131 27.45 1.59 30.31
N PRO E 132 27.50 1.21 31.59
CA PRO E 132 28.70 1.51 32.37
C PRO E 132 29.94 0.89 31.80
N GLU E 133 29.86 -0.30 31.22
CA GLU E 133 30.99 -0.79 30.49
C GLU E 133 31.22 0.12 29.29
N ASN E 134 32.42 0.01 28.72
CA ASN E 134 32.87 0.85 27.60
C ASN E 134 32.67 2.33 27.89
N LEU E 135 32.75 2.68 29.17
CA LEU E 135 32.77 4.06 29.62
C LEU E 135 34.19 4.45 29.97
N GLU E 136 34.59 5.65 29.56
CA GLU E 136 35.96 6.09 29.79
C GLU E 136 35.95 7.34 30.64
N TYR E 137 37.14 7.84 30.95
CA TYR E 137 37.33 9.15 31.55
C TYR E 137 38.69 9.66 31.12
N ARG E 138 38.89 10.95 31.30
CA ARG E 138 40.16 11.57 31.01
C ARG E 138 40.47 12.54 32.15
N ILE E 139 41.56 12.30 32.85
CA ILE E 139 42.01 13.18 33.91
C ILE E 139 43.39 13.69 33.54
N MET E 140 43.51 14.98 33.28
CA MET E 140 44.81 15.61 33.12
C MET E 140 45.24 16.14 34.47
N LEU E 141 46.51 15.99 34.79
CA LEU E 141 47.01 16.47 36.07
C LEU E 141 48.38 17.09 35.89
N SER E 142 48.69 18.06 36.75
CA SER E 142 49.91 18.83 36.64
C SER E 142 50.36 19.26 38.02
N VAL E 143 51.61 19.70 38.12
CA VAL E 143 52.26 19.95 39.39
C VAL E 143 52.90 21.33 39.38
N HIS E 144 52.61 22.13 40.42
CA HIS E 144 52.96 23.55 40.37
C HIS E 144 54.44 23.78 40.17
N GLY E 145 55.23 23.59 41.22
CA GLY E 145 56.66 23.79 41.11
C GLY E 145 57.04 25.19 40.65
N SER E 146 57.15 25.38 39.33
CA SER E 146 57.49 26.70 38.80
C SER E 146 57.56 26.80 37.28
N GLN E 147 57.14 25.77 36.55
CA GLN E 147 57.18 25.81 35.11
C GLN E 147 56.70 27.16 34.60
N HIS E 148 56.85 27.35 33.29
CA HIS E 148 56.61 28.67 32.71
C HIS E 148 55.14 28.99 32.74
N SER E 149 54.78 30.10 33.38
CA SER E 149 53.37 30.40 33.61
C SER E 149 52.60 30.47 32.31
N GLY E 150 53.27 30.69 31.19
CA GLY E 150 52.60 30.62 29.91
C GLY E 150 52.12 29.24 29.55
N MET E 151 52.63 28.21 30.22
CA MET E 151 52.26 26.84 29.95
C MET E 151 51.08 26.39 30.79
N ILE E 152 50.45 27.32 31.53
CA ILE E 152 49.36 26.97 32.43
C ILE E 152 48.28 26.16 31.73
N VAL E 153 47.99 26.48 30.48
CA VAL E 153 47.03 25.69 29.71
C VAL E 153 47.68 25.32 28.40
N ASN E 154 48.01 24.05 28.23
CA ASN E 154 48.51 23.49 26.99
C ASN E 154 48.32 21.99 26.99
N ASP E 155 48.38 21.39 25.81
CA ASP E 155 48.20 19.95 25.67
C ASP E 155 49.30 19.35 24.81
N THR E 156 49.94 20.19 24.00
CA THR E 156 51.01 19.74 23.11
C THR E 156 52.18 19.16 23.91
N GLY E 157 52.03 17.92 24.35
CA GLY E 157 53.07 17.25 25.12
C GLY E 157 52.58 16.83 26.49
N HIS E 158 51.36 16.32 26.56
CA HIS E 158 50.78 15.88 27.82
C HIS E 158 51.47 14.62 28.33
N GLU E 159 52.68 14.36 27.84
CA GLU E 159 53.45 13.19 28.25
C GLU E 159 54.93 13.37 27.96
N THR E 160 55.51 14.42 28.53
CA THR E 160 56.93 14.71 28.33
C THR E 160 57.34 16.01 29.03
N ASP E 161 56.88 17.13 28.47
CA ASP E 161 57.20 18.43 29.04
C ASP E 161 56.62 18.57 30.45
N GLU E 162 57.32 19.34 31.29
CA GLU E 162 56.88 19.55 32.67
C GLU E 162 56.52 18.24 33.34
N ASN E 163 55.61 18.29 34.31
CA ASN E 163 55.18 17.11 35.04
C ASN E 163 53.71 16.82 34.80
N ARG E 164 53.28 16.96 33.55
CA ARG E 164 51.89 16.72 33.18
C ARG E 164 51.72 15.27 32.76
N ALA E 165 50.54 14.72 33.01
CA ALA E 165 50.22 13.38 32.55
C ALA E 165 48.74 13.29 32.29
N LYS E 166 48.37 12.56 31.24
CA LYS E 166 46.98 12.37 30.86
C LYS E 166 46.58 10.96 31.29
N VAL E 167 45.75 10.86 32.26
CA VAL E 167 45.37 9.59 32.81
C VAL E 167 44.02 9.17 32.28
N GLU E 168 43.94 7.92 31.83
CA GLU E 168 42.67 7.31 31.45
C GLU E 168 42.15 6.48 32.60
N ILE E 169 40.84 6.48 32.77
CA ILE E 169 40.18 5.60 33.74
C ILE E 169 38.93 5.04 33.08
N THR E 170 38.84 3.72 33.00
CA THR E 170 37.67 3.07 32.47
C THR E 170 37.37 1.86 33.33
N PRO E 171 36.08 1.57 33.50
CA PRO E 171 35.64 0.43 34.32
C PRO E 171 36.74 -0.61 34.58
N ASN E 172 36.86 -1.59 33.70
CA ASN E 172 37.85 -2.64 33.84
C ASN E 172 39.26 -2.13 34.16
N SER E 173 39.34 -1.21 35.12
CA SER E 173 40.60 -0.62 35.54
C SER E 173 40.35 0.66 36.33
N PRO E 174 39.93 0.52 37.58
CA PRO E 174 39.64 1.70 38.41
C PRO E 174 40.88 2.49 38.71
N ARG E 175 42.05 1.91 38.51
CA ARG E 175 43.28 2.50 38.95
C ARG E 175 44.17 2.82 37.76
N ALA E 176 44.89 3.91 37.91
CA ALA E 176 45.84 4.35 36.93
C ALA E 176 46.86 5.03 37.80
N GLU E 177 48.13 4.78 37.52
CA GLU E 177 49.16 5.42 38.30
C GLU E 177 49.81 6.31 37.28
N ALA E 178 49.88 7.60 37.59
CA ALA E 178 50.47 8.52 36.65
C ALA E 178 51.90 8.76 37.03
N THR E 179 52.79 8.35 36.16
CA THR E 179 54.20 8.58 36.43
C THR E 179 54.55 9.97 35.91
N LEU E 180 54.78 10.89 36.82
CA LEU E 180 55.30 12.21 36.48
C LEU E 180 56.81 12.13 36.69
N GLY E 181 57.56 12.17 35.59
CA GLY E 181 58.97 11.81 35.63
C GLY E 181 59.76 12.65 36.60
N GLY E 182 60.42 12.00 37.55
CA GLY E 182 61.19 12.70 38.55
C GLY E 182 60.43 13.09 39.78
N PHE E 183 59.11 13.22 39.70
CA PHE E 183 58.36 13.40 40.93
C PHE E 183 57.84 12.09 41.48
N GLY E 184 58.22 10.98 40.86
CA GLY E 184 57.63 9.72 41.25
C GLY E 184 56.32 9.52 40.53
N SER E 185 55.36 8.88 41.19
CA SER E 185 54.10 8.57 40.55
C SER E 185 52.97 8.69 41.55
N LEU E 186 51.88 9.32 41.13
CA LEU E 186 50.74 9.55 42.01
C LEU E 186 49.80 8.38 41.87
N GLY E 187 49.63 7.63 42.95
CA GLY E 187 48.69 6.52 42.95
C GLY E 187 47.28 7.04 42.88
N LEU E 188 46.48 6.56 41.93
CA LEU E 188 45.16 7.12 41.69
C LEU E 188 44.16 5.98 41.50
N ASP E 189 43.09 5.99 42.28
CA ASP E 189 42.07 4.95 42.24
C ASP E 189 40.72 5.65 42.17
N CYS E 190 39.89 5.25 41.21
CA CYS E 190 38.63 5.94 40.98
C CYS E 190 37.53 4.91 40.73
N GLU E 191 36.30 5.24 41.11
CA GLU E 191 35.22 4.31 40.90
C GLU E 191 34.49 4.79 39.67
N PRO E 192 34.70 4.22 38.48
CA PRO E 192 34.01 4.75 37.30
C PRO E 192 32.53 4.44 37.29
N ARG E 193 32.15 3.25 37.73
CA ARG E 193 30.78 2.79 37.57
C ARG E 193 29.84 3.50 38.51
N THR E 194 30.37 4.10 39.57
CA THR E 194 29.53 4.65 40.63
C THR E 194 29.13 6.10 40.32
N GLY E 195 30.13 6.98 40.21
CA GLY E 195 29.86 8.39 40.34
C GLY E 195 28.83 8.93 39.38
N LEU E 196 29.06 8.79 38.08
CA LEU E 196 28.32 9.59 37.12
C LEU E 196 26.83 9.29 37.10
N ASP E 197 26.38 8.24 37.80
CA ASP E 197 24.98 7.82 37.85
C ASP E 197 24.42 7.43 36.50
N PHE E 198 25.13 6.60 35.74
CA PHE E 198 24.64 6.18 34.45
C PHE E 198 23.61 5.08 34.57
N SER E 199 23.29 4.47 33.42
CA SER E 199 22.28 3.43 33.23
C SER E 199 20.89 4.03 33.30
N ASP E 200 20.78 5.24 33.85
CA ASP E 200 19.54 5.98 33.83
C ASP E 200 19.50 7.03 32.74
N LEU E 201 20.54 7.13 31.93
CA LEU E 201 20.65 8.20 30.95
C LEU E 201 20.74 7.60 29.54
N TYR E 202 19.70 7.77 28.75
CA TYR E 202 19.80 7.51 27.33
C TYR E 202 20.42 8.68 26.62
N TYR E 203 21.24 8.37 25.63
CA TYR E 203 21.95 9.37 24.84
C TYR E 203 21.09 9.65 23.61
N LEU E 204 20.81 10.92 23.35
CA LEU E 204 19.71 11.32 22.49
C LEU E 204 20.19 12.29 21.41
N THR E 205 19.71 12.10 20.18
CA THR E 205 20.16 12.92 19.07
C THR E 205 18.96 13.47 18.30
N MET E 206 18.79 14.78 18.32
CA MET E 206 17.98 15.44 17.30
C MET E 206 18.84 15.62 16.06
N ASN E 207 18.40 16.44 15.12
CA ASN E 207 19.26 16.72 14.00
C ASN E 207 20.52 17.40 14.49
N ASN E 208 21.66 16.78 14.23
CA ASN E 208 22.98 17.35 14.49
C ASN E 208 23.12 18.04 15.84
N LYS E 209 22.58 17.46 16.90
CA LYS E 209 22.81 17.95 18.25
C LYS E 209 22.70 16.76 19.19
N HIS E 210 22.84 17.00 20.49
CA HIS E 210 22.87 15.89 21.42
C HIS E 210 22.46 16.36 22.80
N TRP E 211 22.15 15.39 23.65
CA TRP E 211 21.60 15.66 24.96
C TRP E 211 21.92 14.47 25.87
N LEU E 212 21.37 14.50 27.07
CA LEU E 212 21.19 13.30 27.88
C LEU E 212 19.80 13.36 28.45
N VAL E 213 19.22 12.21 28.71
CA VAL E 213 17.84 12.14 29.13
C VAL E 213 17.69 11.09 30.22
N HIS E 214 17.10 11.47 31.34
CA HIS E 214 16.73 10.47 32.33
C HIS E 214 15.69 9.54 31.73
N LYS E 215 15.87 8.24 31.93
CA LYS E 215 14.84 7.34 31.49
C LYS E 215 13.57 7.62 32.26
N GLU E 216 12.45 7.11 31.74
CA GLU E 216 11.12 7.44 32.23
C GLU E 216 10.76 8.83 31.73
N TRP E 217 11.68 9.46 31.02
CA TRP E 217 11.32 10.49 30.05
C TRP E 217 11.32 9.92 28.65
N PHE E 218 12.50 9.65 28.12
CA PHE E 218 12.64 9.16 26.76
C PHE E 218 11.92 7.83 26.54
N HIS E 219 11.68 7.07 27.59
CA HIS E 219 10.91 5.85 27.43
C HIS E 219 9.45 6.16 27.20
N ASP E 220 8.93 7.21 27.84
CA ASP E 220 7.55 7.60 27.67
C ASP E 220 7.50 8.97 27.01
N ILE E 221 7.18 9.00 25.73
CA ILE E 221 6.90 10.25 25.04
C ILE E 221 5.89 9.91 23.96
N PRO E 222 4.96 10.78 23.63
CA PRO E 222 3.93 10.43 22.65
C PRO E 222 4.27 10.85 21.24
N LEU E 223 5.12 10.12 20.56
CA LEU E 223 5.34 10.30 19.14
C LEU E 223 5.46 8.95 18.45
N PRO E 224 5.34 8.90 17.14
CA PRO E 224 5.60 7.64 16.45
C PRO E 224 7.01 7.18 16.73
N TRP E 225 7.16 5.92 17.12
CA TRP E 225 8.47 5.38 17.42
C TRP E 225 8.73 4.12 16.63
N HIS E 226 9.81 4.16 15.86
CA HIS E 226 10.38 3.01 15.21
C HIS E 226 10.89 2.03 16.26
N ALA E 227 10.92 0.75 15.91
CA ALA E 227 11.28 -0.24 16.91
C ALA E 227 12.77 -0.21 17.22
N GLY E 228 13.55 0.41 16.36
CA GLY E 228 14.91 0.79 16.66
C GLY E 228 15.94 -0.28 16.36
N ALA E 229 15.53 -1.54 16.32
CA ALA E 229 16.48 -2.61 16.09
C ALA E 229 16.83 -2.85 14.64
N ASP E 230 15.98 -2.43 13.69
CA ASP E 230 16.23 -2.70 12.27
C ASP E 230 16.07 -1.40 11.48
N THR E 231 17.05 -1.10 10.65
CA THR E 231 17.06 0.12 9.86
C THR E 231 16.58 -0.08 8.43
N GLY E 232 16.13 -1.28 8.07
CA GLY E 232 15.79 -1.54 6.68
C GLY E 232 14.68 -0.66 6.13
N THR E 233 13.50 -0.72 6.72
CA THR E 233 12.44 0.23 6.44
C THR E 233 11.63 0.38 7.71
N PRO E 234 11.11 1.56 7.98
CA PRO E 234 10.37 1.75 9.22
C PRO E 234 9.07 0.97 9.21
N HIS E 235 8.85 0.17 10.24
CA HIS E 235 7.52 -0.36 10.51
C HIS E 235 7.12 0.21 11.86
N TRP E 236 6.25 1.21 11.83
CA TRP E 236 6.09 2.03 13.00
C TRP E 236 5.19 1.36 14.03
N ASN E 237 5.36 1.77 15.27
CA ASN E 237 4.30 1.69 16.25
C ASN E 237 3.57 3.02 16.21
N ASN E 238 2.66 3.26 17.15
CA ASN E 238 2.01 4.56 17.23
C ASN E 238 1.43 4.92 15.87
N LYS E 239 2.07 5.87 15.19
CA LYS E 239 1.60 6.28 13.87
C LYS E 239 0.64 7.42 14.10
N GLU E 240 -0.36 7.19 14.95
CA GLU E 240 -1.29 8.25 15.23
C GLU E 240 -0.56 9.28 16.06
N ALA E 241 -1.27 10.35 16.42
CA ALA E 241 -0.82 11.33 17.40
C ALA E 241 0.30 12.23 16.88
N LEU E 242 0.96 11.86 15.79
CA LEU E 242 1.59 12.86 14.94
C LEU E 242 0.74 13.17 13.73
N VAL E 243 -0.40 12.49 13.59
CA VAL E 243 -1.36 12.70 12.52
C VAL E 243 -2.74 12.74 13.13
N GLU E 244 -3.44 13.84 12.95
CA GLU E 244 -4.80 13.98 13.47
C GLU E 244 -5.77 13.92 12.30
N PHE E 245 -6.55 12.85 12.23
CA PHE E 245 -7.55 12.75 11.19
C PHE E 245 -8.78 13.34 11.88
N LYS E 246 -9.27 14.44 11.34
CA LYS E 246 -10.41 15.13 11.93
C LYS E 246 -11.48 15.42 10.88
N ASP E 247 -12.72 15.53 11.33
CA ASP E 247 -13.82 15.80 10.40
C ASP E 247 -14.64 16.96 10.88
N ALA E 248 -15.55 17.39 10.02
CA ALA E 248 -16.47 18.48 10.29
C ALA E 248 -17.85 17.98 9.91
N HIS E 249 -18.87 18.47 10.60
CA HIS E 249 -20.25 18.04 10.33
C HIS E 249 -20.54 17.98 8.83
N ALA E 250 -20.18 16.86 8.20
CA ALA E 250 -20.41 16.69 6.77
C ALA E 250 -20.06 15.29 6.24
N LYS E 251 -19.82 15.22 4.94
CA LYS E 251 -19.48 13.99 4.25
C LYS E 251 -17.98 13.77 4.32
N ARG E 252 -17.27 14.71 4.93
CA ARG E 252 -15.82 14.70 4.85
C ARG E 252 -15.19 14.27 6.17
N GLN E 253 -14.07 13.60 6.07
CA GLN E 253 -13.13 13.39 7.18
C GLN E 253 -11.75 13.77 6.67
N THR E 254 -11.17 14.81 7.23
CA THR E 254 -9.91 15.33 6.74
C THR E 254 -8.76 14.79 7.58
N VAL E 255 -7.54 15.13 7.18
CA VAL E 255 -6.34 14.62 7.82
C VAL E 255 -5.26 15.71 7.80
N VAL E 256 -4.50 15.84 8.88
CA VAL E 256 -3.53 16.92 9.00
C VAL E 256 -2.16 16.34 9.36
N VAL E 257 -1.10 17.06 8.95
CA VAL E 257 0.26 16.56 9.14
C VAL E 257 0.83 16.87 10.51
N LEU E 258 0.60 18.07 11.04
CA LEU E 258 1.13 18.68 12.28
C LEU E 258 2.50 19.37 12.17
N GLY E 259 3.15 19.40 11.01
CA GLY E 259 4.25 20.34 10.81
C GLY E 259 5.46 20.14 11.70
N SER E 260 5.97 18.92 11.64
CA SER E 260 6.91 18.33 12.59
C SER E 260 6.46 18.54 14.03
N GLN E 261 7.33 18.23 14.98
CA GLN E 261 7.33 18.86 16.28
C GLN E 261 8.67 19.46 16.69
N GLU E 262 9.67 19.48 15.81
CA GLU E 262 11.06 19.58 16.25
C GLU E 262 11.26 20.68 17.27
N GLY E 263 10.42 21.70 17.23
CA GLY E 263 10.49 22.74 18.24
C GLY E 263 10.04 22.27 19.59
N ALA E 264 9.18 21.25 19.64
CA ALA E 264 8.67 20.81 20.93
C ALA E 264 9.76 20.12 21.73
N VAL E 265 10.37 19.09 21.14
CA VAL E 265 11.39 18.31 21.84
C VAL E 265 12.42 19.22 22.49
N HIS E 266 12.92 20.20 21.74
CA HIS E 266 13.80 21.19 22.33
C HIS E 266 13.12 21.81 23.55
N THR E 267 12.07 22.59 23.31
CA THR E 267 11.40 23.26 24.41
C THR E 267 10.93 22.28 25.46
N ALA E 268 10.82 21.01 25.11
CA ALA E 268 10.49 20.02 26.11
C ALA E 268 11.69 19.69 26.98
N LEU E 269 12.83 19.43 26.37
CA LEU E 269 14.01 19.09 27.15
C LEU E 269 14.39 20.26 28.02
N ALA E 270 14.45 20.01 29.33
CA ALA E 270 14.91 21.01 30.27
C ALA E 270 15.58 20.27 31.40
N GLY E 271 16.64 20.85 31.92
CA GLY E 271 17.46 20.12 32.86
C GLY E 271 18.10 18.89 32.26
N ALA E 272 18.39 18.93 30.97
CA ALA E 272 19.10 17.85 30.30
C ALA E 272 20.43 18.40 29.82
N LEU E 273 21.51 17.75 30.20
CA LEU E 273 22.83 18.24 29.84
C LEU E 273 22.97 18.33 28.34
N GLU E 274 23.70 19.34 27.88
CA GLU E 274 24.10 19.33 26.48
C GLU E 274 25.22 18.32 26.30
N ALA E 275 25.42 17.89 25.06
CA ALA E 275 26.45 16.91 24.78
C ALA E 275 26.92 17.07 23.35
N GLU E 276 28.14 16.63 23.10
CA GLU E 276 28.70 16.66 21.76
C GLU E 276 29.39 15.33 21.50
N MET E 277 29.65 15.05 20.23
CA MET E 277 30.25 13.76 19.91
C MET E 277 31.10 13.87 18.66
N ASP E 278 32.16 13.07 18.62
CA ASP E 278 33.06 13.06 17.47
C ASP E 278 32.98 11.74 16.71
N GLY E 279 31.75 11.33 16.40
CA GLY E 279 31.53 10.09 15.67
C GLY E 279 30.90 9.02 16.54
N ALA E 280 31.28 7.77 16.30
CA ALA E 280 30.74 6.65 17.07
C ALA E 280 30.78 6.93 18.56
N LYS E 281 31.87 7.53 19.02
CA LYS E 281 32.04 7.87 20.42
C LYS E 281 31.50 9.27 20.65
N GLY E 282 31.25 9.61 21.91
CA GLY E 282 30.79 10.95 22.20
C GLY E 282 31.26 11.39 23.55
N ARG E 283 31.43 12.70 23.69
CA ARG E 283 32.09 13.28 24.85
C ARG E 283 31.06 14.12 25.57
N LEU E 284 30.61 13.64 26.72
CA LEU E 284 29.82 14.47 27.60
C LEU E 284 30.72 15.52 28.21
N SER E 285 30.13 16.58 28.74
CA SER E 285 30.85 17.19 29.83
C SER E 285 29.89 17.49 30.98
N SER E 286 29.87 16.60 31.95
CA SER E 286 29.49 16.90 33.32
C SER E 286 30.29 15.97 34.20
N GLY E 287 31.11 16.49 35.09
CA GLY E 287 32.00 15.66 35.88
C GLY E 287 31.32 15.11 37.11
N HIS E 288 31.61 13.86 37.41
CA HIS E 288 31.44 13.34 38.74
C HIS E 288 32.39 12.16 38.82
N LEU E 289 33.12 12.04 39.92
CA LEU E 289 33.91 10.86 40.23
C LEU E 289 34.21 10.82 41.70
N LYS E 290 34.47 9.64 42.23
CA LYS E 290 35.06 9.50 43.54
C LYS E 290 36.42 8.86 43.37
N CYS E 291 37.47 9.65 43.56
CA CYS E 291 38.84 9.19 43.34
C CYS E 291 39.54 9.19 44.67
N ARG E 292 40.03 8.05 45.10
CA ARG E 292 40.90 8.02 46.26
C ARG E 292 42.34 8.13 45.80
N LEU E 293 42.95 9.28 46.04
CA LEU E 293 44.28 9.58 45.53
C LEU E 293 45.30 9.02 46.49
N LYS E 294 46.15 8.13 45.99
CA LYS E 294 47.24 7.60 46.77
C LYS E 294 48.47 8.47 46.54
N MET E 295 48.86 9.21 47.57
CA MET E 295 49.98 10.14 47.49
C MET E 295 51.30 9.47 47.80
N ASP E 296 51.31 8.15 47.94
CA ASP E 296 52.42 7.39 48.50
C ASP E 296 53.77 7.83 47.96
N LYS E 297 54.04 7.58 46.69
CA LYS E 297 55.37 7.87 46.16
C LYS E 297 55.28 9.19 45.41
N LEU E 298 55.75 10.25 46.06
CA LEU E 298 55.99 11.54 45.41
C LEU E 298 57.30 12.08 45.92
N ARG E 299 58.27 12.26 45.02
CA ARG E 299 59.58 12.76 45.40
C ARG E 299 59.67 14.27 45.22
N LEU E 300 60.19 14.96 46.23
CA LEU E 300 60.34 16.40 46.19
C LEU E 300 61.33 16.81 45.12
N LYS E 301 60.83 17.33 44.00
CA LYS E 301 61.67 17.76 42.90
C LYS E 301 62.31 19.13 43.17
N GLY E 302 62.93 19.27 44.33
CA GLY E 302 63.58 20.52 44.67
C GLY E 302 64.41 20.47 45.94
N VAL E 303 64.82 19.28 46.35
CA VAL E 303 65.59 19.10 47.56
C VAL E 303 67.03 18.85 47.14
N SER E 304 67.94 19.26 48.02
CA SER E 304 69.38 19.17 47.76
C SER E 304 69.80 20.04 46.59
N TYR E 305 69.39 21.30 46.61
CA TYR E 305 69.94 22.33 45.75
C TYR E 305 70.40 23.50 46.61
N SER E 306 71.18 24.38 46.01
CA SER E 306 71.54 25.63 46.66
C SER E 306 70.35 26.57 46.57
N LEU E 307 70.56 27.83 46.93
CA LEU E 307 69.55 28.86 46.74
C LEU E 307 69.97 29.74 45.57
N CYS E 308 69.09 29.87 44.57
CA CYS E 308 69.43 30.61 43.37
C CYS E 308 69.90 32.00 43.72
N THR E 309 71.07 32.38 43.22
CA THR E 309 71.67 33.69 43.48
C THR E 309 70.66 34.83 43.44
N ALA E 310 71.17 36.05 43.54
CA ALA E 310 70.33 37.25 43.53
C ALA E 310 70.19 37.82 42.12
N ALA E 311 68.95 37.90 41.65
CA ALA E 311 68.65 38.42 40.32
C ALA E 311 67.22 38.04 39.96
N PHE E 312 66.28 38.47 40.79
CA PHE E 312 64.88 38.17 40.59
C PHE E 312 64.15 39.42 40.16
N THR E 313 63.26 39.25 39.20
CA THR E 313 62.44 40.31 38.67
C THR E 313 61.04 39.78 38.52
N PHE E 314 60.07 40.66 38.68
CA PHE E 314 58.69 40.31 38.40
C PHE E 314 58.43 40.52 36.91
N THR E 315 57.70 39.59 36.32
CA THR E 315 57.18 39.75 34.98
C THR E 315 55.67 39.63 35.07
N LYS E 316 54.97 40.69 34.69
CA LYS E 316 53.52 40.85 34.66
C LYS E 316 52.95 41.24 36.02
N ILE E 317 53.76 41.29 37.07
CA ILE E 317 53.34 41.78 38.39
C ILE E 317 52.39 40.77 39.02
N PRO E 318 52.27 40.73 40.33
CA PRO E 318 51.43 39.70 40.95
C PRO E 318 49.96 39.94 40.70
N ALA E 319 49.10 39.06 41.20
CA ALA E 319 47.67 39.19 41.02
C ALA E 319 46.95 38.38 42.08
N GLU E 320 45.66 38.67 42.25
CA GLU E 320 44.84 37.92 43.20
C GLU E 320 43.97 36.92 42.46
N THR E 321 43.75 35.77 43.10
CA THR E 321 42.98 34.71 42.49
C THR E 321 41.79 34.33 43.36
N LEU E 322 40.59 34.67 42.91
CA LEU E 322 39.41 33.91 43.32
C LEU E 322 39.34 33.75 44.82
N HIS E 323 39.54 32.52 45.27
CA HIS E 323 39.51 32.13 46.67
C HIS E 323 40.56 32.86 47.50
N GLY E 324 41.40 33.67 46.86
CA GLY E 324 42.34 34.52 47.58
C GLY E 324 43.81 34.18 47.41
N THR E 325 44.17 33.11 46.71
CA THR E 325 45.57 32.83 46.49
C THR E 325 46.19 33.90 45.60
N VAL E 326 47.51 33.96 45.62
CA VAL E 326 48.28 34.91 44.84
C VAL E 326 49.23 34.14 43.94
N THR E 327 49.37 34.58 42.69
CA THR E 327 50.37 34.00 41.83
C THR E 327 51.48 35.00 41.56
N VAL E 328 52.66 34.49 41.26
CA VAL E 328 53.82 35.31 40.98
C VAL E 328 54.59 34.67 39.84
N GLU E 329 55.04 35.50 38.91
CA GLU E 329 56.06 35.08 37.99
C GLU E 329 57.37 35.72 38.42
N VAL E 330 58.45 34.96 38.30
CA VAL E 330 59.78 35.45 38.65
C VAL E 330 60.75 34.95 37.60
N GLN E 331 61.57 35.85 37.07
CA GLN E 331 62.57 35.48 36.09
C GLN E 331 63.93 35.62 36.74
N TYR E 332 64.58 34.49 37.03
CA TYR E 332 65.87 34.53 37.71
C TYR E 332 66.94 34.57 36.65
N ALA E 333 67.59 35.70 36.50
CA ALA E 333 68.68 35.82 35.55
C ALA E 333 69.90 35.11 36.07
N GLY E 334 69.84 34.65 37.32
CA GLY E 334 70.97 33.96 37.89
C GLY E 334 71.32 32.74 37.05
N THR E 335 72.56 32.71 36.57
CA THR E 335 73.03 31.59 35.75
C THR E 335 73.66 30.57 36.68
N ASP E 336 72.95 29.46 36.84
CA ASP E 336 73.32 28.39 37.75
C ASP E 336 72.60 27.15 37.28
N GLY E 337 73.03 26.00 37.77
CA GLY E 337 72.30 24.78 37.55
C GLY E 337 70.90 24.93 38.10
N PRO E 338 70.02 24.00 37.78
CA PRO E 338 68.67 24.09 38.32
C PRO E 338 68.75 24.28 39.81
N CYS E 339 68.06 25.27 40.33
CA CYS E 339 68.29 25.69 41.69
C CYS E 339 67.00 26.06 42.40
N LYS E 340 67.05 26.01 43.71
CA LYS E 340 65.91 26.29 44.54
C LYS E 340 65.72 27.80 44.66
N VAL E 341 64.47 28.22 44.76
CA VAL E 341 64.15 29.65 44.80
C VAL E 341 63.51 30.01 46.13
N PRO E 342 64.14 30.84 46.94
CA PRO E 342 63.54 31.21 48.21
C PRO E 342 62.35 32.11 48.01
N ALA E 343 61.27 31.80 48.70
CA ALA E 343 60.13 32.70 48.73
C ALA E 343 59.49 32.62 50.09
N GLN E 344 59.17 33.77 50.66
CA GLN E 344 58.53 33.79 51.96
C GLN E 344 57.53 34.92 51.97
N MET E 345 56.35 34.63 52.49
CA MET E 345 55.37 35.66 52.70
C MET E 345 55.58 36.20 54.11
N ALA E 346 56.13 37.40 54.21
CA ALA E 346 56.45 37.92 55.53
C ALA E 346 55.63 39.14 55.89
N VAL E 347 55.05 39.11 57.08
CA VAL E 347 54.30 40.25 57.54
C VAL E 347 55.32 41.09 58.26
N ASP E 348 55.73 42.20 57.66
CA ASP E 348 56.73 43.07 58.28
C ASP E 348 57.91 43.38 57.37
N MET E 349 59.08 43.61 57.97
CA MET E 349 60.29 43.93 57.22
C MET E 349 61.54 43.18 57.69
N GLN E 350 62.37 43.87 58.48
CA GLN E 350 63.63 43.33 59.01
C GLN E 350 63.67 41.81 59.20
N THR E 351 63.46 41.35 60.44
CA THR E 351 63.47 39.92 60.70
C THR E 351 62.30 39.36 59.93
N LEU E 352 62.58 38.73 58.79
CA LEU E 352 61.51 38.21 57.96
C LEU E 352 61.13 36.85 58.52
N THR E 353 60.01 36.80 59.21
CA THR E 353 59.46 35.55 59.70
C THR E 353 58.50 35.00 58.66
N PRO E 354 58.46 33.70 58.49
CA PRO E 354 57.44 33.12 57.60
C PRO E 354 56.05 33.40 58.13
N VAL E 355 55.20 33.90 57.23
CA VAL E 355 53.82 34.20 57.58
C VAL E 355 52.93 33.67 56.49
N GLY E 356 52.00 32.79 56.85
CA GLY E 356 51.05 32.27 55.90
C GLY E 356 51.61 31.15 55.06
N ARG E 357 50.73 30.29 54.55
CA ARG E 357 51.15 29.12 53.81
C ARG E 357 51.73 29.52 52.47
N LEU E 358 52.84 28.90 52.13
CA LEU E 358 53.41 28.97 50.79
C LEU E 358 53.01 27.69 50.09
N ILE E 359 52.08 27.76 49.15
CA ILE E 359 51.75 26.54 48.45
C ILE E 359 52.14 26.66 46.99
N THR E 360 53.41 26.42 46.69
CA THR E 360 53.85 25.84 45.45
C THR E 360 54.60 24.55 45.68
N ALA E 361 54.71 24.10 46.93
CA ALA E 361 55.81 23.28 47.40
C ALA E 361 57.11 24.04 47.13
N ASN E 362 58.15 23.34 46.71
CA ASN E 362 59.44 24.01 46.62
C ASN E 362 59.74 24.47 45.20
N PRO E 363 59.62 25.75 44.91
CA PRO E 363 59.85 26.19 43.54
C PRO E 363 61.29 25.98 43.14
N VAL E 364 61.53 25.31 42.02
CA VAL E 364 62.87 25.02 41.58
C VAL E 364 62.95 25.32 40.10
N ILE E 365 63.72 26.33 39.73
CA ILE E 365 63.79 26.69 38.31
C ILE E 365 64.76 25.72 37.66
N THR E 366 64.29 24.97 36.68
CA THR E 366 65.19 24.04 36.01
C THR E 366 65.49 24.59 34.64
N GLU E 367 66.65 25.20 34.50
CA GLU E 367 67.28 25.48 33.21
C GLU E 367 68.73 25.83 33.44
N SER E 368 69.54 25.68 32.40
CA SER E 368 70.87 26.28 32.36
C SER E 368 70.87 27.57 31.56
N THR E 369 69.71 28.00 31.08
CA THR E 369 69.63 29.02 30.04
C THR E 369 70.05 30.41 30.51
N GLU E 370 70.33 30.58 31.80
CA GLU E 370 70.73 31.84 32.42
C GLU E 370 69.59 32.84 32.46
N ASN E 371 68.49 32.60 31.76
CA ASN E 371 67.27 33.37 31.93
C ASN E 371 66.11 32.39 31.91
N SER E 372 65.37 32.34 33.01
CA SER E 372 64.32 31.34 33.17
C SER E 372 63.13 31.97 33.84
N LYS E 373 62.01 31.25 33.85
CA LYS E 373 60.81 31.72 34.51
C LYS E 373 60.30 30.60 35.41
N MET E 374 59.69 30.96 36.52
CA MET E 374 59.02 30.01 37.38
C MET E 374 57.78 30.68 37.95
N MET E 375 56.64 30.00 37.86
CA MET E 375 55.40 30.53 38.40
C MET E 375 55.14 29.81 39.71
N LEU E 376 55.34 30.50 40.81
CA LEU E 376 55.02 29.97 42.13
C LEU E 376 53.86 30.78 42.68
N GLU E 377 52.97 30.12 43.39
CA GLU E 377 51.81 30.81 43.94
C GLU E 377 51.70 30.50 45.43
N LEU E 378 51.12 31.43 46.17
CA LEU E 378 51.08 31.33 47.62
C LEU E 378 49.93 32.14 48.18
N ASP E 379 49.44 31.73 49.36
CA ASP E 379 48.30 32.39 49.98
C ASP E 379 48.75 33.09 51.24
N PRO E 380 48.89 34.41 51.19
CA PRO E 380 49.33 35.18 52.35
C PRO E 380 48.17 35.49 53.29
N PRO E 381 48.39 36.49 54.24
CA PRO E 381 47.24 36.74 55.12
C PRO E 381 46.44 37.96 54.67
N PHE E 382 45.57 38.46 55.54
CA PHE E 382 44.74 39.61 55.22
C PHE E 382 45.55 40.90 55.34
N GLY E 383 46.06 41.17 56.55
CA GLY E 383 46.85 42.36 56.79
C GLY E 383 47.92 42.58 55.74
N ASP E 384 48.19 43.84 55.42
CA ASP E 384 49.19 44.19 54.43
C ASP E 384 50.48 43.41 54.67
N SER E 385 50.68 42.34 53.92
CA SER E 385 51.87 41.52 54.04
C SER E 385 52.74 41.70 52.81
N TYR E 386 53.99 41.30 52.92
CA TYR E 386 54.91 41.36 51.81
C TYR E 386 55.09 39.99 51.19
N ILE E 387 55.25 39.97 49.88
CA ILE E 387 55.77 38.81 49.17
C ILE E 387 57.23 39.10 48.89
N VAL E 388 58.10 38.17 49.28
CA VAL E 388 59.54 38.38 49.23
C VAL E 388 60.18 37.24 48.46
N ILE E 389 61.18 37.58 47.65
CA ILE E 389 61.89 36.58 46.85
C ILE E 389 63.38 36.88 46.80
N GLY E 390 64.18 35.94 47.29
CA GLY E 390 65.62 36.10 47.30
C GLY E 390 66.20 36.14 48.71
N VAL E 391 67.52 36.09 48.81
CA VAL E 391 68.19 36.12 50.10
C VAL E 391 69.29 37.18 50.12
N GLY E 392 69.82 37.49 48.95
CA GLY E 392 70.89 38.48 48.84
C GLY E 392 70.36 39.91 48.92
N GLU E 393 71.27 40.86 49.03
CA GLU E 393 70.90 42.26 49.13
C GLU E 393 70.11 42.70 47.90
N LYS E 394 70.24 41.95 46.81
CA LYS E 394 69.55 42.26 45.59
C LYS E 394 68.11 41.74 45.57
N LYS E 395 67.64 41.17 46.68
CA LYS E 395 66.30 40.63 46.73
C LYS E 395 65.27 41.72 46.44
N ILE E 396 64.18 41.31 45.82
CA ILE E 396 63.11 42.22 45.43
C ILE E 396 61.83 41.76 46.10
N ILE F 1 -35.41 18.97 0.87
CA ILE F 1 -34.34 19.29 -0.05
C ILE F 1 -33.38 20.27 0.60
N ARG F 2 -32.08 20.09 0.36
CA ARG F 2 -31.05 20.78 1.14
C ARG F 2 -31.27 20.48 2.62
N CYS F 3 -31.92 19.36 2.86
CA CYS F 3 -32.50 18.97 4.13
C CYS F 3 -32.61 17.46 4.08
N ILE F 4 -33.47 16.90 4.91
CA ILE F 4 -33.52 15.46 5.11
C ILE F 4 -32.20 15.06 5.74
N GLY F 5 -31.35 14.33 5.02
CA GLY F 5 -30.25 13.65 5.67
C GLY F 5 -29.35 14.49 6.56
N VAL F 6 -29.45 15.81 6.47
CA VAL F 6 -28.49 16.70 7.12
C VAL F 6 -28.36 16.37 8.61
N SER F 7 -29.43 15.85 9.21
CA SER F 7 -29.48 15.26 10.55
C SER F 7 -29.40 16.29 11.66
N ASN F 8 -28.99 17.51 11.39
CA ASN F 8 -29.20 18.60 12.32
C ASN F 8 -30.40 19.36 11.81
N ARG F 9 -31.51 19.22 12.54
CA ARG F 9 -32.80 19.63 12.02
C ARG F 9 -33.40 20.67 12.95
N ASP F 10 -34.02 21.67 12.37
CA ASP F 10 -34.84 22.60 13.13
C ASP F 10 -36.14 22.83 12.37
N PHE F 11 -37.25 22.44 12.96
CA PHE F 11 -38.55 22.80 12.43
C PHE F 11 -39.04 24.05 13.14
N VAL F 12 -39.50 25.02 12.36
CA VAL F 12 -40.01 26.27 12.91
C VAL F 12 -41.47 26.49 12.52
N GLU F 13 -42.37 26.15 13.44
CA GLU F 13 -43.81 26.31 13.20
C GLU F 13 -44.11 27.67 12.58
N GLY F 14 -45.21 27.74 11.83
CA GLY F 14 -45.61 28.97 11.19
C GLY F 14 -45.65 30.15 12.16
N MET F 15 -45.80 31.35 11.62
CA MET F 15 -45.85 32.56 12.43
C MET F 15 -47.05 33.42 12.06
N SER F 16 -48.01 33.51 12.97
CA SER F 16 -49.21 34.30 12.75
C SER F 16 -48.93 35.80 12.89
N GLY F 17 -47.67 36.17 12.69
CA GLY F 17 -47.26 37.56 12.80
C GLY F 17 -47.03 38.20 11.45
N GLY F 18 -47.51 37.55 10.40
CA GLY F 18 -47.35 38.06 9.05
C GLY F 18 -45.97 37.80 8.49
N THR F 19 -45.62 36.53 8.34
CA THR F 19 -44.32 36.15 7.82
C THR F 19 -43.20 36.91 8.52
N TRP F 20 -43.29 37.00 9.85
CA TRP F 20 -42.29 37.70 10.65
C TRP F 20 -41.40 36.71 11.39
N VAL F 21 -41.56 35.43 11.10
CA VAL F 21 -40.77 34.38 11.73
C VAL F 21 -39.28 34.66 11.64
N ASP F 22 -38.60 34.60 12.77
CA ASP F 22 -37.17 34.86 12.87
C ASP F 22 -36.46 33.55 13.14
N VAL F 23 -35.33 33.32 12.46
CA VAL F 23 -34.68 32.03 12.44
C VAL F 23 -33.17 32.22 12.52
N VAL F 24 -32.48 31.29 13.16
CA VAL F 24 -31.03 31.25 13.26
C VAL F 24 -30.50 30.16 12.35
N LEU F 25 -29.33 30.37 11.78
CA LEU F 25 -28.77 29.45 10.80
C LEU F 25 -27.35 29.09 11.20
N GLU F 26 -27.01 27.81 11.14
CA GLU F 26 -25.70 27.33 11.57
C GLU F 26 -25.12 26.41 10.50
N HIS F 27 -23.88 26.70 10.09
CA HIS F 27 -23.30 26.04 8.93
C HIS F 27 -23.41 24.54 9.05
N GLY F 28 -23.44 24.05 10.27
CA GLY F 28 -23.75 22.65 10.42
C GLY F 28 -25.14 22.27 9.98
N GLY F 29 -26.16 22.97 10.46
CA GLY F 29 -27.54 22.54 10.30
C GLY F 29 -28.32 23.36 9.29
N CYS F 30 -29.63 23.16 9.34
CA CYS F 30 -30.55 23.87 8.48
C CYS F 30 -31.89 23.90 9.19
N VAL F 31 -32.62 24.95 8.97
CA VAL F 31 -33.96 25.06 9.52
C VAL F 31 -34.95 25.05 8.38
N THR F 32 -36.01 24.27 8.52
CA THR F 32 -37.10 24.23 7.55
C THR F 32 -38.25 25.05 8.09
N VAL F 33 -38.78 25.95 7.27
CA VAL F 33 -39.91 26.76 7.66
C VAL F 33 -41.17 26.16 7.08
N MET F 34 -42.08 25.71 7.95
CA MET F 34 -43.38 25.19 7.54
C MET F 34 -44.43 26.22 7.95
N ALA F 35 -45.13 26.77 6.97
CA ALA F 35 -46.18 27.74 7.25
C ALA F 35 -47.35 27.49 6.30
N GLN F 36 -48.54 27.32 6.87
CA GLN F 36 -49.72 27.02 6.06
C GLN F 36 -49.89 28.03 4.92
N ASP F 37 -49.54 29.28 5.17
CA ASP F 37 -49.57 30.32 4.16
C ASP F 37 -48.55 30.11 3.05
N LYS F 38 -47.69 29.11 3.16
CA LYS F 38 -46.54 29.01 2.28
C LYS F 38 -46.31 27.57 1.90
N PRO F 39 -45.56 27.33 0.83
CA PRO F 39 -44.95 26.02 0.66
C PRO F 39 -43.79 25.92 1.61
N THR F 40 -43.51 24.72 2.08
CA THR F 40 -42.46 24.57 3.07
C THR F 40 -41.11 24.87 2.45
N VAL F 41 -40.40 25.82 3.04
CA VAL F 41 -39.16 26.34 2.48
C VAL F 41 -38.01 25.83 3.31
N ASP F 42 -36.98 25.33 2.65
CA ASP F 42 -35.80 24.80 3.31
C ASP F 42 -34.66 25.80 3.18
N ILE F 43 -34.19 26.29 4.31
CA ILE F 43 -33.06 27.22 4.37
C ILE F 43 -31.87 26.49 4.92
N GLU F 44 -30.71 26.71 4.32
CA GLU F 44 -29.46 26.25 4.90
C GLU F 44 -28.37 27.23 4.55
N LEU F 45 -27.48 27.47 5.50
CA LEU F 45 -26.28 28.23 5.24
C LEU F 45 -25.28 27.32 4.54
N VAL F 46 -24.37 27.91 3.79
CA VAL F 46 -23.36 27.09 3.15
C VAL F 46 -21.96 27.55 3.53
N THR F 47 -21.51 28.66 2.96
CA THR F 47 -20.16 29.13 3.16
C THR F 47 -20.16 30.61 3.43
N THR F 48 -19.40 31.03 4.42
CA THR F 48 -19.28 32.45 4.75
C THR F 48 -17.93 32.91 4.23
N THR F 49 -17.93 33.68 3.16
CA THR F 49 -16.68 34.11 2.58
C THR F 49 -16.22 35.41 3.20
N VAL F 50 -14.92 35.53 3.41
CA VAL F 50 -14.29 36.76 3.87
C VAL F 50 -13.30 37.21 2.81
N SER F 51 -13.31 38.49 2.50
CA SER F 51 -12.47 39.03 1.44
C SER F 51 -11.86 40.34 1.88
N ASN F 52 -10.82 40.77 1.16
CA ASN F 52 -10.11 42.02 1.42
C ASN F 52 -9.57 42.06 2.85
N MET F 53 -8.80 41.02 3.18
CA MET F 53 -8.10 40.95 4.46
C MET F 53 -6.80 41.76 4.41
N ALA F 54 -6.33 42.16 5.59
CA ALA F 54 -5.07 42.89 5.72
C ALA F 54 -4.16 42.21 6.75
N GLU F 55 -2.86 42.39 6.58
CA GLU F 55 -1.86 41.68 7.38
C GLU F 55 -1.59 42.40 8.68
N VAL F 56 -1.46 41.63 9.76
CA VAL F 56 -1.18 42.18 11.09
C VAL F 56 -0.11 41.33 11.75
N ARG F 57 0.99 41.98 12.11
CA ARG F 57 2.17 41.31 12.63
C ARG F 57 2.57 40.19 11.68
N SER F 58 3.15 39.14 12.22
CA SER F 58 3.49 37.89 11.55
C SER F 58 4.41 37.18 12.53
N TYR F 59 4.85 35.96 12.26
CA TYR F 59 5.84 35.38 13.15
C TYR F 59 6.81 34.52 12.36
N CYS F 60 7.79 33.99 13.08
CA CYS F 60 8.80 33.12 12.52
C CYS F 60 8.61 31.73 13.09
N TYR F 61 8.14 30.80 12.27
CA TYR F 61 8.03 29.44 12.74
C TYR F 61 9.39 28.81 12.91
N GLU F 62 10.33 29.05 12.00
CA GLU F 62 11.59 28.34 11.95
C GLU F 62 12.74 29.33 11.92
N ALA F 63 13.51 29.36 12.98
CA ALA F 63 14.66 30.24 13.06
C ALA F 63 15.86 29.63 12.33
N SER F 64 16.77 30.49 11.91
CA SER F 64 18.02 30.06 11.30
C SER F 64 19.11 31.04 11.70
N ILE F 65 20.24 30.51 12.07
CA ILE F 65 21.36 31.31 12.54
C ILE F 65 22.49 31.25 11.51
N SER F 66 23.29 32.32 11.43
CA SER F 66 24.27 32.37 10.36
C SER F 66 25.71 32.45 10.86
N ASP F 67 26.16 33.61 11.31
CA ASP F 67 27.57 33.82 11.59
C ASP F 67 27.77 34.19 13.06
N MET F 68 28.38 33.29 13.80
CA MET F 68 28.61 33.50 15.22
C MET F 68 30.01 34.04 15.41
N ALA F 69 30.14 35.16 16.10
CA ALA F 69 31.44 35.72 16.40
C ALA F 69 31.38 36.39 17.77
N SER F 70 32.55 36.64 18.35
CA SER F 70 32.59 37.24 19.67
C SER F 70 33.94 37.90 19.90
N ASP F 71 33.98 38.77 20.89
CA ASP F 71 35.21 39.38 21.36
C ASP F 71 35.07 39.69 22.84
N SER F 72 36.20 39.89 23.50
CA SER F 72 36.17 40.17 24.93
C SER F 72 37.31 41.09 25.30
N ARG F 73 37.03 42.03 26.19
CA ARG F 73 37.96 43.10 26.46
C ARG F 73 38.81 42.85 27.69
N CYS F 74 38.68 41.70 28.36
CA CYS F 74 39.41 41.38 29.59
C CYS F 74 38.94 42.23 30.75
N PRO F 75 39.07 41.70 31.96
CA PRO F 75 38.65 42.43 33.18
C PRO F 75 38.26 43.87 32.88
N THR F 76 38.77 44.81 33.66
CA THR F 76 38.47 46.24 33.51
C THR F 76 38.39 46.67 32.03
N GLN F 77 37.16 46.68 31.51
CA GLN F 77 36.92 47.07 30.13
C GLN F 77 35.52 46.63 29.70
N GLY F 78 34.61 47.59 29.52
CA GLY F 78 33.27 47.27 29.14
C GLY F 78 33.26 46.10 28.17
N GLU F 79 32.08 45.75 27.70
CA GLU F 79 31.96 44.64 26.76
C GLU F 79 32.29 45.19 25.38
N ALA F 80 33.38 44.73 24.81
CA ALA F 80 33.80 45.29 23.53
C ALA F 80 32.75 44.96 22.49
N TYR F 81 32.20 45.97 21.85
CA TYR F 81 31.10 45.70 20.97
C TYR F 81 31.62 45.27 19.60
N LEU F 82 31.10 44.17 19.11
CA LEU F 82 31.37 43.80 17.75
C LEU F 82 30.68 44.79 16.80
N ASP F 83 31.15 44.82 15.57
CA ASP F 83 30.44 45.58 14.55
C ASP F 83 29.04 45.05 14.38
N LYS F 84 28.85 43.76 14.62
CA LYS F 84 27.56 43.15 14.40
C LYS F 84 26.46 43.69 15.31
N GLN F 85 26.79 44.50 16.31
CA GLN F 85 25.73 45.07 17.12
C GLN F 85 25.10 46.30 16.50
N SER F 86 25.65 46.83 15.43
CA SER F 86 25.11 48.05 14.85
C SER F 86 24.12 47.80 13.73
N ASP F 87 23.98 46.57 13.26
CA ASP F 87 23.15 46.29 12.09
C ASP F 87 21.75 45.82 12.44
N THR F 88 21.40 45.80 13.71
CA THR F 88 20.25 45.03 14.20
C THR F 88 20.43 43.64 13.62
N GLN F 89 19.33 42.96 13.32
CA GLN F 89 19.33 41.77 12.50
C GLN F 89 20.24 40.70 13.11
N TYR F 90 20.98 41.07 14.13
CA TYR F 90 21.90 40.20 14.86
C TYR F 90 21.44 40.11 16.30
N VAL F 91 21.29 38.89 16.80
CA VAL F 91 21.13 38.73 18.24
C VAL F 91 22.45 39.06 18.89
N CYS F 92 22.41 39.63 20.09
CA CYS F 92 23.63 39.82 20.85
C CYS F 92 23.30 39.73 22.34
N LYS F 93 24.20 39.11 23.09
CA LYS F 93 24.03 38.99 24.53
C LYS F 93 25.38 39.19 25.21
N ARG F 94 25.42 40.12 26.16
CA ARG F 94 26.65 40.47 26.85
C ARG F 94 26.64 39.80 28.21
N THR F 95 27.61 38.92 28.45
CA THR F 95 27.65 38.14 29.67
C THR F 95 29.01 38.29 30.32
N LEU F 96 29.10 37.86 31.57
CA LEU F 96 30.35 37.92 32.32
C LEU F 96 31.03 36.56 32.32
N VAL F 97 32.33 36.56 32.06
CA VAL F 97 33.09 35.33 31.89
C VAL F 97 34.49 35.51 32.44
N ASP F 98 34.99 34.48 33.12
CA ASP F 98 36.33 34.51 33.66
C ASP F 98 37.34 34.46 32.54
N ARG F 99 38.24 35.45 32.50
CA ARG F 99 39.46 35.27 31.72
C ARG F 99 40.61 35.36 32.70
N GLY F 100 41.15 34.20 33.07
CA GLY F 100 42.33 34.17 33.90
C GLY F 100 43.62 34.11 33.09
N TRP F 101 44.57 34.97 33.49
CA TRP F 101 45.98 34.82 33.15
C TRP F 101 46.14 34.41 31.70
N GLY F 102 46.51 33.15 31.49
CA GLY F 102 46.74 32.59 30.17
C GLY F 102 45.53 32.62 29.26
N ASN F 103 44.41 33.13 29.77
CA ASN F 103 43.35 33.60 28.89
C ASN F 103 43.81 34.88 28.21
N GLY F 104 45.01 35.32 28.59
CA GLY F 104 45.72 36.40 27.93
C GLY F 104 45.88 37.67 28.73
N CYS F 105 45.22 37.83 29.88
CA CYS F 105 45.32 39.10 30.55
C CYS F 105 45.13 38.95 32.05
N GLY F 106 45.92 39.71 32.82
CA GLY F 106 45.83 39.66 34.27
C GLY F 106 44.43 39.85 34.79
N LEU F 107 44.29 40.08 36.08
CA LEU F 107 42.99 40.28 36.71
C LEU F 107 42.07 39.09 36.45
N PHE F 108 42.29 38.01 37.19
CA PHE F 108 41.48 36.80 37.05
C PHE F 108 40.27 36.84 37.96
N GLY F 109 39.28 37.66 37.60
CA GLY F 109 38.07 37.78 38.38
C GLY F 109 36.82 37.59 37.54
N LYS F 110 36.74 38.31 36.43
CA LYS F 110 35.60 38.21 35.53
C LYS F 110 35.67 39.34 34.51
N GLY F 111 35.64 38.96 33.23
CA GLY F 111 35.61 39.89 32.11
C GLY F 111 34.22 40.00 31.52
N SER F 112 34.16 40.21 30.21
CA SER F 112 32.87 40.20 29.53
C SER F 112 33.03 39.70 28.11
N LEU F 113 32.06 38.90 27.68
CA LEU F 113 31.93 38.44 26.32
C LEU F 113 30.76 39.16 25.66
N VAL F 114 30.88 39.40 24.36
CA VAL F 114 29.73 39.78 23.57
C VAL F 114 29.71 38.88 22.35
N THR F 115 28.70 38.02 22.27
CA THR F 115 28.52 37.13 21.13
C THR F 115 27.36 37.62 20.29
N CYS F 116 27.49 37.48 18.98
CA CYS F 116 26.44 37.94 18.10
C CYS F 116 26.29 36.98 16.93
N ALA F 117 25.08 36.91 16.41
CA ALA F 117 24.79 36.01 15.30
C ALA F 117 23.75 36.64 14.40
N LYS F 118 23.97 36.53 13.09
CA LYS F 118 22.95 36.94 12.15
C LYS F 118 21.73 36.06 12.31
N PHE F 119 20.56 36.66 12.16
CA PHE F 119 19.30 35.98 12.45
C PHE F 119 18.38 36.16 11.27
N ALA F 120 18.10 35.08 10.56
CA ALA F 120 17.30 35.14 9.35
C ALA F 120 16.19 34.11 9.43
N CYS F 121 14.95 34.55 9.29
CA CYS F 121 13.83 33.66 9.50
C CYS F 121 13.67 32.69 8.33
N SER F 122 13.03 31.58 8.62
CA SER F 122 12.67 30.60 7.62
C SER F 122 11.19 30.28 7.74
N LYS F 123 10.55 30.17 6.60
CA LYS F 123 9.09 30.18 6.50
C LYS F 123 8.58 31.43 7.23
N LYS F 124 7.40 31.34 7.83
CA LYS F 124 6.77 32.42 8.56
C LYS F 124 5.35 32.02 8.89
N MET F 125 4.68 32.78 9.75
CA MET F 125 3.24 32.68 9.89
C MET F 125 2.73 34.09 10.02
N THR F 126 1.77 34.47 9.19
CA THR F 126 1.32 35.84 9.08
C THR F 126 -0.15 35.88 9.44
N GLY F 127 -0.48 36.52 10.55
CA GLY F 127 -1.86 36.79 10.84
C GLY F 127 -2.46 37.69 9.78
N LYS F 128 -3.79 37.71 9.74
CA LYS F 128 -4.49 38.66 8.91
C LYS F 128 -5.72 39.12 9.67
N SER F 129 -6.13 40.36 9.40
CA SER F 129 -7.28 40.94 10.09
C SER F 129 -8.53 40.72 9.26
N ILE F 130 -9.63 40.49 9.95
CA ILE F 130 -10.94 40.36 9.32
C ILE F 130 -11.85 41.43 9.89
N GLN F 131 -12.43 42.22 9.01
CA GLN F 131 -13.29 43.28 9.45
C GLN F 131 -14.71 42.99 9.06
N PRO F 132 -15.69 43.47 9.83
CA PRO F 132 -17.08 43.20 9.49
C PRO F 132 -17.47 43.69 8.13
N GLU F 133 -16.95 44.83 7.69
CA GLU F 133 -17.14 45.18 6.30
C GLU F 133 -16.43 44.15 5.43
N ASN F 134 -16.81 44.14 4.16
CA ASN F 134 -16.30 43.18 3.17
C ASN F 134 -16.43 41.74 3.66
N LEU F 135 -17.45 41.51 4.49
CA LEU F 135 -17.85 40.18 4.91
C LEU F 135 -19.07 39.74 4.12
N GLU F 136 -19.07 38.50 3.68
CA GLU F 136 -20.17 38.01 2.86
C GLU F 136 -20.84 36.83 3.55
N TYR F 137 -21.88 36.31 2.93
CA TYR F 137 -22.50 35.05 3.31
C TYR F 137 -23.10 34.43 2.08
N ARG F 138 -23.41 33.16 2.19
CA ARG F 138 -24.07 32.44 1.11
C ARG F 138 -25.14 31.57 1.72
N ILE F 139 -26.39 31.81 1.36
CA ILE F 139 -27.51 31.02 1.81
C ILE F 139 -28.18 30.42 0.59
N MET F 140 -28.11 29.09 0.47
CA MET F 140 -28.87 28.38 -0.54
C MET F 140 -30.18 27.95 0.09
N LEU F 141 -31.26 28.07 -0.67
CA LEU F 141 -32.56 27.68 -0.13
C LEU F 141 -33.37 26.97 -1.21
N SER F 142 -34.24 26.08 -0.77
CA SER F 142 -35.01 25.24 -1.68
C SER F 142 -36.35 24.91 -1.04
N VAL F 143 -37.27 24.42 -1.87
CA VAL F 143 -38.67 24.26 -1.49
C VAL F 143 -39.13 22.85 -1.83
N HIS F 144 -39.73 22.16 -0.84
CA HIS F 144 -39.98 20.73 -0.98
C HIS F 144 -40.83 20.40 -2.19
N GLY F 145 -42.13 20.64 -2.08
CA GLY F 145 -43.05 20.36 -3.17
C GLY F 145 -42.68 19.13 -3.96
N SER F 146 -42.86 19.19 -5.27
CA SER F 146 -42.54 18.06 -6.15
C SER F 146 -41.23 18.29 -6.89
N GLN F 147 -40.31 17.35 -6.76
CA GLN F 147 -39.01 17.45 -7.42
C GLN F 147 -38.22 16.14 -7.30
N HIS F 148 -37.56 15.76 -8.38
CA HIS F 148 -36.78 14.53 -8.41
C HIS F 148 -35.90 14.42 -7.17
N SER F 149 -36.22 13.47 -6.30
CA SER F 149 -35.46 13.26 -5.07
C SER F 149 -33.97 13.12 -5.34
N GLY F 150 -33.60 12.75 -6.56
CA GLY F 150 -32.19 12.74 -6.91
C GLY F 150 -31.56 14.10 -6.94
N MET F 151 -32.37 15.15 -6.99
CA MET F 151 -31.87 16.52 -7.02
C MET F 151 -31.69 17.10 -5.63
N ILE F 152 -31.86 16.29 -4.58
CA ILE F 152 -31.78 16.77 -3.21
C ILE F 152 -30.52 17.57 -2.96
N VAL F 153 -29.40 17.15 -3.53
CA VAL F 153 -28.17 17.91 -3.41
C VAL F 153 -27.61 18.12 -4.80
N ASN F 154 -27.66 19.38 -5.31
CA ASN F 154 -27.05 19.78 -6.56
C ASN F 154 -26.87 21.29 -6.57
N ASP F 155 -26.01 21.76 -7.46
CA ASP F 155 -25.74 23.20 -7.57
C ASP F 155 -25.89 23.66 -9.02
N THR F 156 -25.86 22.71 -9.95
CA THR F 156 -26.00 23.02 -11.36
C THR F 156 -27.35 23.64 -11.67
N GLY F 157 -27.43 24.97 -11.58
CA GLY F 157 -28.67 25.68 -11.84
C GLY F 157 -28.91 26.76 -10.82
N HIS F 158 -28.39 26.57 -9.61
CA HIS F 158 -28.55 27.53 -8.54
C HIS F 158 -29.32 28.75 -9.03
N GLU F 159 -29.30 28.96 -10.34
CA GLU F 159 -30.04 30.06 -10.95
C GLU F 159 -31.04 29.54 -11.98
N THR F 160 -31.94 28.65 -11.57
CA THR F 160 -32.93 28.10 -12.51
C THR F 160 -34.01 27.16 -11.94
N ASP F 161 -33.80 25.86 -12.17
CA ASP F 161 -34.67 24.78 -11.72
C ASP F 161 -35.98 25.20 -11.05
N GLU F 162 -36.61 24.24 -10.40
CA GLU F 162 -37.87 24.44 -9.71
C GLU F 162 -37.95 25.77 -9.00
N ASN F 163 -37.07 26.00 -8.02
CA ASN F 163 -37.09 27.25 -7.29
C ASN F 163 -35.83 27.56 -6.49
N ARG F 164 -34.89 26.62 -6.41
CA ARG F 164 -33.68 26.92 -5.65
C ARG F 164 -33.20 28.32 -5.95
N ALA F 165 -32.58 28.95 -4.97
CA ALA F 165 -32.00 30.25 -5.17
C ALA F 165 -30.80 30.39 -4.25
N LYS F 166 -29.75 31.05 -4.74
CA LYS F 166 -28.54 31.28 -3.98
C LYS F 166 -28.53 32.74 -3.55
N VAL F 167 -28.70 32.96 -2.29
CA VAL F 167 -28.82 34.31 -1.77
C VAL F 167 -27.50 34.75 -1.17
N GLU F 168 -27.07 35.96 -1.53
CA GLU F 168 -25.92 36.57 -0.91
C GLU F 168 -26.40 37.56 0.16
N ILE F 169 -25.66 37.63 1.25
CA ILE F 169 -25.89 38.63 2.28
C ILE F 169 -24.56 39.20 2.72
N THR F 170 -24.40 40.51 2.59
CA THR F 170 -23.19 41.16 3.04
C THR F 170 -23.59 42.46 3.72
N PRO F 171 -22.86 42.84 4.76
CA PRO F 171 -23.13 44.08 5.52
C PRO F 171 -24.02 45.07 4.77
N ASN F 172 -23.41 45.96 3.99
CA ASN F 172 -24.14 46.97 3.23
C ASN F 172 -25.34 46.41 2.46
N SER F 173 -26.14 45.58 3.12
CA SER F 173 -27.33 44.96 2.53
C SER F 173 -27.77 43.78 3.37
N PRO F 174 -28.42 44.05 4.50
CA PRO F 174 -28.88 42.99 5.37
C PRO F 174 -29.96 42.16 4.74
N ARG F 175 -30.57 42.65 3.68
CA ARG F 175 -31.75 42.03 3.11
C ARG F 175 -31.47 41.57 1.70
N ALA F 176 -32.09 40.45 1.34
CA ALA F 176 -32.19 40.09 -0.05
C ALA F 176 -33.52 39.38 -0.23
N GLU F 177 -34.24 39.75 -1.27
CA GLU F 177 -35.49 39.09 -1.61
C GLU F 177 -35.16 38.02 -2.62
N ALA F 178 -35.30 36.75 -2.23
CA ALA F 178 -35.03 35.63 -3.11
C ALA F 178 -36.29 35.33 -3.89
N THR F 179 -36.22 35.45 -5.21
CA THR F 179 -37.37 35.17 -6.06
C THR F 179 -37.26 33.73 -6.52
N LEU F 180 -38.11 32.88 -5.98
CA LEU F 180 -38.26 31.52 -6.46
C LEU F 180 -39.41 31.53 -7.45
N GLY F 181 -39.10 31.36 -8.74
CA GLY F 181 -40.06 31.63 -9.78
C GLY F 181 -41.34 30.85 -9.65
N GLY F 182 -42.45 31.54 -9.58
CA GLY F 182 -43.74 30.91 -9.42
C GLY F 182 -44.16 30.68 -7.99
N PHE F 183 -43.24 30.60 -7.06
CA PHE F 183 -43.65 30.58 -5.66
C PHE F 183 -43.67 31.96 -5.06
N GLY F 184 -43.43 33.00 -5.86
CA GLY F 184 -43.28 34.32 -5.29
C GLY F 184 -41.86 34.52 -4.81
N SER F 185 -41.68 35.27 -3.73
CA SER F 185 -40.36 35.58 -3.25
C SER F 185 -40.36 35.61 -1.73
N LEU F 186 -39.34 35.00 -1.13
CA LEU F 186 -39.24 34.91 0.31
C LEU F 186 -38.47 36.12 0.80
N GLY F 187 -39.13 36.98 1.57
CA GLY F 187 -38.47 38.12 2.14
C GLY F 187 -37.48 37.67 3.21
N LEU F 188 -36.24 38.12 3.12
CA LEU F 188 -35.20 37.61 4.00
C LEU F 188 -34.36 38.77 4.50
N ASP F 189 -34.22 38.90 5.81
CA ASP F 189 -33.47 39.98 6.44
C ASP F 189 -32.53 39.36 7.46
N CYS F 190 -31.25 39.70 7.40
CA CYS F 190 -30.27 39.07 8.26
C CYS F 190 -29.32 40.12 8.80
N GLU F 191 -28.79 39.89 10.00
CA GLU F 191 -27.88 40.86 10.57
C GLU F 191 -26.49 40.30 10.35
N PRO F 192 -25.73 40.75 9.35
CA PRO F 192 -24.41 40.15 9.13
C PRO F 192 -23.41 40.53 10.19
N ARG F 193 -23.44 41.78 10.65
CA ARG F 193 -22.39 42.29 11.51
C ARG F 193 -22.48 41.72 12.91
N THR F 194 -23.64 41.20 13.28
CA THR F 194 -23.91 40.78 14.66
C THR F 194 -23.45 39.35 14.89
N GLY F 195 -24.06 38.41 14.17
CA GLY F 195 -24.04 37.03 14.60
C GLY F 195 -22.64 36.46 14.79
N LEU F 196 -21.83 36.48 13.74
CA LEU F 196 -20.64 35.63 13.75
C LEU F 196 -19.63 36.00 14.81
N ASP F 197 -19.81 37.13 15.49
CA ASP F 197 -18.91 37.62 16.52
C ASP F 197 -17.51 37.93 16.01
N PHE F 198 -17.39 38.64 14.90
CA PHE F 198 -16.09 38.96 14.35
C PHE F 198 -15.45 40.12 15.09
N SER F 199 -14.37 40.63 14.50
CA SER F 199 -13.52 41.70 15.02
C SER F 199 -12.66 41.19 16.16
N ASP F 200 -13.03 40.05 16.73
CA ASP F 200 -12.22 39.37 17.72
C ASP F 200 -11.41 38.23 17.14
N LEU F 201 -11.51 38.00 15.84
CA LEU F 201 -10.88 36.84 15.22
C LEU F 201 -9.89 37.30 14.16
N TYR F 202 -8.60 37.11 14.43
CA TYR F 202 -7.60 37.23 13.38
C TYR F 202 -7.53 35.96 12.56
N TYR F 203 -7.33 36.13 11.28
CA TYR F 203 -7.25 35.03 10.34
C TYR F 203 -5.78 34.69 10.18
N LEU F 204 -5.44 33.41 10.35
CA LEU F 204 -4.07 32.99 10.63
C LEU F 204 -3.62 31.91 9.67
N THR F 205 -2.38 32.00 9.19
CA THR F 205 -1.88 31.05 8.21
C THR F 205 -0.53 30.50 8.64
N MET F 206 -0.47 29.21 8.91
CA MET F 206 0.79 28.50 8.92
C MET F 206 1.14 28.17 7.47
N ASN F 207 2.10 27.28 7.26
CA ASN F 207 2.36 26.86 5.91
C ASN F 207 1.13 26.15 5.36
N ASN F 208 0.57 26.69 4.28
CA ASN F 208 -0.51 26.07 3.54
C ASN F 208 -1.63 25.50 4.40
N LYS F 209 -2.05 26.22 5.43
CA LYS F 209 -3.21 25.83 6.21
C LYS F 209 -3.80 27.11 6.79
N HIS F 210 -4.87 26.99 7.57
CA HIS F 210 -5.55 28.18 8.05
C HIS F 210 -6.31 27.87 9.32
N TRP F 211 -6.71 28.92 10.01
CA TRP F 211 -7.33 28.81 11.31
C TRP F 211 -8.17 30.06 11.55
N LEU F 212 -8.69 30.17 12.76
CA LEU F 212 -9.13 31.45 13.30
C LEU F 212 -8.64 31.52 14.72
N VAL F 213 -8.40 32.73 15.21
CA VAL F 213 -7.79 32.91 16.51
C VAL F 213 -8.47 34.04 17.23
N HIS F 214 -8.93 33.81 18.45
CA HIS F 214 -9.38 34.92 19.28
C HIS F 214 -8.21 35.84 19.55
N LYS F 215 -8.43 37.14 19.41
CA LYS F 215 -7.39 38.07 19.81
C LYS F 215 -7.12 37.91 21.28
N GLU F 216 -5.98 38.43 21.71
CA GLU F 216 -5.45 38.23 23.05
C GLU F 216 -4.89 36.82 23.14
N TRP F 217 -4.99 36.07 22.06
CA TRP F 217 -4.07 34.98 21.79
C TRP F 217 -3.01 35.42 20.81
N PHE F 218 -3.39 35.57 19.55
CA PHE F 218 -2.45 35.92 18.50
C PHE F 218 -1.77 37.25 18.75
N HIS F 219 -2.36 38.12 19.55
CA HIS F 219 -1.69 39.37 19.88
C HIS F 219 -0.55 39.11 20.86
N ASP F 220 -0.73 38.16 21.77
CA ASP F 220 0.31 37.83 22.72
C ASP F 220 0.79 36.41 22.47
N ILE F 221 1.96 36.29 21.86
CA ILE F 221 2.60 34.99 21.74
C ILE F 221 4.11 35.27 21.73
N PRO F 222 4.94 34.42 22.29
CA PRO F 222 6.36 34.73 22.38
C PRO F 222 7.17 34.16 21.24
N LEU F 223 7.14 34.79 20.08
CA LEU F 223 8.04 34.46 18.99
C LEU F 223 8.52 35.73 18.33
N PRO F 224 9.57 35.67 17.53
CA PRO F 224 9.96 36.84 16.75
C PRO F 224 8.83 37.25 15.84
N TRP F 225 8.49 38.52 15.87
CA TRP F 225 7.41 39.02 15.03
C TRP F 225 7.86 40.18 14.18
N HIS F 226 7.71 40.02 12.87
CA HIS F 226 7.85 41.07 11.90
C HIS F 226 6.76 42.12 12.11
N ALA F 227 7.04 43.35 11.73
CA ALA F 227 6.10 44.41 12.03
C ALA F 227 4.88 44.33 11.13
N GLY F 228 4.97 43.60 10.04
CA GLY F 228 3.83 43.19 9.27
C GLY F 228 3.40 44.16 8.20
N ALA F 229 3.75 45.43 8.34
CA ALA F 229 3.32 46.42 7.38
C ALA F 229 4.18 46.49 6.13
N ASP F 230 5.43 46.04 6.18
CA ASP F 230 6.33 46.16 5.03
C ASP F 230 6.98 44.80 4.77
N THR F 231 6.93 44.37 3.51
CA THR F 231 7.47 43.09 3.10
C THR F 231 8.87 43.18 2.50
N GLY F 232 9.48 44.36 2.47
CA GLY F 232 10.74 44.50 1.78
C GLY F 232 11.87 43.63 2.32
N THR F 233 12.22 43.82 3.59
CA THR F 233 13.10 42.91 4.29
C THR F 233 12.69 42.92 5.74
N PRO F 234 12.81 41.80 6.44
CA PRO F 234 12.35 41.76 7.82
C PRO F 234 13.27 42.61 8.70
N HIS F 235 12.67 43.51 9.47
CA HIS F 235 13.37 44.13 10.58
C HIS F 235 12.62 43.71 11.82
N TRP F 236 13.18 42.77 12.55
CA TRP F 236 12.39 42.06 13.54
C TRP F 236 12.25 42.87 14.81
N ASN F 237 11.19 42.58 15.54
CA ASN F 237 11.18 42.81 16.98
C ASN F 237 11.66 41.52 17.62
N ASN F 238 11.55 41.41 18.95
CA ASN F 238 11.89 40.17 19.62
C ASN F 238 13.27 39.71 19.18
N LYS F 239 13.32 38.62 18.44
CA LYS F 239 14.49 38.01 17.83
C LYS F 239 15.32 37.27 18.86
N GLU F 240 15.06 37.47 20.14
CA GLU F 240 15.45 36.49 21.13
C GLU F 240 14.31 35.49 21.24
N ALA F 241 14.48 34.51 22.12
CA ALA F 241 13.41 33.61 22.53
C ALA F 241 13.02 32.60 21.46
N LEU F 242 13.41 32.83 20.20
CA LEU F 242 13.58 31.73 19.27
C LEU F 242 15.04 31.35 19.13
N VAL F 243 15.92 32.07 19.82
CA VAL F 243 17.36 31.82 19.83
C VAL F 243 17.82 31.90 21.28
N GLU F 244 18.39 30.83 21.80
CA GLU F 244 18.90 30.82 23.15
C GLU F 244 20.42 30.81 23.09
N PHE F 245 21.02 31.93 23.47
CA PHE F 245 22.46 32.03 23.58
C PHE F 245 22.83 31.68 25.01
N LYS F 246 23.45 30.52 25.19
CA LYS F 246 23.77 30.04 26.51
C LYS F 246 25.21 29.58 26.57
N ASP F 247 25.74 29.50 27.79
CA ASP F 247 27.12 29.07 28.00
C ASP F 247 27.34 28.63 29.44
N ALA F 248 28.22 27.64 29.62
CA ALA F 248 28.53 27.12 30.95
C ALA F 248 29.63 27.94 31.61
N HIS F 249 30.38 27.28 32.49
CA HIS F 249 31.48 27.94 33.19
C HIS F 249 32.81 27.71 32.49
N ALA F 250 33.12 28.57 31.52
CA ALA F 250 34.36 28.46 30.77
C ALA F 250 34.66 29.73 30.00
N LYS F 251 35.22 29.59 28.80
CA LYS F 251 35.55 30.72 27.97
C LYS F 251 34.50 30.87 26.88
N ARG F 252 33.54 29.95 26.84
CA ARG F 252 32.64 29.88 25.71
C ARG F 252 31.26 30.40 26.09
N GLN F 253 30.60 31.02 25.11
CA GLN F 253 29.17 31.28 25.12
C GLN F 253 28.61 30.78 23.81
N THR F 254 27.77 29.75 23.85
CA THR F 254 27.27 29.12 22.64
C THR F 254 25.89 29.67 22.29
N VAL F 255 25.37 29.24 21.15
CA VAL F 255 24.10 29.74 20.63
C VAL F 255 23.38 28.59 19.93
N VAL F 256 22.06 28.52 20.08
CA VAL F 256 21.27 27.40 19.56
C VAL F 256 20.12 27.93 18.72
N VAL F 257 19.69 27.14 17.74
CA VAL F 257 18.67 27.57 16.80
C VAL F 257 17.24 27.37 17.32
N LEU F 258 16.96 26.22 17.95
CA LEU F 258 15.67 25.72 18.44
C LEU F 258 14.82 24.94 17.44
N GLY F 259 15.23 24.77 16.18
CA GLY F 259 14.63 23.75 15.32
C GLY F 259 13.16 23.98 14.99
N SER F 260 12.91 25.15 14.45
CA SER F 260 11.61 25.78 14.33
C SER F 260 10.82 25.73 15.62
N GLN F 261 9.53 26.08 15.58
CA GLN F 261 8.55 25.57 16.50
C GLN F 261 7.33 24.94 15.84
N GLU F 262 7.31 24.80 14.52
CA GLU F 262 6.06 24.66 13.79
C GLU F 262 5.13 23.65 14.43
N GLY F 263 5.69 22.68 15.12
CA GLY F 263 4.86 21.74 15.84
C GLY F 263 4.16 22.36 17.03
N ALA F 264 4.73 23.42 17.59
CA ALA F 264 4.13 24.00 18.78
C ALA F 264 2.83 24.71 18.43
N VAL F 265 2.89 25.63 17.48
CA VAL F 265 1.73 26.43 17.11
C VAL F 265 0.53 25.53 16.86
N HIS F 266 0.71 24.45 16.10
CA HIS F 266 -0.35 23.48 15.94
C HIS F 266 -0.82 23.02 17.31
N THR F 267 0.03 22.28 18.01
CA THR F 267 -0.37 21.75 19.31
C THR F 267 -0.80 22.84 20.25
N ALA F 268 -0.42 24.08 19.97
CA ALA F 268 -0.91 25.18 20.78
C ALA F 268 -2.35 25.52 20.43
N LEU F 269 -2.65 25.66 19.15
CA LEU F 269 -3.99 26.01 18.75
C LEU F 269 -4.95 24.91 19.18
N ALA F 270 -5.95 25.27 19.97
CA ALA F 270 -6.99 24.34 20.35
C ALA F 270 -8.26 25.15 20.51
N GLY F 271 -9.38 24.56 20.13
CA GLY F 271 -10.60 25.33 20.07
C GLY F 271 -10.53 26.47 19.08
N ALA F 272 -9.76 26.27 18.01
CA ALA F 272 -9.61 27.29 16.98
C ALA F 272 -10.19 26.76 15.67
N LEU F 273 -11.08 27.53 15.08
CA LEU F 273 -11.69 27.13 13.82
C LEU F 273 -10.64 27.08 12.72
N GLU F 274 -10.75 26.08 11.84
CA GLU F 274 -9.81 25.95 10.74
C GLU F 274 -10.51 26.44 9.49
N ALA F 275 -9.92 27.42 8.82
CA ALA F 275 -10.53 27.98 7.63
C ALA F 275 -9.70 27.83 6.36
N GLU F 276 -10.34 27.31 5.32
CA GLU F 276 -9.71 27.13 4.03
C GLU F 276 -9.94 28.39 3.21
N MET F 277 -9.15 28.54 2.15
CA MET F 277 -9.26 29.70 1.27
C MET F 277 -9.21 29.29 -0.20
N ASP F 278 -8.72 30.20 -1.04
CA ASP F 278 -8.61 29.93 -2.48
C ASP F 278 -8.00 31.11 -3.21
N GLY F 279 -7.20 31.90 -2.50
CA GLY F 279 -6.55 33.05 -3.09
C GLY F 279 -6.57 34.29 -2.21
N ALA F 280 -7.49 35.21 -2.50
CA ALA F 280 -7.61 36.44 -1.75
C ALA F 280 -8.74 36.38 -0.73
N LYS F 281 -9.73 35.53 -0.99
CA LYS F 281 -10.87 35.40 -0.08
C LYS F 281 -10.89 34.02 0.59
N GLY F 282 -11.06 34.02 1.90
CA GLY F 282 -11.10 32.78 2.66
C GLY F 282 -12.50 32.38 3.06
N ARG F 283 -12.84 31.11 2.86
CA ARG F 283 -14.14 30.60 3.20
C ARG F 283 -14.04 29.88 4.53
N LEU F 284 -14.56 30.50 5.57
CA LEU F 284 -14.72 29.81 6.83
C LEU F 284 -15.82 28.76 6.67
N SER F 285 -15.86 27.79 7.56
CA SER F 285 -17.17 27.25 7.81
C SER F 285 -17.39 27.11 9.32
N SER F 286 -18.07 28.10 9.88
CA SER F 286 -18.85 27.94 11.11
C SER F 286 -20.01 28.90 11.00
N GLY F 287 -21.23 28.43 11.03
CA GLY F 287 -22.38 29.27 10.80
C GLY F 287 -22.83 29.97 12.07
N HIS F 288 -23.20 31.23 11.92
CA HIS F 288 -24.07 31.89 12.88
C HIS F 288 -24.72 33.01 12.11
N LEU F 289 -26.02 33.19 12.28
CA LEU F 289 -26.73 34.36 11.77
C LEU F 289 -28.03 34.52 12.53
N LYS F 290 -28.55 35.73 12.55
CA LYS F 290 -29.92 35.95 12.97
C LYS F 290 -30.67 36.49 11.78
N CYS F 291 -31.55 35.68 11.20
CA CYS F 291 -32.28 36.04 10.00
C CYS F 291 -33.74 36.12 10.35
N ARG F 292 -34.35 37.29 10.15
CA ARG F 292 -35.78 37.36 10.28
C ARG F 292 -36.41 37.13 8.91
N LEU F 293 -37.03 35.98 8.74
CA LEU F 293 -37.54 35.56 7.45
C LEU F 293 -38.92 36.16 7.26
N LYS F 294 -39.09 36.95 6.21
CA LYS F 294 -40.39 37.50 5.87
C LYS F 294 -41.05 36.54 4.89
N MET F 295 -42.12 35.88 5.35
CA MET F 295 -42.83 34.89 4.56
C MET F 295 -43.92 35.51 3.72
N ASP F 296 -43.99 36.84 3.67
CA ASP F 296 -45.11 37.59 3.13
C ASP F 296 -45.62 37.03 1.82
N LYS F 297 -44.86 37.14 0.75
CA LYS F 297 -45.35 36.73 -0.56
C LYS F 297 -44.79 35.35 -0.85
N LEU F 298 -45.62 34.34 -0.67
CA LEU F 298 -45.34 32.99 -1.13
C LEU F 298 -46.62 32.42 -1.72
N ARG F 299 -46.59 32.12 -3.00
CA ARG F 299 -47.77 31.67 -3.71
C ARG F 299 -47.62 30.17 -3.96
N LEU F 300 -48.46 29.39 -3.30
CA LEU F 300 -48.49 27.96 -3.55
C LEU F 300 -48.79 27.71 -5.00
N LYS F 301 -47.92 26.97 -5.68
CA LYS F 301 -48.16 26.70 -7.08
C LYS F 301 -48.97 25.45 -7.29
N GLY F 302 -49.43 24.81 -6.22
CA GLY F 302 -50.16 23.58 -6.34
C GLY F 302 -51.66 23.70 -6.13
N VAL F 303 -52.19 24.90 -6.28
CA VAL F 303 -53.60 25.15 -6.07
C VAL F 303 -54.24 25.28 -7.44
N SER F 304 -55.52 24.91 -7.51
CA SER F 304 -56.29 24.90 -8.75
C SER F 304 -55.72 23.90 -9.75
N TYR F 305 -55.51 22.67 -9.30
CA TYR F 305 -55.27 21.54 -10.17
C TYR F 305 -56.26 20.44 -9.82
N SER F 306 -56.36 19.45 -10.72
CA SER F 306 -57.12 18.26 -10.42
C SER F 306 -56.30 17.38 -9.49
N LEU F 307 -56.75 16.15 -9.29
CA LEU F 307 -55.97 15.15 -8.56
C LEU F 307 -55.40 14.15 -9.56
N CYS F 308 -54.08 13.97 -9.55
CA CYS F 308 -53.44 13.11 -10.52
C CYS F 308 -54.07 11.73 -10.49
N THR F 309 -54.49 11.25 -11.65
CA THR F 309 -55.13 9.95 -11.80
C THR F 309 -54.41 8.83 -11.04
N ALA F 310 -54.86 7.60 -11.27
CA ALA F 310 -54.29 6.43 -10.62
C ALA F 310 -53.12 5.86 -11.42
N ALA F 311 -51.98 5.74 -10.75
CA ALA F 311 -50.76 5.22 -11.36
C ALA F 311 -49.57 5.58 -10.46
N PHE F 312 -49.83 5.55 -9.15
CA PHE F 312 -48.81 5.88 -8.16
C PHE F 312 -48.10 4.66 -7.60
N THR F 313 -46.80 4.54 -7.88
CA THR F 313 -46.00 3.42 -7.41
C THR F 313 -44.67 3.86 -6.81
N PHE F 314 -44.60 3.78 -5.48
CA PHE F 314 -43.39 4.15 -4.74
C PHE F 314 -42.11 3.68 -5.40
N THR F 315 -41.01 4.32 -5.04
CA THR F 315 -39.70 3.93 -5.54
C THR F 315 -38.72 4.20 -4.41
N LYS F 316 -37.72 3.34 -4.28
CA LYS F 316 -36.75 3.51 -3.22
C LYS F 316 -37.42 3.19 -1.90
N ILE F 317 -38.67 2.74 -1.95
CA ILE F 317 -39.38 2.40 -0.72
C ILE F 317 -39.18 3.51 0.31
N PRO F 318 -40.07 3.69 1.26
CA PRO F 318 -39.94 4.82 2.18
C PRO F 318 -38.78 4.63 3.14
N ALA F 319 -38.56 5.60 4.02
CA ALA F 319 -37.47 5.53 4.98
C ALA F 319 -37.74 6.46 6.13
N GLU F 320 -37.03 6.26 7.23
CA GLU F 320 -37.16 7.15 8.38
C GLU F 320 -35.99 8.12 8.44
N THR F 321 -36.28 9.33 8.92
CA THR F 321 -35.28 10.38 8.98
C THR F 321 -35.12 10.89 10.40
N LEU F 322 -33.99 10.57 11.02
CA LEU F 322 -33.49 11.43 12.09
C LEU F 322 -34.55 11.74 13.12
N HIS F 323 -34.99 12.99 13.13
CA HIS F 323 -35.99 13.50 14.06
C HIS F 323 -37.33 12.81 13.90
N GLY F 324 -37.45 11.90 12.93
CA GLY F 324 -38.64 11.08 12.79
C GLY F 324 -39.48 11.31 11.56
N THR F 325 -39.16 12.29 10.72
CA THR F 325 -39.92 12.47 9.50
C THR F 325 -39.70 11.30 8.56
N VAL F 326 -40.61 11.16 7.60
CA VAL F 326 -40.57 10.10 6.60
C VAL F 326 -40.51 10.74 5.23
N THR F 327 -39.70 10.17 4.34
CA THR F 327 -39.70 10.61 2.96
C THR F 327 -40.27 9.53 2.08
N VAL F 328 -40.82 9.95 0.95
CA VAL F 328 -41.41 9.06 -0.02
C VAL F 328 -41.05 9.53 -1.42
N GLU F 329 -40.68 8.60 -2.27
CA GLU F 329 -40.67 8.88 -3.69
C GLU F 329 -41.88 8.22 -4.31
N VAL F 330 -42.50 8.89 -5.28
CA VAL F 330 -43.65 8.36 -5.97
C VAL F 330 -43.50 8.72 -7.44
N GLN F 331 -43.69 7.73 -8.30
CA GLN F 331 -43.61 7.95 -9.74
C GLN F 331 -45.01 7.81 -10.30
N TYR F 332 -45.62 8.92 -10.70
CA TYR F 332 -46.98 8.88 -11.20
C TYR F 332 -46.91 8.69 -12.71
N ALA F 333 -47.20 7.46 -13.13
CA ALA F 333 -47.20 7.08 -14.52
C ALA F 333 -48.31 7.83 -15.23
N GLY F 334 -49.44 7.97 -14.54
CA GLY F 334 -50.55 8.66 -15.15
C GLY F 334 -50.07 10.04 -15.47
N THR F 335 -50.28 10.42 -16.73
CA THR F 335 -49.78 11.68 -17.23
C THR F 335 -50.87 12.65 -17.61
N ASP F 336 -50.68 13.87 -17.14
CA ASP F 336 -51.58 14.97 -17.37
C ASP F 336 -50.76 16.22 -17.19
N GLY F 337 -51.44 17.37 -17.16
CA GLY F 337 -50.80 18.65 -16.96
C GLY F 337 -50.39 18.56 -15.51
N PRO F 338 -49.59 19.57 -14.97
CA PRO F 338 -49.20 19.33 -13.57
C PRO F 338 -50.43 19.11 -12.71
N CYS F 339 -50.40 17.96 -12.07
CA CYS F 339 -51.51 17.49 -11.28
C CYS F 339 -51.13 17.26 -9.85
N LYS F 340 -51.95 17.83 -8.99
CA LYS F 340 -51.81 17.69 -7.56
C LYS F 340 -51.84 16.22 -7.19
N VAL F 341 -51.08 15.87 -6.15
CA VAL F 341 -50.94 14.48 -5.74
C VAL F 341 -51.53 14.28 -4.36
N PRO F 342 -52.58 13.49 -4.21
CA PRO F 342 -53.14 13.28 -2.87
C PRO F 342 -52.22 12.43 -2.04
N ALA F 343 -51.99 12.86 -0.80
CA ALA F 343 -51.29 12.03 0.15
C ALA F 343 -51.87 12.27 1.52
N GLN F 344 -52.12 11.20 2.25
CA GLN F 344 -52.67 11.34 3.58
C GLN F 344 -52.04 10.27 4.45
N MET F 345 -51.63 10.67 5.65
CA MET F 345 -51.18 9.71 6.63
C MET F 345 -52.39 9.30 7.45
N ALA F 346 -52.82 8.06 7.26
CA ALA F 346 -54.08 7.59 7.80
C ALA F 346 -53.86 6.67 8.99
N VAL F 347 -54.71 6.82 10.00
CA VAL F 347 -54.62 6.01 11.21
C VAL F 347 -55.48 4.77 11.10
N ASP F 348 -56.07 4.57 9.93
CA ASP F 348 -56.93 3.41 9.69
C ASP F 348 -56.83 2.93 8.26
N MET F 349 -57.91 2.32 7.76
CA MET F 349 -57.95 1.81 6.39
C MET F 349 -59.27 2.13 5.72
N GLN F 350 -60.36 1.64 6.30
CA GLN F 350 -61.69 1.87 5.76
C GLN F 350 -61.90 3.34 5.43
N THR F 351 -62.33 4.12 6.42
CA THR F 351 -62.56 5.54 6.22
C THR F 351 -61.26 6.24 6.59
N LEU F 352 -60.63 6.86 5.60
CA LEU F 352 -59.27 7.35 5.80
C LEU F 352 -59.39 8.77 6.31
N THR F 353 -59.16 8.95 7.60
CA THR F 353 -59.11 10.27 8.19
C THR F 353 -57.68 10.76 8.17
N PRO F 354 -57.47 12.04 7.95
CA PRO F 354 -56.12 12.58 8.05
C PRO F 354 -55.59 12.43 9.47
N VAL F 355 -54.37 11.90 9.56
CA VAL F 355 -53.73 11.70 10.86
C VAL F 355 -52.29 12.18 10.73
N GLY F 356 -51.92 13.13 11.57
CA GLY F 356 -50.56 13.63 11.59
C GLY F 356 -50.27 14.62 10.50
N ARG F 357 -49.28 15.48 10.74
CA ARG F 357 -48.97 16.55 9.82
C ARG F 357 -48.37 16.00 8.54
N LEU F 358 -48.84 16.52 7.42
CA LEU F 358 -48.22 16.28 6.13
C LEU F 358 -47.39 17.52 5.82
N ILE F 359 -46.07 17.41 5.90
CA ILE F 359 -45.28 18.59 5.56
C ILE F 359 -44.47 18.30 4.31
N THR F 360 -45.09 18.45 3.16
CA THR F 360 -44.42 18.88 1.95
C THR F 360 -45.07 20.14 1.41
N ALA F 361 -46.05 20.70 2.12
CA ALA F 361 -47.11 21.50 1.52
C ALA F 361 -47.79 20.66 0.46
N ASN F 362 -48.15 21.25 -0.67
CA ASN F 362 -48.97 20.51 -1.63
C ASN F 362 -48.12 19.90 -2.74
N PRO F 363 -47.88 18.61 -2.70
CA PRO F 363 -47.02 18.03 -3.74
C PRO F 363 -47.68 18.12 -5.09
N VAL F 364 -46.99 18.67 -6.08
CA VAL F 364 -47.54 18.85 -7.41
C VAL F 364 -46.50 18.41 -8.40
N ILE F 365 -46.77 17.33 -9.12
CA ILE F 365 -45.79 16.84 -10.07
C ILE F 365 -45.91 17.68 -11.33
N THR F 366 -44.84 18.37 -11.70
CA THR F 366 -44.90 19.18 -12.91
C THR F 366 -44.10 18.48 -13.99
N GLU F 367 -44.80 17.80 -14.89
CA GLU F 367 -44.26 17.37 -16.17
C GLU F 367 -45.42 16.96 -17.06
N SER F 368 -45.18 16.98 -18.36
CA SER F 368 -46.06 16.31 -19.31
C SER F 368 -45.51 14.94 -19.72
N THR F 369 -44.40 14.54 -19.13
CA THR F 369 -43.61 13.43 -19.65
C THR F 369 -44.28 12.08 -19.50
N GLU F 370 -45.43 12.00 -18.85
CA GLU F 370 -46.20 10.79 -18.61
C GLU F 370 -45.51 9.86 -17.62
N ASN F 371 -44.23 10.09 -17.30
CA ASN F 371 -43.58 9.41 -16.20
C ASN F 371 -42.76 10.44 -15.45
N SER F 372 -43.08 10.65 -14.17
CA SER F 372 -42.46 11.71 -13.39
C SER F 372 -42.19 11.20 -12.00
N LYS F 373 -41.43 11.97 -11.24
CA LYS F 373 -41.14 11.64 -9.85
C LYS F 373 -41.41 12.85 -9.00
N MET F 374 -41.86 12.64 -7.77
CA MET F 374 -42.01 13.70 -6.80
C MET F 374 -41.63 13.16 -5.44
N MET F 375 -40.79 13.88 -4.72
CA MET F 375 -40.38 13.48 -3.39
C MET F 375 -41.16 14.33 -2.40
N LEU F 376 -42.13 13.74 -1.75
CA LEU F 376 -42.88 14.39 -0.70
C LEU F 376 -42.54 13.71 0.61
N GLU F 377 -42.46 14.48 1.68
CA GLU F 377 -42.12 13.91 2.97
C GLU F 377 -43.14 14.37 4.00
N LEU F 378 -43.34 13.55 5.03
CA LEU F 378 -44.40 13.77 6.00
C LEU F 378 -44.06 13.09 7.31
N ASP F 379 -44.60 13.62 8.41
CA ASP F 379 -44.31 13.10 9.74
C ASP F 379 -45.59 12.49 10.30
N PRO F 380 -45.72 11.18 10.37
CA PRO F 380 -46.95 10.58 10.82
C PRO F 380 -46.96 10.46 12.33
N PRO F 381 -48.05 10.00 12.93
CA PRO F 381 -48.13 9.96 14.40
C PRO F 381 -47.25 8.86 14.95
N PHE F 382 -47.26 8.73 16.27
CA PHE F 382 -46.33 7.82 16.93
C PHE F 382 -46.67 6.37 16.65
N GLY F 383 -47.90 5.98 16.89
CA GLY F 383 -48.30 4.60 16.71
C GLY F 383 -48.23 4.18 15.24
N ASP F 384 -48.48 2.90 15.02
CA ASP F 384 -48.54 2.37 13.66
C ASP F 384 -49.53 3.17 12.84
N SER F 385 -49.17 3.44 11.59
CA SER F 385 -50.04 4.21 10.71
C SER F 385 -49.71 3.86 9.27
N TYR F 386 -50.61 4.20 8.37
CA TYR F 386 -50.40 3.99 6.95
C TYR F 386 -50.01 5.29 6.27
N ILE F 387 -49.14 5.17 5.28
CA ILE F 387 -48.92 6.22 4.30
C ILE F 387 -49.70 5.84 3.07
N VAL F 388 -50.53 6.76 2.58
CA VAL F 388 -51.47 6.46 1.50
C VAL F 388 -51.28 7.48 0.40
N ILE F 389 -51.36 7.01 -0.85
CA ILE F 389 -51.20 7.89 -2.00
C ILE F 389 -52.17 7.51 -3.11
N GLY F 390 -53.05 8.44 -3.47
CA GLY F 390 -54.02 8.20 -4.52
C GLY F 390 -55.45 8.25 -4.01
N VAL F 391 -56.40 8.28 -4.93
CA VAL F 391 -57.81 8.33 -4.59
C VAL F 391 -58.61 7.22 -5.29
N GLY F 392 -58.08 6.77 -6.42
CA GLY F 392 -58.73 5.71 -7.18
C GLY F 392 -58.50 4.34 -6.60
N GLU F 393 -59.24 3.35 -7.08
CA GLU F 393 -59.10 1.98 -6.61
C GLU F 393 -57.68 1.47 -6.80
N LYS F 394 -56.93 2.12 -7.67
CA LYS F 394 -55.56 1.74 -7.94
C LYS F 394 -54.58 2.33 -6.95
N LYS F 395 -55.08 3.01 -5.92
CA LYS F 395 -54.19 3.63 -4.94
C LYS F 395 -53.34 2.58 -4.26
N ILE F 396 -52.13 2.98 -3.89
CA ILE F 396 -51.15 2.11 -3.27
C ILE F 396 -50.79 2.69 -1.92
N ILE G 1 -60.26 -26.80 7.82
CA ILE G 1 -59.24 -26.98 6.80
C ILE G 1 -58.10 -26.01 7.05
N ARG G 2 -56.87 -26.46 6.82
CA ARG G 2 -55.68 -25.75 7.28
C ARG G 2 -55.79 -25.50 8.78
N CYS G 3 -56.57 -26.36 9.41
CA CYS G 3 -57.07 -26.21 10.76
C CYS G 3 -57.39 -27.62 11.23
N ILE G 4 -58.25 -27.73 12.24
CA ILE G 4 -58.47 -28.99 12.91
C ILE G 4 -57.17 -29.37 13.57
N GLY G 5 -56.51 -30.42 13.10
CA GLY G 5 -55.45 -31.03 13.90
C GLY G 5 -54.37 -30.11 14.41
N VAL G 6 -54.28 -28.89 13.89
CA VAL G 6 -53.15 -28.01 14.17
C VAL G 6 -52.93 -27.85 15.67
N SER G 7 -53.99 -27.96 16.45
CA SER G 7 -54.00 -28.08 17.91
C SER G 7 -53.68 -26.77 18.61
N ASN G 8 -53.13 -25.78 17.92
CA ASN G 8 -53.09 -24.43 18.44
C ASN G 8 -54.22 -23.69 17.76
N ARG G 9 -55.25 -23.40 18.54
CA ARG G 9 -56.51 -22.98 17.96
C ARG G 9 -56.88 -21.62 18.52
N ASP G 10 -57.41 -20.76 17.66
CA ASP G 10 -58.01 -19.52 18.11
C ASP G 10 -59.33 -19.34 17.37
N PHE G 11 -60.43 -19.34 18.11
CA PHE G 11 -61.70 -18.95 17.53
C PHE G 11 -61.94 -17.48 17.80
N VAL G 12 -62.33 -16.75 16.76
CA VAL G 12 -62.64 -15.35 16.87
C VAL G 12 -64.09 -15.17 16.46
N GLU G 13 -64.94 -14.83 17.41
CA GLU G 13 -66.34 -14.56 17.12
C GLU G 13 -66.48 -13.15 16.59
N GLY G 14 -67.04 -13.00 15.40
CA GLY G 14 -67.17 -11.68 14.81
C GLY G 14 -68.08 -11.55 13.61
N MET G 15 -68.51 -10.31 13.38
CA MET G 15 -69.39 -9.93 12.29
C MET G 15 -70.11 -8.66 12.74
N SER G 16 -69.45 -7.89 13.60
CA SER G 16 -70.02 -6.65 14.10
C SER G 16 -69.44 -5.44 13.39
N GLY G 17 -68.31 -4.94 13.89
CA GLY G 17 -67.66 -3.78 13.31
C GLY G 17 -67.51 -3.90 11.80
N GLY G 18 -68.63 -4.14 11.12
CA GLY G 18 -68.63 -4.27 9.68
C GLY G 18 -67.48 -5.12 9.17
N THR G 19 -67.21 -6.22 9.87
CA THR G 19 -66.14 -7.12 9.48
C THR G 19 -64.77 -6.54 9.85
N TRP G 20 -64.78 -5.57 10.76
CA TRP G 20 -63.56 -4.92 11.19
C TRP G 20 -62.67 -5.85 12.03
N VAL G 21 -63.03 -7.13 12.16
CA VAL G 21 -62.34 -8.02 13.08
C VAL G 21 -60.84 -8.04 12.82
N ASP G 22 -60.07 -7.85 13.89
CA ASP G 22 -58.61 -7.81 13.83
C ASP G 22 -58.07 -9.05 14.50
N VAL G 23 -57.06 -9.67 13.88
CA VAL G 23 -56.60 -10.99 14.27
C VAL G 23 -55.08 -11.02 14.21
N VAL G 24 -54.47 -11.81 15.10
CA VAL G 24 -53.03 -12.04 15.15
C VAL G 24 -52.75 -13.44 14.63
N LEU G 25 -51.61 -13.62 13.96
CA LEU G 25 -51.30 -14.89 13.34
C LEU G 25 -49.90 -15.33 13.78
N GLU G 26 -49.75 -16.59 14.14
CA GLU G 26 -48.50 -17.12 14.65
C GLU G 26 -48.15 -18.42 13.93
N HIS G 27 -46.93 -18.48 13.38
CA HIS G 27 -46.56 -19.58 12.49
C HIS G 27 -46.86 -20.91 13.11
N GLY G 28 -46.85 -20.97 14.43
CA GLY G 28 -47.33 -22.17 15.06
C GLY G 28 -48.79 -22.44 14.83
N GLY G 29 -49.67 -21.46 15.09
CA GLY G 29 -51.09 -21.69 15.14
C GLY G 29 -51.84 -21.13 13.95
N CYS G 30 -53.16 -21.09 14.12
CA CYS G 30 -54.05 -20.56 13.12
C CYS G 30 -55.30 -20.08 13.83
N VAL G 31 -55.90 -19.05 13.30
CA VAL G 31 -57.14 -18.54 13.84
C VAL G 31 -58.23 -18.76 12.81
N THR G 32 -59.37 -19.26 13.26
CA THR G 32 -60.54 -19.44 12.40
C THR G 32 -61.51 -18.32 12.69
N VAL G 33 -61.97 -17.66 11.64
CA VAL G 33 -62.95 -16.59 11.78
C VAL G 33 -64.34 -17.15 11.49
N MET G 34 -65.20 -17.11 12.50
CA MET G 34 -66.60 -17.52 12.34
C MET G 34 -67.45 -16.26 12.43
N ALA G 35 -68.16 -15.95 11.35
CA ALA G 35 -69.04 -14.78 11.33
C ALA G 35 -70.31 -15.13 10.59
N GLN G 36 -71.46 -14.90 11.22
CA GLN G 36 -72.74 -15.26 10.61
C GLN G 36 -72.87 -14.66 9.21
N ASP G 37 -72.32 -13.48 9.01
CA ASP G 37 -72.31 -12.83 7.71
C ASP G 37 -71.44 -13.55 6.70
N LYS G 38 -70.72 -14.59 7.10
CA LYS G 38 -69.68 -15.16 6.25
C LYS G 38 -69.69 -16.67 6.37
N PRO G 39 -69.09 -17.36 5.41
CA PRO G 39 -68.69 -18.74 5.66
C PRO G 39 -67.46 -18.71 6.54
N THR G 40 -67.32 -19.72 7.37
CA THR G 40 -66.22 -19.70 8.31
C THR G 40 -64.90 -19.85 7.57
N VAL G 41 -64.00 -18.89 7.76
CA VAL G 41 -62.76 -18.80 7.02
C VAL G 41 -61.62 -19.18 7.93
N ASP G 42 -60.74 -20.03 7.42
CA ASP G 42 -59.59 -20.51 8.17
C ASP G 42 -58.35 -19.81 7.66
N ILE G 43 -57.70 -19.05 8.54
CA ILE G 43 -56.46 -18.36 8.22
C ILE G 43 -55.32 -19.06 8.94
N GLU G 44 -54.20 -19.24 8.25
CA GLU G 44 -52.99 -19.68 8.91
C GLU G 44 -51.81 -19.06 8.19
N LEU G 45 -50.81 -18.67 8.96
CA LEU G 45 -49.54 -18.25 8.42
C LEU G 45 -48.75 -19.49 8.02
N VAL G 46 -47.83 -19.33 7.07
CA VAL G 46 -47.02 -20.47 6.70
C VAL G 46 -45.55 -20.15 6.85
N THR G 47 -45.01 -19.38 5.92
CA THR G 47 -43.57 -19.09 5.89
C THR G 47 -43.35 -17.62 5.63
N THR G 48 -42.44 -17.03 6.40
CA THR G 48 -42.10 -15.63 6.22
C THR G 48 -40.76 -15.59 5.52
N THR G 49 -40.75 -15.21 4.26
CA THR G 49 -39.51 -15.22 3.51
C THR G 49 -38.82 -13.87 3.63
N VAL G 50 -37.49 -13.91 3.73
CA VAL G 50 -36.66 -12.72 3.73
C VAL G 50 -35.73 -12.81 2.55
N SER G 51 -35.59 -11.71 1.81
CA SER G 51 -34.79 -11.69 0.60
C SER G 51 -33.96 -10.43 0.54
N ASN G 52 -32.93 -10.44 -0.33
CA ASN G 52 -32.05 -9.31 -0.52
C ASN G 52 -31.36 -8.90 0.78
N MET G 53 -30.72 -9.88 1.41
CA MET G 53 -29.93 -9.63 2.59
C MET G 53 -28.53 -9.12 2.22
N ALA G 54 -27.90 -8.44 3.17
CA ALA G 54 -26.54 -7.92 3.00
C ALA G 54 -25.64 -8.37 4.15
N GLU G 55 -24.35 -8.48 3.88
CA GLU G 55 -23.39 -9.04 4.83
C GLU G 55 -22.90 -7.98 5.81
N VAL G 56 -22.78 -8.37 7.07
CA VAL G 56 -22.29 -7.47 8.12
C VAL G 56 -21.29 -8.22 8.98
N ARG G 57 -20.09 -7.69 9.05
CA ARG G 57 -18.97 -8.32 9.71
C ARG G 57 -18.82 -9.74 9.18
N SER G 58 -18.34 -10.65 10.02
CA SER G 58 -18.24 -12.08 9.79
C SER G 58 -17.34 -12.57 10.91
N TYR G 59 -17.12 -13.87 11.05
CA TYR G 59 -16.13 -14.28 12.04
C TYR G 59 -15.37 -15.50 11.55
N CYS G 60 -14.41 -15.92 12.35
CA CYS G 60 -13.60 -17.08 12.07
C CYS G 60 -13.91 -18.15 13.09
N TYR G 61 -14.58 -19.21 12.66
CA TYR G 61 -14.85 -20.30 13.56
C TYR G 61 -13.56 -21.06 13.88
N GLU G 62 -12.71 -21.29 12.89
CA GLU G 62 -11.56 -22.17 13.03
C GLU G 62 -10.29 -21.45 12.62
N ALA G 63 -9.42 -21.19 13.58
CA ALA G 63 -8.16 -20.55 13.30
C ALA G 63 -7.14 -21.55 12.78
N SER G 64 -6.17 -21.02 12.04
CA SER G 64 -5.05 -21.83 11.57
C SER G 64 -3.80 -20.97 11.55
N ILE G 65 -2.71 -21.52 12.04
CA ILE G 65 -1.45 -20.81 12.16
C ILE G 65 -0.47 -21.38 11.16
N SER G 66 0.46 -20.56 10.70
CA SER G 66 1.34 -21.00 9.63
C SER G 66 2.82 -21.02 10.00
N ASP G 67 3.47 -19.86 10.01
CA ASP G 67 4.91 -19.81 10.16
C ASP G 67 5.30 -19.02 11.39
N MET G 68 5.85 -19.71 12.38
CA MET G 68 6.24 -19.09 13.63
C MET G 68 7.72 -18.76 13.57
N ALA G 69 8.07 -17.50 13.83
CA ALA G 69 9.47 -17.10 13.88
C ALA G 69 9.63 -16.03 14.93
N SER G 70 10.87 -15.79 15.34
CA SER G 70 11.12 -14.81 16.38
C SER G 70 12.56 -14.34 16.31
N ASP G 71 12.82 -13.21 16.96
CA ASP G 71 14.16 -12.70 17.14
C ASP G 71 14.20 -11.91 18.43
N SER G 72 15.40 -11.69 18.93
CA SER G 72 15.56 -10.96 20.18
C SER G 72 16.85 -10.17 20.17
N ARG G 73 16.79 -8.96 20.70
CA ARG G 73 17.88 -8.03 20.56
C ARG G 73 18.80 -8.00 21.76
N CYS G 74 18.58 -8.83 22.79
CA CYS G 74 19.37 -8.85 24.02
C CYS G 74 19.13 -7.60 24.85
N PRO G 75 19.31 -7.71 26.15
CA PRO G 75 19.11 -6.58 27.06
C PRO G 75 18.18 -5.52 26.47
N THR G 76 18.04 -4.40 27.16
CA THR G 76 17.18 -3.31 26.69
C THR G 76 17.39 -3.04 25.20
N GLN G 77 16.31 -3.11 24.44
CA GLN G 77 16.39 -2.87 22.99
C GLN G 77 15.00 -2.97 22.36
N GLY G 78 14.63 -1.93 21.61
CA GLY G 78 13.34 -1.90 20.95
C GLY G 78 12.99 -3.22 20.29
N GLU G 79 12.58 -4.19 21.09
CA GLU G 79 12.22 -5.51 20.58
C GLU G 79 12.48 -5.50 19.10
N ALA G 80 13.44 -6.30 18.65
CA ALA G 80 13.80 -6.27 17.24
C ALA G 80 12.63 -6.74 16.42
N TYR G 81 12.17 -5.91 15.51
CA TYR G 81 10.96 -6.27 14.81
C TYR G 81 11.29 -7.20 13.66
N LEU G 82 10.57 -8.30 13.59
CA LEU G 82 10.65 -9.13 12.41
C LEU G 82 10.02 -8.40 11.24
N ASP G 83 10.37 -8.86 10.03
CA ASP G 83 9.68 -8.36 8.86
C ASP G 83 8.20 -8.68 8.92
N LYS G 84 7.86 -9.77 9.60
CA LYS G 84 6.48 -10.20 9.65
C LYS G 84 5.56 -9.23 10.38
N GLN G 85 6.10 -8.20 11.02
CA GLN G 85 5.21 -7.24 11.64
C GLN G 85 4.70 -6.18 10.68
N SER G 86 5.22 -6.13 9.45
CA SER G 86 4.80 -5.09 8.53
C SER G 86 3.68 -5.52 7.61
N ASP G 87 3.32 -6.80 7.58
CA ASP G 87 2.37 -7.31 6.62
C ASP G 87 0.94 -7.41 7.16
N THR G 88 0.70 -6.95 8.38
CA THR G 88 -0.46 -7.33 9.15
C THR G 88 -0.55 -8.84 9.06
N GLN G 89 -1.76 -9.38 9.06
CA GLN G 89 -2.01 -10.76 8.68
C GLN G 89 -1.20 -11.71 9.58
N TYR G 90 -0.31 -11.15 10.39
CA TYR G 90 0.54 -11.87 11.32
C TYR G 90 0.21 -11.41 12.74
N VAL G 91 -0.07 -12.35 13.63
CA VAL G 91 -0.11 -12.01 15.03
C VAL G 91 1.31 -11.71 15.48
N CYS G 92 1.46 -10.78 16.41
CA CYS G 92 2.76 -10.56 17.02
C CYS G 92 2.57 -10.10 18.45
N LYS G 93 3.44 -10.58 19.34
CA LYS G 93 3.40 -10.19 20.74
C LYS G 93 4.82 -10.00 21.24
N ARG G 94 5.07 -8.83 21.83
CA ARG G 94 6.40 -8.50 22.30
C ARG G 94 6.44 -8.68 23.80
N THR G 95 7.29 -9.58 24.29
CA THR G 95 7.33 -9.91 25.70
C THR G 95 8.76 -9.77 26.20
N LEU G 96 8.90 -9.79 27.52
CA LEU G 96 10.21 -9.70 28.15
C LEU G 96 10.69 -11.07 28.58
N VAL G 97 11.95 -11.37 28.27
CA VAL G 97 12.51 -12.70 28.50
C VAL G 97 13.97 -12.58 28.89
N ASP G 98 14.38 -13.40 29.85
CA ASP G 98 15.77 -13.42 30.30
C ASP G 98 16.65 -13.98 29.22
N ARG G 99 17.67 -13.24 28.81
CA ARG G 99 18.76 -13.85 28.08
C ARG G 99 20.01 -13.64 28.92
N GLY G 100 20.41 -14.68 29.63
CA GLY G 100 21.66 -14.63 30.38
C GLY G 100 22.84 -15.16 29.59
N TRP G 101 23.93 -14.39 29.61
CA TRP G 101 25.27 -14.86 29.29
C TRP G 101 25.22 -15.75 28.06
N GLY G 102 25.40 -17.04 28.27
CA GLY G 102 25.42 -18.04 27.21
C GLY G 102 24.15 -18.11 26.39
N ASN G 103 23.16 -17.28 26.75
CA ASN G 103 22.09 -16.97 25.81
C ASN G 103 22.67 -16.08 24.72
N GLY G 104 23.95 -15.72 24.87
CA GLY G 104 24.73 -15.05 23.86
C GLY G 104 25.15 -13.64 24.18
N CYS G 105 24.63 -13.02 25.24
CA CYS G 105 24.97 -11.62 25.43
C CYS G 105 24.91 -11.24 26.91
N GLY G 106 25.89 -10.43 27.32
CA GLY G 106 26.02 -9.99 28.69
C GLY G 106 24.72 -9.57 29.34
N LEU G 107 24.80 -9.21 30.61
CA LEU G 107 23.63 -8.80 31.37
C LEU G 107 22.48 -9.78 31.14
N PHE G 108 22.74 -11.05 31.46
CA PHE G 108 21.73 -12.10 31.29
C PHE G 108 20.42 -11.60 31.88
N GLY G 109 20.31 -10.29 31.95
CA GLY G 109 19.13 -9.62 32.48
C GLY G 109 17.95 -9.94 31.59
N LYS G 110 16.97 -9.04 31.59
CA LYS G 110 15.74 -9.24 30.84
C LYS G 110 15.87 -8.54 29.50
N GLY G 111 15.67 -9.28 28.42
CA GLY G 111 15.65 -8.79 27.06
C GLY G 111 14.25 -8.65 26.52
N SER G 112 14.09 -8.87 25.22
CA SER G 112 12.76 -8.89 24.65
C SER G 112 12.70 -9.84 23.47
N LEU G 113 11.60 -10.57 23.38
CA LEU G 113 11.27 -11.43 22.26
C LEU G 113 10.16 -10.78 21.45
N VAL G 114 10.19 -10.99 20.14
CA VAL G 114 9.03 -10.70 19.30
C VAL G 114 8.76 -11.94 18.48
N THR G 115 7.64 -12.60 18.72
CA THR G 115 7.24 -13.78 17.97
C THR G 115 6.07 -13.40 17.07
N CYS G 116 6.05 -13.97 15.88
CA CYS G 116 4.99 -13.66 14.93
C CYS G 116 4.61 -14.91 14.18
N ALA G 117 3.36 -14.95 13.75
CA ALA G 117 2.84 -16.10 13.04
C ALA G 117 1.82 -15.64 12.01
N LYS G 118 1.90 -16.21 10.80
CA LYS G 118 0.86 -15.96 9.82
C LYS G 118 -0.45 -16.52 10.33
N PHE G 119 -1.55 -15.83 10.04
CA PHE G 119 -2.84 -16.16 10.59
C PHE G 119 -3.84 -16.22 9.46
N ALA G 120 -4.35 -17.41 9.18
CA ALA G 120 -5.24 -17.62 8.05
C ALA G 120 -6.46 -18.37 8.53
N CYS G 121 -7.64 -17.80 8.30
CA CYS G 121 -8.85 -18.38 8.84
C CYS G 121 -9.25 -19.64 8.08
N SER G 122 -10.01 -20.48 8.75
CA SER G 122 -10.59 -21.66 8.16
C SER G 122 -12.08 -21.67 8.44
N LYS G 123 -12.85 -22.04 7.44
CA LYS G 123 -14.29 -21.82 7.40
C LYS G 123 -14.55 -20.34 7.68
N LYS G 124 -15.66 -20.04 8.33
CA LYS G 124 -16.07 -18.68 8.68
C LYS G 124 -17.49 -18.71 9.19
N MET G 125 -17.96 -17.62 9.77
CA MET G 125 -19.38 -17.43 10.00
C MET G 125 -19.67 -15.99 9.67
N THR G 126 -20.65 -15.76 8.80
CA THR G 126 -20.91 -14.44 8.26
C THR G 126 -22.32 -14.04 8.65
N GLY G 127 -22.44 -13.04 9.50
CA GLY G 127 -23.74 -12.46 9.73
C GLY G 127 -24.31 -11.87 8.46
N LYS G 128 -25.61 -11.64 8.47
CA LYS G 128 -26.27 -10.92 7.39
C LYS G 128 -27.33 -10.04 8.01
N SER G 129 -27.59 -8.91 7.36
CA SER G 129 -28.58 -7.96 7.86
C SER G 129 -29.92 -8.22 7.21
N ILE G 130 -30.97 -8.04 7.98
CA ILE G 130 -32.34 -8.13 7.50
C ILE G 130 -33.03 -6.81 7.70
N GLN G 131 -33.57 -6.27 6.64
CA GLN G 131 -34.22 -4.99 6.74
C GLN G 131 -35.72 -5.16 6.53
N PRO G 132 -36.53 -4.29 7.13
CA PRO G 132 -37.98 -4.44 6.97
C PRO G 132 -38.42 -4.36 5.54
N GLU G 133 -37.79 -3.54 4.72
CA GLU G 133 -38.05 -3.62 3.30
C GLU G 133 -37.59 -4.97 2.80
N ASN G 134 -38.08 -5.35 1.62
CA ASN G 134 -37.81 -6.65 0.99
C ASN G 134 -38.09 -7.80 1.95
N LEU G 135 -39.05 -7.58 2.84
CA LEU G 135 -39.59 -8.61 3.71
C LEU G 135 -40.93 -9.08 3.17
N GLU G 136 -41.16 -10.38 3.17
CA GLU G 136 -42.37 -10.92 2.61
C GLU G 136 -43.13 -11.68 3.69
N TYR G 137 -44.30 -12.19 3.32
CA TYR G 137 -45.04 -13.14 4.14
C TYR G 137 -45.84 -14.03 3.21
N ARG G 138 -46.32 -15.13 3.75
CA ARG G 138 -47.17 -16.04 3.01
C ARG G 138 -48.29 -16.47 3.93
N ILE G 139 -49.52 -16.16 3.56
CA ILE G 139 -50.69 -16.57 4.31
C ILE G 139 -51.55 -17.42 3.39
N MET G 140 -51.69 -18.70 3.71
CA MET G 140 -52.63 -19.56 3.04
C MET G 140 -53.92 -19.55 3.83
N LEU G 141 -55.04 -19.50 3.13
CA LEU G 141 -56.33 -19.48 3.82
C LEU G 141 -57.32 -20.35 3.07
N SER G 142 -58.27 -20.91 3.83
CA SER G 142 -59.22 -21.86 3.30
C SER G 142 -60.54 -21.73 4.05
N VAL G 143 -61.59 -22.31 3.49
CA VAL G 143 -62.95 -22.11 3.96
C VAL G 143 -63.63 -23.45 4.14
N HIS G 144 -64.23 -23.66 5.33
CA HIS G 144 -64.69 -25.02 5.68
C HIS G 144 -65.68 -25.58 4.69
N GLY G 145 -66.93 -25.10 4.74
CA GLY G 145 -67.94 -25.58 3.83
C GLY G 145 -68.13 -27.08 3.89
N SER G 146 -67.41 -27.83 3.06
CA SER G 146 -67.55 -29.29 3.07
C SER G 146 -66.61 -30.05 2.11
N GLN G 147 -65.63 -29.36 1.53
CA GLN G 147 -64.71 -30.02 0.63
C GLN G 147 -64.25 -31.35 1.21
N HIS G 148 -63.52 -32.11 0.38
CA HIS G 148 -63.18 -33.47 0.73
C HIS G 148 -62.17 -33.47 1.86
N SER G 149 -62.51 -34.12 2.97
CA SER G 149 -61.68 -34.04 4.16
C SER G 149 -60.25 -34.51 3.89
N GLY G 150 -60.05 -35.31 2.84
CA GLY G 150 -58.71 -35.67 2.47
C GLY G 150 -57.89 -34.50 1.95
N MET G 151 -58.55 -33.41 1.58
CA MET G 151 -57.86 -32.23 1.07
C MET G 151 -57.47 -31.26 2.17
N ILE G 152 -57.65 -31.65 3.44
CA ILE G 152 -57.39 -30.76 4.56
C ILE G 152 -56.00 -30.14 4.47
N VAL G 153 -55.01 -30.90 4.03
CA VAL G 153 -53.68 -30.36 3.83
C VAL G 153 -53.22 -30.71 2.43
N ASN G 154 -53.16 -29.70 1.56
CA ASN G 154 -52.61 -29.84 0.22
C ASN G 154 -52.23 -28.46 -0.30
N ASP G 155 -51.40 -28.45 -1.33
CA ASP G 155 -50.94 -27.20 -1.93
C ASP G 155 -50.91 -27.29 -3.45
N THR G 156 -51.77 -28.14 -4.01
CA THR G 156 -51.85 -28.32 -5.45
C THR G 156 -52.80 -27.31 -6.08
N GLY G 157 -53.88 -27.00 -5.38
CA GLY G 157 -54.86 -26.05 -5.87
C GLY G 157 -54.69 -24.68 -5.26
N HIS G 158 -53.47 -24.35 -4.86
CA HIS G 158 -53.17 -23.07 -4.25
C HIS G 158 -53.80 -21.92 -5.05
N GLU G 159 -53.92 -22.14 -6.36
CA GLU G 159 -54.55 -21.16 -7.23
C GLU G 159 -55.73 -21.78 -7.99
N THR G 160 -56.66 -22.38 -7.25
CA THR G 160 -57.84 -23.01 -7.84
C THR G 160 -58.43 -24.09 -6.93
N ASP G 161 -59.72 -24.37 -7.11
CA ASP G 161 -60.43 -25.39 -6.33
C ASP G 161 -60.93 -24.88 -4.97
N GLU G 162 -62.24 -24.63 -4.91
CA GLU G 162 -62.89 -24.16 -3.67
C GLU G 162 -62.04 -23.17 -2.88
N ASN G 163 -62.29 -23.11 -1.58
CA ASN G 163 -61.54 -22.19 -0.71
C ASN G 163 -60.08 -22.61 -0.60
N ARG G 164 -59.19 -21.74 -1.03
CA ARG G 164 -57.76 -22.02 -0.98
C ARG G 164 -56.97 -20.99 -1.79
N ALA G 165 -56.63 -19.87 -1.16
CA ALA G 165 -55.88 -18.82 -1.82
C ALA G 165 -54.60 -18.58 -1.04
N LYS G 166 -53.53 -18.31 -1.77
CA LYS G 166 -52.22 -18.04 -1.19
C LYS G 166 -51.97 -16.54 -1.27
N VAL G 167 -51.99 -15.89 -0.17
CA VAL G 167 -51.86 -14.44 -0.12
C VAL G 167 -50.45 -14.07 0.23
N GLU G 168 -49.88 -13.14 -0.53
CA GLU G 168 -48.61 -12.54 -0.20
C GLU G 168 -48.85 -11.21 0.49
N ILE G 169 -47.99 -10.89 1.46
CA ILE G 169 -47.99 -9.58 2.11
C ILE G 169 -46.55 -9.13 2.28
N THR G 170 -46.22 -7.99 1.70
CA THR G 170 -44.89 -7.43 1.85
C THR G 170 -45.05 -5.93 2.07
N PRO G 171 -44.17 -5.36 2.88
CA PRO G 171 -44.19 -3.93 3.20
C PRO G 171 -45.00 -3.10 2.20
N ASN G 172 -44.35 -2.63 1.15
CA ASN G 172 -45.00 -1.81 0.12
C ASN G 172 -46.33 -2.38 -0.37
N SER G 173 -47.17 -2.81 0.57
CA SER G 173 -48.48 -3.38 0.28
C SER G 173 -49.01 -4.14 1.48
N PRO G 174 -49.50 -3.41 2.47
CA PRO G 174 -50.04 -4.04 3.67
C PRO G 174 -51.27 -4.84 3.41
N ARG G 175 -51.90 -4.63 2.27
CA ARG G 175 -53.20 -5.19 1.99
C ARG G 175 -53.13 -6.14 0.81
N ALA G 176 -53.93 -7.18 0.88
CA ALA G 176 -54.22 -7.96 -0.31
C ALA G 176 -55.64 -8.46 -0.16
N GLU G 177 -56.40 -8.34 -1.24
CA GLU G 177 -57.75 -8.85 -1.28
C GLU G 177 -57.68 -10.24 -1.90
N ALA G 178 -57.96 -11.26 -1.09
CA ALA G 178 -57.93 -12.65 -1.55
C ALA G 178 -59.28 -12.97 -2.14
N THR G 179 -59.33 -13.30 -3.42
CA THR G 179 -60.58 -13.64 -4.07
C THR G 179 -60.72 -15.16 -4.03
N LEU G 180 -61.63 -15.64 -3.19
CA LEU G 180 -62.01 -17.03 -3.18
C LEU G 180 -63.24 -17.15 -4.06
N GLY G 181 -63.07 -17.78 -5.23
CA GLY G 181 -64.09 -17.71 -6.26
C GLY G 181 -65.44 -18.20 -5.81
N GLY G 182 -66.45 -17.34 -5.93
CA GLY G 182 -67.78 -17.66 -5.53
C GLY G 182 -68.10 -17.35 -4.09
N PHE G 183 -67.10 -17.26 -3.21
CA PHE G 183 -67.37 -16.77 -1.88
C PHE G 183 -67.14 -15.27 -1.78
N GLY G 184 -66.84 -14.61 -2.89
CA GLY G 184 -66.45 -13.23 -2.80
C GLY G 184 -64.99 -13.11 -2.48
N SER G 185 -64.60 -12.10 -1.72
CA SER G 185 -63.20 -11.86 -1.43
C SER G 185 -63.05 -11.34 -0.02
N LEU G 186 -62.07 -11.87 0.70
CA LEU G 186 -61.84 -11.51 2.09
C LEU G 186 -60.87 -10.34 2.11
N GLY G 187 -61.33 -9.19 2.57
CA GLY G 187 -60.46 -8.04 2.70
C GLY G 187 -59.46 -8.28 3.80
N LEU G 188 -58.17 -8.10 3.52
CA LEU G 188 -57.13 -8.46 4.47
C LEU G 188 -56.09 -7.35 4.51
N ASP G 189 -55.82 -6.83 5.70
CA ASP G 189 -54.87 -5.74 5.90
C ASP G 189 -53.94 -6.14 7.03
N CYS G 190 -52.63 -6.05 6.80
CA CYS G 190 -51.67 -6.52 7.78
C CYS G 190 -50.53 -5.53 7.90
N GLU G 191 -49.93 -5.43 9.07
CA GLU G 191 -48.83 -4.48 9.23
C GLU G 191 -47.57 -5.31 9.17
N PRO G 192 -46.86 -5.33 8.04
CA PRO G 192 -45.66 -6.19 7.98
C PRO G 192 -44.51 -5.65 8.80
N ARG G 193 -44.33 -4.34 8.81
CA ARG G 193 -43.13 -3.75 9.40
C ARG G 193 -43.17 -3.81 10.91
N THR G 194 -44.36 -3.98 11.48
CA THR G 194 -44.54 -3.87 12.93
C THR G 194 -44.28 -5.21 13.63
N GLY G 195 -45.07 -6.22 13.28
CA GLY G 195 -45.20 -7.37 14.16
C GLY G 195 -43.89 -8.07 14.46
N LEU G 196 -43.18 -8.52 13.44
CA LEU G 196 -42.13 -9.51 13.67
C LEU G 196 -40.98 -8.98 14.50
N ASP G 197 -40.94 -7.68 14.77
CA ASP G 197 -39.88 -7.03 15.53
C ASP G 197 -38.52 -7.15 14.89
N PHE G 198 -38.40 -6.87 13.60
CA PHE G 198 -37.12 -6.96 12.93
C PHE G 198 -36.26 -5.73 13.20
N SER G 199 -35.17 -5.63 12.43
CA SER G 199 -34.15 -4.61 12.52
C SER G 199 -33.26 -4.86 13.73
N ASP G 200 -33.73 -5.67 14.66
CA ASP G 200 -32.92 -6.11 15.79
C ASP G 200 -32.35 -7.51 15.59
N LEU G 201 -32.60 -8.13 14.44
CA LEU G 201 -32.20 -9.50 14.22
C LEU G 201 -31.26 -9.58 13.03
N TYR G 202 -29.99 -9.89 13.29
CA TYR G 202 -29.09 -10.27 12.22
C TYR G 202 -29.28 -11.73 11.88
N TYR G 203 -29.18 -12.03 10.60
CA TYR G 203 -29.35 -13.38 10.08
C TYR G 203 -27.96 -13.99 9.99
N LEU G 204 -27.79 -15.17 10.56
CA LEU G 204 -26.47 -15.69 10.91
C LEU G 204 -26.28 -17.09 10.35
N THR G 205 -25.09 -17.37 9.81
CA THR G 205 -24.82 -18.66 9.19
C THR G 205 -23.53 -19.24 9.72
N MET G 206 -23.62 -20.37 10.41
CA MET G 206 -22.46 -21.24 10.59
C MET G 206 -22.31 -22.08 9.34
N ASN G 207 -21.51 -23.12 9.40
CA ASN G 207 -21.44 -24.01 8.26
C ASN G 207 -22.81 -24.64 8.03
N ASN G 208 -23.38 -24.40 6.86
CA ASN G 208 -24.62 -25.04 6.41
C ASN G 208 -25.72 -25.11 7.47
N LYS G 209 -25.92 -24.04 8.22
CA LYS G 209 -27.06 -23.94 9.13
C LYS G 209 -27.40 -22.47 9.27
N HIS G 210 -28.38 -22.16 10.09
CA HIS G 210 -28.85 -20.78 10.17
C HIS G 210 -29.52 -20.52 11.50
N TRP G 211 -29.70 -19.25 11.81
CA TRP G 211 -30.19 -18.84 13.10
C TRP G 211 -30.83 -17.46 12.94
N LEU G 212 -31.22 -16.87 14.06
CA LEU G 212 -31.42 -15.44 14.16
C LEU G 212 -30.77 -14.99 15.45
N VAL G 213 -30.34 -13.75 15.49
CA VAL G 213 -29.58 -13.26 16.63
C VAL G 213 -30.03 -11.85 16.95
N HIS G 214 -30.39 -11.60 18.20
CA HIS G 214 -30.60 -10.22 18.62
C HIS G 214 -29.30 -9.46 18.52
N LYS G 215 -29.35 -8.26 17.96
CA LYS G 215 -28.15 -7.44 17.97
C LYS G 215 -27.77 -7.14 19.41
N GLU G 216 -26.53 -6.71 19.59
CA GLU G 216 -25.91 -6.55 20.89
C GLU G 216 -25.54 -7.93 21.43
N TRP G 217 -25.86 -8.96 20.66
CA TRP G 217 -25.13 -10.21 20.74
C TRP G 217 -24.12 -10.30 19.62
N PHE G 218 -24.58 -10.51 18.40
CA PHE G 218 -23.71 -10.67 17.24
C PHE G 218 -22.83 -9.46 17.01
N HIS G 219 -23.21 -8.29 17.49
CA HIS G 219 -22.34 -7.14 17.36
C HIS G 219 -21.17 -7.24 18.31
N ASP G 220 -21.39 -7.81 19.50
CA ASP G 220 -20.32 -7.98 20.46
C ASP G 220 -20.07 -9.45 20.68
N ILE G 221 -19.00 -9.96 20.10
CA ILE G 221 -18.55 -11.32 20.39
C ILE G 221 -17.04 -11.30 20.22
N PRO G 222 -16.28 -12.04 21.01
CA PRO G 222 -14.82 -11.96 20.91
C PRO G 222 -14.21 -12.99 20.00
N LEU G 223 -14.27 -12.78 18.71
CA LEU G 223 -13.53 -13.59 17.75
C LEU G 223 -12.94 -12.70 16.67
N PRO G 224 -12.00 -13.20 15.90
CA PRO G 224 -11.51 -12.43 14.76
C PRO G 224 -12.65 -12.15 13.81
N TRP G 225 -12.82 -10.90 13.41
CA TRP G 225 -13.90 -10.54 12.52
C TRP G 225 -13.37 -9.80 11.30
N HIS G 226 -13.66 -10.37 10.14
CA HIS G 226 -13.47 -9.72 8.87
C HIS G 226 -14.38 -8.50 8.76
N ALA G 227 -13.95 -7.52 7.97
CA ALA G 227 -14.72 -6.28 7.93
C ALA G 227 -16.02 -6.45 7.17
N GLY G 228 -16.14 -7.51 6.39
CA GLY G 228 -17.39 -7.95 5.84
C GLY G 228 -17.77 -7.32 4.54
N ALA G 229 -17.23 -6.15 4.23
CA ALA G 229 -17.62 -5.48 3.00
C ALA G 229 -16.87 -5.94 1.77
N ASP G 230 -15.71 -6.56 1.91
CA ASP G 230 -14.91 -6.97 0.76
C ASP G 230 -14.48 -8.42 0.93
N THR G 231 -14.71 -9.23 -0.10
CA THR G 231 -14.40 -10.65 -0.07
C THR G 231 -13.07 -10.99 -0.74
N GLY G 232 -12.30 -9.99 -1.18
CA GLY G 232 -11.11 -10.30 -1.94
C GLY G 232 -10.07 -11.11 -1.18
N THR G 233 -9.58 -10.59 -0.07
CA THR G 233 -8.76 -11.35 0.86
C THR G 233 -9.03 -10.80 2.23
N PRO G 234 -9.01 -11.64 3.26
CA PRO G 234 -9.33 -11.14 4.60
C PRO G 234 -8.23 -10.22 5.10
N HIS G 235 -8.61 -9.03 5.54
CA HIS G 235 -7.73 -8.20 6.35
C HIS G 235 -8.41 -8.07 7.69
N TRP G 236 -7.92 -8.80 8.67
CA TRP G 236 -8.70 -9.00 9.87
C TRP G 236 -8.60 -7.82 10.80
N ASN G 237 -9.61 -7.69 11.64
CA ASN G 237 -9.45 -6.99 12.90
C ASN G 237 -9.11 -8.06 13.92
N ASN G 238 -9.10 -7.70 15.21
CA ASN G 238 -8.88 -8.71 16.25
C ASN G 238 -7.62 -9.51 15.93
N LYS G 239 -7.81 -10.78 15.61
CA LYS G 239 -6.78 -11.72 15.18
C LYS G 239 -5.98 -12.21 16.37
N GLU G 240 -6.07 -11.57 17.52
CA GLU G 240 -5.74 -12.23 18.76
C GLU G 240 -6.99 -12.92 19.25
N ALA G 241 -6.88 -13.59 20.39
CA ALA G 241 -8.02 -14.12 21.13
C ALA G 241 -8.64 -15.34 20.47
N LEU G 242 -8.35 -15.60 19.21
CA LEU G 242 -8.43 -16.95 18.69
C LEU G 242 -7.06 -17.59 18.62
N VAL G 243 -6.01 -16.84 18.98
CA VAL G 243 -4.63 -17.31 19.04
C VAL G 243 -4.03 -16.83 20.34
N GLU G 244 -3.57 -17.76 21.16
CA GLU G 244 -2.94 -17.41 22.42
C GLU G 244 -1.45 -17.68 22.30
N PHE G 245 -0.67 -16.61 22.25
CA PHE G 245 0.79 -16.73 22.25
C PHE G 245 1.23 -16.65 23.70
N LYS G 246 1.69 -17.77 24.23
CA LYS G 246 2.06 -17.84 25.63
C LYS G 246 3.44 -18.48 25.77
N ASP G 247 4.05 -18.25 26.93
CA ASP G 247 5.41 -18.68 27.16
C ASP G 247 5.51 -19.36 28.52
N ALA G 248 6.67 -19.97 28.77
CA ALA G 248 6.91 -20.67 30.02
C ALA G 248 7.80 -19.85 30.95
N HIS G 249 9.10 -20.09 30.86
CA HIS G 249 10.07 -19.37 31.69
C HIS G 249 11.49 -19.83 31.40
N ALA G 250 12.00 -19.47 30.22
CA ALA G 250 13.35 -19.84 29.82
C ALA G 250 13.83 -18.98 28.66
N LYS G 251 13.52 -19.39 27.44
CA LYS G 251 13.92 -18.66 26.25
C LYS G 251 12.80 -18.71 25.22
N ARG G 252 11.73 -19.42 25.54
CA ARG G 252 10.72 -19.70 24.54
C ARG G 252 9.46 -18.87 24.78
N GLN G 253 8.82 -18.50 23.68
CA GLN G 253 7.43 -18.03 23.67
C GLN G 253 6.68 -18.83 22.62
N THR G 254 5.71 -19.63 23.05
CA THR G 254 5.03 -20.53 22.14
C THR G 254 3.71 -19.90 21.69
N VAL G 255 3.02 -20.60 20.78
CA VAL G 255 1.79 -20.10 20.19
C VAL G 255 0.85 -21.26 19.94
N VAL G 256 -0.44 -21.07 20.17
CA VAL G 256 -1.43 -22.15 20.08
C VAL G 256 -2.57 -21.74 19.16
N VAL G 257 -3.19 -22.73 18.54
CA VAL G 257 -4.23 -22.47 17.54
C VAL G 257 -5.61 -22.25 18.17
N LEU G 258 -5.99 -23.06 19.16
CA LEU G 258 -7.29 -23.16 19.84
C LEU G 258 -8.33 -24.07 19.20
N GLY G 259 -8.06 -24.72 18.05
CA GLY G 259 -8.89 -25.83 17.62
C GLY G 259 -10.33 -25.50 17.30
N SER G 260 -10.47 -24.54 16.41
CA SER G 260 -11.68 -23.79 16.13
C SER G 260 -12.34 -23.28 17.40
N GLN G 261 -13.55 -22.75 17.29
CA GLN G 261 -14.51 -22.77 18.38
C GLN G 261 -15.86 -23.37 18.02
N GLU G 262 -16.03 -23.92 16.83
CA GLU G 262 -17.35 -24.09 16.24
C GLU G 262 -18.35 -24.67 17.23
N GLY G 263 -17.87 -25.45 18.18
CA GLY G 263 -18.76 -25.94 19.21
C GLY G 263 -19.23 -24.87 20.16
N ALA G 264 -18.47 -23.79 20.29
CA ALA G 264 -18.86 -22.77 21.24
C ALA G 264 -20.07 -22.00 20.74
N VAL G 265 -19.98 -21.46 19.52
CA VAL G 265 -21.05 -20.65 18.96
C VAL G 265 -22.40 -21.37 19.08
N HIS G 266 -22.44 -22.65 18.71
CA HIS G 266 -23.64 -23.43 18.95
C HIS G 266 -24.03 -23.35 20.41
N THR G 267 -23.23 -23.95 21.28
CA THR G 267 -23.57 -23.96 22.70
C THR G 267 -23.74 -22.55 23.24
N ALA G 268 -23.23 -21.55 22.53
CA ALA G 268 -23.48 -20.18 22.95
C ALA G 268 -24.88 -19.75 22.57
N LEU G 269 -25.28 -19.99 21.32
CA LEU G 269 -26.60 -19.57 20.90
C LEU G 269 -27.66 -20.29 21.71
N ALA G 270 -28.51 -19.54 22.37
CA ALA G 270 -29.63 -20.11 23.09
C ALA G 270 -30.74 -19.09 23.03
N GLY G 271 -31.97 -19.59 22.92
CA GLY G 271 -33.06 -18.69 22.65
C GLY G 271 -32.93 -17.97 21.33
N ALA G 272 -32.31 -18.60 20.34
CA ALA G 272 -32.22 -18.06 19.01
C ALA G 272 -32.96 -18.99 18.07
N LEU G 273 -33.90 -18.45 17.32
CA LEU G 273 -34.73 -19.27 16.46
C LEU G 273 -33.86 -20.02 15.46
N GLU G 274 -34.25 -21.24 15.14
CA GLU G 274 -33.63 -21.91 14.01
C GLU G 274 -34.17 -21.28 12.72
N ALA G 275 -33.43 -21.47 11.64
CA ALA G 275 -33.85 -20.90 10.37
C ALA G 275 -33.30 -21.75 9.24
N GLU G 276 -33.95 -21.69 8.11
CA GLU G 276 -33.49 -22.39 6.92
C GLU G 276 -33.60 -21.44 5.73
N MET G 277 -32.91 -21.77 4.65
CA MET G 277 -32.94 -20.88 3.50
C MET G 277 -32.76 -21.65 2.21
N ASP G 278 -33.39 -21.16 1.17
CA ASP G 278 -33.09 -21.55 -0.21
C ASP G 278 -32.52 -20.32 -0.89
N GLY G 279 -31.21 -20.38 -1.17
CA GLY G 279 -30.49 -19.32 -1.85
C GLY G 279 -30.60 -17.91 -1.31
N ALA G 280 -30.36 -16.96 -2.20
CA ALA G 280 -30.39 -15.54 -1.87
C ALA G 280 -31.51 -15.18 -0.90
N LYS G 281 -32.53 -16.04 -0.81
CA LYS G 281 -33.63 -15.76 0.10
C LYS G 281 -33.62 -16.81 1.19
N GLY G 282 -34.31 -16.54 2.29
CA GLY G 282 -34.38 -17.51 3.35
C GLY G 282 -35.70 -17.42 4.09
N ARG G 283 -36.12 -18.54 4.62
CA ARG G 283 -37.44 -18.70 5.17
C ARG G 283 -37.31 -18.95 6.65
N LEU G 284 -37.65 -17.95 7.45
CA LEU G 284 -37.79 -18.16 8.87
C LEU G 284 -39.02 -19.00 9.12
N SER G 285 -39.11 -19.61 10.29
CA SER G 285 -40.46 -19.81 10.76
C SER G 285 -40.55 -19.42 12.24
N SER G 286 -41.03 -18.21 12.47
CA SER G 286 -41.70 -17.83 13.70
C SER G 286 -42.72 -16.77 13.33
N GLY G 287 -43.98 -17.01 13.57
CA GLY G 287 -45.03 -16.11 13.13
C GLY G 287 -45.23 -14.96 14.10
N HIS G 288 -45.45 -13.78 13.56
CA HIS G 288 -46.11 -12.72 14.27
C HIS G 288 -46.67 -11.81 13.19
N LEU G 289 -47.90 -11.38 13.35
CA LEU G 289 -48.50 -10.35 12.51
C LEU G 289 -49.68 -9.74 13.23
N LYS G 290 -50.03 -8.51 12.86
CA LYS G 290 -51.30 -7.94 13.24
C LYS G 290 -52.09 -7.70 11.97
N CYS G 291 -53.11 -8.50 11.75
CA CYS G 291 -53.90 -8.44 10.52
C CYS G 291 -55.30 -8.02 10.88
N ARG G 292 -55.75 -6.90 10.34
CA ARG G 292 -57.15 -6.54 10.49
C ARG G 292 -57.92 -7.10 9.31
N LEU G 293 -58.72 -8.12 9.57
CA LEU G 293 -59.40 -8.85 8.51
C LEU G 293 -60.69 -8.13 8.19
N LYS G 294 -60.85 -7.72 6.95
CA LYS G 294 -62.09 -7.10 6.50
C LYS G 294 -62.97 -8.19 5.93
N MET G 295 -64.06 -8.49 6.63
CA MET G 295 -64.98 -9.56 6.25
C MET G 295 -66.05 -9.07 5.30
N ASP G 296 -65.93 -7.84 4.81
CA ASP G 296 -66.99 -7.13 4.10
C ASP G 296 -67.71 -8.00 3.07
N LYS G 297 -67.04 -8.37 2.00
CA LYS G 297 -67.71 -9.09 0.93
C LYS G 297 -67.37 -10.57 1.09
N LEU G 298 -68.32 -11.32 1.64
CA LEU G 298 -68.27 -12.77 1.65
C LEU G 298 -69.66 -13.28 1.34
N ARG G 299 -69.80 -13.98 0.23
CA ARG G 299 -71.10 -14.44 -0.24
C ARG G 299 -71.19 -15.93 0.03
N LEU G 300 -72.05 -16.31 0.97
CA LEU G 300 -72.32 -17.72 1.21
C LEU G 300 -72.77 -18.38 -0.07
N LYS G 301 -72.09 -19.43 -0.49
CA LYS G 301 -72.49 -20.09 -1.71
C LYS G 301 -73.50 -21.19 -1.45
N GLY G 302 -73.93 -21.36 -0.21
CA GLY G 302 -74.84 -22.43 0.14
C GLY G 302 -76.28 -22.00 0.35
N VAL G 303 -76.65 -20.85 -0.18
CA VAL G 303 -77.99 -20.32 0.00
C VAL G 303 -78.74 -20.54 -1.30
N SER G 304 -80.04 -20.70 -1.19
CA SER G 304 -80.92 -20.98 -2.32
C SER G 304 -80.60 -22.33 -2.94
N TYR G 305 -80.53 -23.37 -2.11
CA TYR G 305 -80.53 -24.74 -2.56
C TYR G 305 -81.63 -25.50 -1.83
N SER G 306 -81.94 -26.68 -2.33
CA SER G 306 -82.84 -27.58 -1.62
C SER G 306 -82.06 -28.23 -0.48
N LEU G 307 -82.65 -29.23 0.15
CA LEU G 307 -81.95 -30.05 1.13
C LEU G 307 -81.64 -31.40 0.50
N CYS G 308 -80.36 -31.79 0.52
CA CYS G 308 -79.94 -33.01 -0.14
C CYS G 308 -80.74 -34.17 0.39
N THR G 309 -81.34 -34.93 -0.53
CA THR G 309 -82.16 -36.09 -0.18
C THR G 309 -81.58 -36.93 0.94
N ALA G 310 -82.22 -38.07 1.20
CA ALA G 310 -81.78 -38.97 2.26
C ALA G 310 -80.85 -40.06 1.71
N ALA G 311 -79.64 -40.10 2.27
CA ALA G 311 -78.63 -41.08 1.87
C ALA G 311 -77.29 -40.65 2.40
N PHE G 312 -77.21 -40.49 3.72
CA PHE G 312 -76.00 -40.06 4.38
C PHE G 312 -75.37 -41.21 5.13
N THR G 313 -74.07 -41.31 5.04
CA THR G 313 -73.29 -42.33 5.69
C THR G 313 -72.07 -41.67 6.28
N PHE G 314 -71.60 -42.19 7.40
CA PHE G 314 -70.35 -41.76 7.97
C PHE G 314 -69.22 -42.53 7.31
N THR G 315 -68.13 -41.82 7.01
CA THR G 315 -66.89 -42.44 6.59
C THR G 315 -65.82 -42.01 7.57
N LYS G 316 -65.23 -42.99 8.25
CA LYS G 316 -64.17 -42.88 9.24
C LYS G 316 -64.71 -42.54 10.62
N ILE G 317 -66.00 -42.30 10.78
CA ILE G 317 -66.64 -42.09 12.08
C ILE G 317 -66.19 -40.75 12.66
N PRO G 318 -66.96 -40.13 13.53
CA PRO G 318 -66.58 -38.80 14.03
C PRO G 318 -65.37 -38.86 14.93
N ALA G 319 -64.93 -37.70 15.42
CA ALA G 319 -63.77 -37.64 16.30
C ALA G 319 -63.81 -36.35 17.08
N GLU G 320 -63.02 -36.30 18.15
CA GLU G 320 -62.92 -35.08 18.94
C GLU G 320 -61.63 -34.33 18.62
N THR G 321 -61.70 -33.02 18.67
CA THR G 321 -60.55 -32.18 18.33
C THR G 321 -60.19 -31.27 19.49
N LEU G 322 -59.06 -31.54 20.14
CA LEU G 322 -58.35 -30.47 20.82
C LEU G 322 -59.25 -29.68 21.74
N HIS G 323 -59.50 -28.44 21.35
CA HIS G 323 -60.33 -27.49 22.09
C HIS G 323 -61.77 -27.98 22.22
N GLY G 324 -62.10 -29.12 21.63
CA GLY G 324 -63.40 -29.73 21.83
C GLY G 324 -64.31 -29.78 20.63
N THR G 325 -63.94 -29.18 19.50
CA THR G 325 -64.78 -29.29 18.31
C THR G 325 -64.83 -30.73 17.82
N VAL G 326 -65.84 -31.02 17.01
CA VAL G 326 -66.04 -32.34 16.42
C VAL G 326 -66.02 -32.20 14.92
N THR G 327 -65.38 -33.15 14.24
CA THR G 327 -65.45 -33.19 12.78
C THR G 327 -66.25 -34.39 12.34
N VAL G 328 -66.83 -34.28 11.16
CA VAL G 328 -67.65 -35.34 10.58
C VAL G 328 -67.35 -35.41 9.10
N GLU G 329 -67.20 -36.61 8.59
CA GLU G 329 -67.29 -36.82 7.15
C GLU G 329 -68.64 -37.43 6.85
N VAL G 330 -69.24 -37.02 5.74
CA VAL G 330 -70.52 -37.55 5.32
C VAL G 330 -70.47 -37.72 3.81
N GLN G 331 -70.87 -38.90 3.34
CA GLN G 331 -70.90 -39.17 1.91
C GLN G 331 -72.35 -39.26 1.49
N TYR G 332 -72.84 -38.26 0.77
CA TYR G 332 -74.23 -38.23 0.37
C TYR G 332 -74.33 -38.91 -0.99
N ALA G 333 -74.91 -40.10 -1.00
CA ALA G 333 -75.09 -40.81 -2.25
C ALA G 333 -76.23 -40.19 -3.04
N GLY G 334 -76.92 -39.24 -2.42
CA GLY G 334 -78.01 -38.58 -3.11
C GLY G 334 -77.53 -37.92 -4.38
N THR G 335 -78.12 -38.33 -5.50
CA THR G 335 -77.74 -37.77 -6.80
C THR G 335 -78.65 -36.58 -7.07
N ASP G 336 -78.05 -35.42 -6.98
CA ASP G 336 -78.74 -34.14 -7.12
C ASP G 336 -77.70 -33.11 -7.49
N GLY G 337 -78.16 -31.96 -7.96
CA GLY G 337 -77.28 -30.84 -8.15
C GLY G 337 -76.64 -30.47 -6.83
N PRO G 338 -75.63 -29.62 -6.86
CA PRO G 338 -74.99 -29.23 -5.61
C PRO G 338 -76.06 -28.78 -4.64
N CYS G 339 -76.05 -29.31 -3.44
CA CYS G 339 -77.20 -29.14 -2.56
C CYS G 339 -76.76 -28.94 -1.12
N LYS G 340 -77.65 -28.35 -0.36
CA LYS G 340 -77.40 -28.04 1.03
C LYS G 340 -77.59 -29.29 1.88
N VAL G 341 -76.81 -29.40 2.95
CA VAL G 341 -76.82 -30.57 3.79
C VAL G 341 -77.30 -30.22 5.19
N PRO G 342 -78.43 -30.74 5.64
CA PRO G 342 -78.88 -30.41 6.98
C PRO G 342 -78.01 -31.08 8.03
N ALA G 343 -77.62 -30.31 9.03
CA ALA G 343 -76.94 -30.89 10.17
C ALA G 343 -77.37 -30.11 11.40
N GLN G 344 -77.69 -30.84 12.46
CA GLN G 344 -78.08 -30.19 13.70
C GLN G 344 -77.53 -31.00 14.85
N MET G 345 -76.94 -30.31 15.81
CA MET G 345 -76.54 -30.95 17.04
C MET G 345 -77.71 -30.88 18.00
N ALA G 346 -78.33 -32.01 18.27
CA ALA G 346 -79.59 -32.07 18.98
C ALA G 346 -79.39 -32.57 20.40
N VAL G 347 -80.11 -31.97 21.32
CA VAL G 347 -80.18 -32.46 22.69
C VAL G 347 -81.38 -33.38 22.75
N ASP G 348 -81.11 -34.68 22.89
CA ASP G 348 -82.12 -35.72 22.85
C ASP G 348 -83.01 -35.65 21.62
N MET G 349 -84.28 -36.01 21.79
CA MET G 349 -85.22 -36.02 20.67
C MET G 349 -86.64 -35.69 21.10
N GLN G 350 -86.83 -35.37 22.37
CA GLN G 350 -88.15 -35.02 22.88
C GLN G 350 -88.74 -33.95 21.97
N THR G 351 -87.86 -33.25 21.27
CA THR G 351 -88.21 -32.20 20.35
C THR G 351 -86.95 -31.75 19.63
N LEU G 352 -86.70 -32.32 18.46
CA LEU G 352 -85.52 -32.00 17.65
C LEU G 352 -85.28 -30.49 17.65
N THR G 353 -84.42 -30.04 18.55
CA THR G 353 -84.13 -28.63 18.67
C THR G 353 -82.66 -28.41 18.41
N PRO G 354 -82.29 -27.31 17.77
CA PRO G 354 -80.87 -27.00 17.64
C PRO G 354 -80.23 -26.77 18.98
N VAL G 355 -79.10 -27.43 19.21
CA VAL G 355 -78.37 -27.30 20.45
C VAL G 355 -76.91 -27.14 20.11
N GLY G 356 -76.31 -26.04 20.57
CA GLY G 356 -74.90 -25.80 20.37
C GLY G 356 -74.59 -25.27 18.98
N ARG G 357 -73.46 -24.56 18.88
CA ARG G 357 -73.10 -23.91 17.64
C ARG G 357 -72.71 -24.94 16.60
N LEU G 358 -73.20 -24.74 15.39
CA LEU G 358 -72.75 -25.48 14.22
C LEU G 358 -71.79 -24.57 13.48
N ILE G 359 -70.50 -24.86 13.55
CA ILE G 359 -69.59 -24.00 12.79
C ILE G 359 -68.94 -24.81 11.67
N THR G 360 -69.65 -24.94 10.57
CA THR G 360 -69.05 -25.05 9.25
C THR G 360 -69.56 -23.94 8.35
N ALA G 361 -70.37 -23.04 8.87
CA ALA G 361 -71.36 -22.32 8.09
C ALA G 361 -72.27 -23.33 7.40
N ASN G 362 -72.64 -23.09 6.15
CA ASN G 362 -73.65 -23.96 5.55
C ASN G 362 -73.00 -25.01 4.67
N PRO G 363 -72.93 -26.25 5.12
CA PRO G 363 -72.28 -27.28 4.32
C PRO G 363 -73.04 -27.51 3.03
N VAL G 364 -72.37 -27.44 1.89
CA VAL G 364 -73.03 -27.62 0.61
C VAL G 364 -72.15 -28.52 -0.24
N ILE G 365 -72.64 -29.72 -0.53
CA ILE G 365 -71.83 -30.65 -1.30
C ILE G 365 -71.95 -30.25 -2.76
N THR G 366 -70.84 -29.91 -3.39
CA THR G 366 -70.90 -29.53 -4.80
C THR G 366 -70.31 -30.66 -5.62
N GLU G 367 -71.18 -31.48 -6.19
CA GLU G 367 -70.83 -32.39 -7.28
C GLU G 367 -72.12 -32.87 -7.93
N SER G 368 -72.01 -33.32 -9.17
CA SER G 368 -73.06 -34.10 -9.80
C SER G 368 -72.75 -35.59 -9.74
N THR G 369 -71.64 -35.97 -9.10
CA THR G 369 -71.07 -37.30 -9.25
C THR G 369 -71.92 -38.40 -8.64
N GLU G 370 -73.00 -38.07 -7.93
CA GLU G 370 -73.90 -38.98 -7.27
C GLU G 370 -73.25 -39.65 -6.07
N ASN G 371 -71.94 -39.53 -5.89
CA ASN G 371 -71.28 -39.92 -4.66
C ASN G 371 -70.26 -38.84 -4.34
N SER G 372 -70.43 -38.19 -3.19
CA SER G 372 -69.60 -37.06 -2.85
C SER G 372 -69.26 -37.11 -1.37
N LYS G 373 -68.33 -36.27 -0.95
CA LYS G 373 -67.96 -36.19 0.45
C LYS G 373 -67.97 -34.72 0.85
N MET G 374 -68.34 -34.45 2.10
CA MET G 374 -68.24 -33.12 2.67
C MET G 374 -67.81 -33.24 4.12
N MET G 375 -66.80 -32.47 4.50
CA MET G 375 -66.34 -32.48 5.88
C MET G 375 -66.89 -31.24 6.56
N LEU G 376 -67.87 -31.42 7.40
CA LEU G 376 -68.41 -30.35 8.21
C LEU G 376 -68.04 -30.61 9.65
N GLU G 377 -67.76 -29.56 10.40
CA GLU G 377 -67.38 -29.71 11.79
C GLU G 377 -68.22 -28.79 12.66
N LEU G 378 -68.43 -29.19 13.91
CA LEU G 378 -69.34 -28.49 14.78
C LEU G 378 -68.98 -28.75 16.23
N ASP G 379 -69.33 -27.81 17.12
CA ASP G 379 -69.01 -27.92 18.53
C ASP G 379 -70.28 -28.08 19.32
N PRO G 380 -70.60 -29.27 19.82
CA PRO G 380 -71.85 -29.48 20.50
C PRO G 380 -71.74 -29.08 21.96
N PRO G 381 -72.81 -29.14 22.74
CA PRO G 381 -72.76 -28.69 24.13
C PRO G 381 -71.99 -29.69 24.98
N PHE G 382 -71.89 -29.37 26.27
CA PHE G 382 -71.04 -30.15 27.16
C PHE G 382 -71.60 -31.54 27.40
N GLY G 383 -72.86 -31.63 27.81
CA GLY G 383 -73.46 -32.90 28.11
C GLY G 383 -73.58 -33.78 26.88
N ASP G 384 -74.04 -35.00 27.11
CA ASP G 384 -74.29 -35.93 26.01
C ASP G 384 -75.24 -35.28 25.02
N SER G 385 -74.97 -35.49 23.73
CA SER G 385 -75.80 -34.94 22.67
C SER G 385 -75.66 -35.78 21.43
N TYR G 386 -76.60 -35.62 20.51
CA TYR G 386 -76.55 -36.31 19.24
C TYR G 386 -76.05 -35.39 18.15
N ILE G 387 -75.30 -35.94 17.21
CA ILE G 387 -75.03 -35.33 15.93
C ILE G 387 -75.97 -35.96 14.93
N VAL G 388 -76.70 -35.14 14.20
CA VAL G 388 -77.77 -35.60 13.33
C VAL G 388 -77.55 -35.04 11.94
N ILE G 389 -77.81 -35.87 10.93
CA ILE G 389 -77.64 -35.46 9.54
C ILE G 389 -78.80 -35.94 8.67
N GLY G 390 -79.42 -35.01 7.95
CA GLY G 390 -80.53 -35.34 7.08
C GLY G 390 -81.87 -34.99 7.71
N VAL G 391 -82.92 -34.97 6.88
CA VAL G 391 -84.26 -34.66 7.36
C VAL G 391 -85.26 -35.72 6.94
N GLY G 392 -84.75 -36.79 6.31
CA GLY G 392 -85.59 -37.87 5.86
C GLY G 392 -85.56 -39.07 6.81
N GLU G 393 -86.59 -39.91 6.71
CA GLU G 393 -86.67 -41.09 7.57
C GLU G 393 -85.46 -41.99 7.41
N LYS G 394 -84.65 -41.74 6.39
CA LYS G 394 -83.37 -42.41 6.21
C LYS G 394 -82.23 -41.69 6.91
N LYS G 395 -82.52 -40.64 7.67
CA LYS G 395 -81.47 -39.89 8.33
C LYS G 395 -80.71 -40.79 9.29
N ILE G 396 -79.42 -40.49 9.44
CA ILE G 396 -78.53 -41.27 10.29
C ILE G 396 -77.96 -40.34 11.34
#